data_8EUQ
#
_entry.id   8EUQ
#
_cell.length_a   169.150
_cell.length_b   178.720
_cell.length_c   182.040
_cell.angle_alpha   90.000
_cell.angle_beta   90.000
_cell.angle_gamma   90.000
#
_symmetry.space_group_name_H-M   'I 2 2 2'
#
loop_
_entity.id
_entity.type
_entity.pdbx_description
1 polymer 'HLA class II histocompatibility antigen, DR alpha chain'
2 polymer 'c44H10 Fab light chain'
3 polymer 'Hemagglutinin HA1 chain,HLA class II histocompatibility antigen DR beta chain'
4 polymer 'c44H10 Fab heavy chain'
5 branched 2-acetamido-2-deoxy-beta-D-glucopyranose-(1-4)-2-acetamido-2-deoxy-beta-D-glucopyranose
6 non-polymer 'SULFATE ION'
7 non-polymer 2-acetamido-2-deoxy-beta-D-glucopyranose
#
loop_
_entity_poly.entity_id
_entity_poly.type
_entity_poly.pdbx_seq_one_letter_code
_entity_poly.pdbx_strand_id
1 'polypeptide(L)'
;EEHVIIQAEFYLNPDQSGEFMFDFDGDEIFHVDMAKKETVWRLEEFGRFASFEAQGALANIAVDKANLEIMTKRSNYTPI
TNVPPEVTVLTNSPVELREPNVLICFIDKFTPPVVNVTWLRNGKPVTTGVSETVFLPREDHLFRKFHYLPFLPSTEDVYD
CRVEHWGLDEPLLKHWEFDTSGENLYFQ
;
A,F
2 'polypeptide(L)'
;DIQMTQSPSSLSASLGQRVSLTCRASQEISGYLTWLQQKPDGTIKRLVYAASTLDSGVPKRFSGSRSGSDYSLTISSLES
EDFADYYCLQYTNYPLTFGAGTKLELKRTVAAPSVFIFPPSDEQLKSGTASVVCLLNNFYPREAKVQWKVDNALQSGNSQ
ESVTEQDSKDSTYSLSSTLTLSKADYEKHKVYACEVTHQGLSSPVTKSFNRGEC
;
D,H
3 'polypeptide(L)'
;GAPKYVKQNTLKLATSGGSGSIEGRGSGDTRPRFLEQVKHECHFFNGTERVRFLDRYFYHQEEYVRFDSDVGEYRAVTEL
GRPDAEYWNSQKDLLEQKRAAVDTYCRHNYGVGESFTVQRRVYPEVTVYPAKTQPLQHHNLLVCSVNGFYPGSIEVRWFR
NGQEEKTGVVSTGLIQNGDWTFQTLVMLETVPRSGEVYTCQVEHPSLTSPLTVEWRATGGENLYFQ
;
B,G
4 'polypeptide(L)'
;QVQLKESGPGLVAPSQSLSITCTVSGFSLTSYGVHWVRQPPGKGLEWLGVIWAGGSINYNSALMSRLSISKDNFKSQVFL
KMSSLQTDDTAMYYCARAYGDYVHYAMDYWGQGTSVTASSASTKGPSVFPLAPSSKSTSGGTAALGCLVKDYFPEPVTVS
WNSGALTSGVHTFPAVLQSSGLYSLSSVVTVPSSSLGTQTYICNVNHKPSNTKVDKKVEPKSC
;
C,I
#
loop_
_chem_comp.id
_chem_comp.type
_chem_comp.name
_chem_comp.formula
NAG D-saccharide, beta linking 2-acetamido-2-deoxy-beta-D-glucopyranose 'C8 H15 N O6'
SO4 non-polymer 'SULFATE ION' 'O4 S -2'
#
# COMPACT_ATOMS: atom_id res chain seq x y z
N GLU A 1 -18.15 -7.61 11.94
CA GLU A 1 -19.01 -7.88 13.09
C GLU A 1 -19.59 -6.61 13.67
N GLU A 2 -20.92 -6.55 13.72
CA GLU A 2 -21.60 -5.34 14.18
C GLU A 2 -22.01 -5.44 15.65
N HIS A 3 -22.67 -6.52 16.02
CA HIS A 3 -23.08 -6.72 17.40
C HIS A 3 -22.98 -8.20 17.75
N VAL A 4 -22.82 -8.47 19.05
CA VAL A 4 -22.71 -9.83 19.55
C VAL A 4 -23.52 -9.94 20.84
N ILE A 5 -24.45 -10.90 20.88
CA ILE A 5 -25.27 -11.17 22.06
C ILE A 5 -24.82 -12.50 22.65
N ILE A 6 -24.13 -12.44 23.78
CA ILE A 6 -23.61 -13.63 24.44
C ILE A 6 -24.48 -13.97 25.64
N GLN A 7 -24.89 -15.23 25.74
CA GLN A 7 -25.47 -15.78 26.96
C GLN A 7 -24.36 -16.57 27.67
N ALA A 8 -23.94 -16.07 28.82
CA ALA A 8 -22.79 -16.63 29.50
C ALA A 8 -23.20 -17.19 30.85
N GLU A 9 -22.72 -18.40 31.15
CA GLU A 9 -22.96 -19.06 32.42
C GLU A 9 -21.62 -19.57 32.94
N PHE A 10 -21.48 -19.67 34.26
CA PHE A 10 -20.34 -20.38 34.82
C PHE A 10 -20.70 -20.96 36.18
N TYR A 11 -19.92 -21.96 36.59
CA TYR A 11 -20.09 -22.59 37.89
C TYR A 11 -18.72 -22.89 38.49
N LEU A 12 -18.57 -22.62 39.78
CA LEU A 12 -17.29 -22.73 40.46
C LEU A 12 -17.42 -23.61 41.68
N ASN A 13 -16.47 -24.52 41.88
CA ASN A 13 -16.38 -25.39 43.04
C ASN A 13 -15.08 -25.14 43.79
N PRO A 14 -15.06 -25.34 45.12
CA PRO A 14 -16.15 -25.79 45.99
C PRO A 14 -17.10 -24.68 46.42
N ASP A 15 -16.81 -23.44 45.98
CA ASP A 15 -17.60 -22.29 46.39
C ASP A 15 -19.08 -22.47 46.08
N GLN A 16 -19.41 -23.27 45.06
CA GLN A 16 -20.79 -23.43 44.58
C GLN A 16 -21.40 -22.08 44.18
N SER A 17 -20.63 -21.29 43.44
CA SER A 17 -21.09 -20.03 42.89
C SER A 17 -21.56 -20.26 41.45
N GLY A 18 -22.77 -19.79 41.14
CA GLY A 18 -23.30 -19.90 39.80
C GLY A 18 -23.63 -18.54 39.23
N GLU A 19 -23.57 -18.42 37.91
CA GLU A 19 -23.88 -17.17 37.24
C GLU A 19 -24.59 -17.45 35.92
N PHE A 20 -25.51 -16.56 35.58
CA PHE A 20 -26.27 -16.65 34.34
C PHE A 20 -26.60 -15.22 33.94
N MET A 21 -25.98 -14.74 32.87
CA MET A 21 -26.10 -13.34 32.48
C MET A 21 -26.02 -13.21 30.97
N PHE A 22 -26.66 -12.18 30.43
CA PHE A 22 -26.57 -11.85 29.02
C PHE A 22 -25.66 -10.66 28.79
N ASP A 23 -25.08 -10.61 27.58
CA ASP A 23 -24.08 -9.62 27.26
C ASP A 23 -24.38 -9.04 25.87
N PHE A 24 -24.16 -7.74 25.72
CA PHE A 24 -24.37 -7.06 24.44
C PHE A 24 -23.18 -6.12 24.23
N ASP A 25 -22.25 -6.53 23.37
CA ASP A 25 -21.08 -5.74 23.01
C ASP A 25 -20.21 -5.37 24.20
N GLY A 26 -20.20 -6.17 25.26
CA GLY A 26 -19.34 -5.94 26.41
C GLY A 26 -20.05 -5.47 27.66
N ASP A 27 -21.29 -5.02 27.56
CA ASP A 27 -22.07 -4.58 28.70
C ASP A 27 -23.16 -5.60 29.01
N GLU A 28 -23.55 -5.66 30.26
CA GLU A 28 -24.51 -6.67 30.71
C GLU A 28 -25.93 -6.21 30.45
N ILE A 29 -26.72 -7.09 29.82
CA ILE A 29 -28.15 -6.81 29.65
C ILE A 29 -28.89 -7.10 30.94
N PHE A 30 -28.76 -8.33 31.44
CA PHE A 30 -29.38 -8.75 32.69
C PHE A 30 -28.67 -10.00 33.18
N HIS A 31 -28.75 -10.22 34.49
CA HIS A 31 -28.30 -11.47 35.09
C HIS A 31 -29.36 -11.98 36.05
N VAL A 32 -29.46 -13.30 36.17
CA VAL A 32 -30.40 -13.92 37.09
C VAL A 32 -29.76 -14.05 38.46
N ASP A 33 -30.43 -13.53 39.49
CA ASP A 33 -29.91 -13.57 40.85
C ASP A 33 -30.14 -14.97 41.43
N MET A 34 -29.04 -15.64 41.79
CA MET A 34 -29.15 -17.00 42.28
C MET A 34 -29.80 -17.07 43.66
N ALA A 35 -29.70 -16.00 44.44
CA ALA A 35 -30.28 -16.02 45.78
C ALA A 35 -31.80 -15.83 45.76
N LYS A 36 -32.27 -14.77 45.10
CA LYS A 36 -33.68 -14.45 45.04
C LYS A 36 -34.41 -15.09 43.85
N LYS A 37 -33.67 -15.58 42.85
CA LYS A 37 -34.22 -16.30 41.70
C LYS A 37 -35.10 -15.40 40.82
N GLU A 38 -34.56 -14.23 40.47
CA GLU A 38 -35.26 -13.25 39.65
C GLU A 38 -34.26 -12.59 38.71
N THR A 39 -34.76 -12.06 37.60
CA THR A 39 -33.89 -11.39 36.64
C THR A 39 -33.56 -9.98 37.11
N VAL A 40 -32.31 -9.58 36.89
CA VAL A 40 -31.79 -8.32 37.42
C VAL A 40 -31.24 -7.53 36.23
N TRP A 41 -32.02 -6.56 35.76
CA TRP A 41 -31.60 -5.77 34.61
C TRP A 41 -30.51 -4.78 35.01
N ARG A 42 -29.42 -4.77 34.23
CA ARG A 42 -28.28 -3.91 34.57
C ARG A 42 -28.68 -2.44 34.59
N LEU A 43 -29.49 -2.02 33.63
CA LEU A 43 -30.16 -0.73 33.65
C LEU A 43 -31.65 -0.99 33.86
N GLU A 44 -32.26 -0.25 34.78
CA GLU A 44 -33.61 -0.60 35.20
C GLU A 44 -34.62 -0.44 34.07
N GLU A 45 -34.38 0.48 33.12
CA GLU A 45 -35.35 0.72 32.06
C GLU A 45 -35.67 -0.53 31.28
N PHE A 46 -34.64 -1.37 31.02
CA PHE A 46 -34.75 -2.55 30.17
C PHE A 46 -35.97 -3.39 30.55
N GLY A 47 -36.19 -3.54 31.85
CA GLY A 47 -37.30 -4.34 32.33
C GLY A 47 -38.66 -3.86 31.87
N ARG A 48 -38.76 -2.60 31.43
CA ARG A 48 -40.01 -2.09 30.89
C ARG A 48 -40.26 -2.55 29.46
N PHE A 49 -39.24 -3.07 28.79
CA PHE A 49 -39.35 -3.44 27.38
C PHE A 49 -39.16 -4.92 27.10
N ALA A 50 -38.75 -5.71 28.09
CA ALA A 50 -38.48 -7.12 27.86
C ALA A 50 -38.57 -7.88 29.17
N SER A 51 -38.65 -9.20 29.06
CA SER A 51 -38.81 -10.08 30.22
C SER A 51 -38.07 -11.38 29.97
N PHE A 52 -37.91 -12.17 31.03
CA PHE A 52 -37.22 -13.45 30.98
C PHE A 52 -37.55 -14.25 32.22
N GLU A 53 -37.99 -15.50 32.02
CA GLU A 53 -38.31 -16.38 33.14
C GLU A 53 -37.01 -16.88 33.77
N ALA A 54 -36.80 -16.56 35.03
CA ALA A 54 -35.54 -16.88 35.69
C ALA A 54 -35.45 -18.33 36.15
N GLN A 55 -36.58 -19.04 36.18
CA GLN A 55 -36.54 -20.45 36.54
C GLN A 55 -35.85 -21.27 35.47
N GLY A 56 -35.94 -20.84 34.21
CA GLY A 56 -35.23 -21.53 33.16
C GLY A 56 -33.73 -21.39 33.26
N ALA A 57 -33.25 -20.29 33.84
CA ALA A 57 -31.81 -20.09 34.00
C ALA A 57 -31.24 -20.99 35.08
N LEU A 58 -32.07 -21.41 36.04
CA LEU A 58 -31.60 -22.29 37.11
C LEU A 58 -31.31 -23.69 36.57
N ALA A 59 -32.19 -24.21 35.72
CA ALA A 59 -31.97 -25.51 35.11
C ALA A 59 -30.64 -25.56 34.36
N ASN A 60 -30.27 -24.45 33.72
CA ASN A 60 -28.98 -24.40 33.02
C ASN A 60 -27.82 -24.47 33.99
N ILE A 61 -27.95 -23.87 35.17
CA ILE A 61 -26.86 -23.94 36.14
C ILE A 61 -26.74 -25.35 36.69
N ALA A 62 -27.86 -26.07 36.79
CA ALA A 62 -27.82 -27.46 37.23
C ALA A 62 -26.94 -28.29 36.31
N VAL A 63 -27.15 -28.15 34.99
CA VAL A 63 -26.33 -28.89 34.04
C VAL A 63 -24.88 -28.45 34.12
N ASP A 64 -24.66 -27.16 34.33
CA ASP A 64 -23.30 -26.65 34.49
C ASP A 64 -22.59 -27.34 35.65
N LYS A 65 -23.29 -27.49 36.78
CA LYS A 65 -22.73 -28.21 37.91
C LYS A 65 -22.37 -29.64 37.52
N ALA A 66 -23.29 -30.32 36.84
CA ALA A 66 -23.03 -31.68 36.37
C ALA A 66 -21.80 -31.74 35.46
N ASN A 67 -21.77 -30.87 34.44
CA ASN A 67 -20.63 -30.86 33.53
C ASN A 67 -19.33 -30.59 34.26
N LEU A 68 -19.37 -29.72 35.28
CA LEU A 68 -18.15 -29.38 36.00
C LEU A 68 -17.57 -30.58 36.73
N GLU A 69 -18.44 -31.41 37.32
CA GLU A 69 -17.96 -32.62 37.96
C GLU A 69 -17.32 -33.55 36.93
N ILE A 70 -17.99 -33.77 35.80
CA ILE A 70 -17.45 -34.60 34.73
C ILE A 70 -16.06 -34.11 34.33
N MET A 71 -15.95 -32.80 34.08
CA MET A 71 -14.68 -32.22 33.64
C MET A 71 -13.61 -32.35 34.72
N THR A 72 -13.97 -32.03 35.97
CA THR A 72 -12.99 -32.11 37.06
C THR A 72 -12.44 -33.52 37.21
N LYS A 73 -13.31 -34.53 37.19
CA LYS A 73 -12.85 -35.92 37.23
C LYS A 73 -12.00 -36.26 36.02
N ARG A 74 -12.50 -35.91 34.81
CA ARG A 74 -11.76 -36.17 33.54
C ARG A 74 -10.47 -35.40 33.43
N SER A 75 -9.94 -34.77 34.48
CA SER A 75 -8.66 -34.07 34.42
C SER A 75 -7.79 -34.37 35.62
N ASN A 76 -8.13 -35.43 36.37
CA ASN A 76 -7.46 -35.82 37.60
C ASN A 76 -7.36 -34.64 38.57
N TYR A 77 -8.50 -33.98 38.77
CA TYR A 77 -8.67 -32.88 39.72
C TYR A 77 -7.57 -31.83 39.55
N THR A 78 -7.46 -31.34 38.31
CA THR A 78 -6.49 -30.29 37.99
C THR A 78 -7.09 -28.92 38.28
N PRO A 79 -6.44 -28.11 39.10
CA PRO A 79 -7.04 -26.86 39.60
C PRO A 79 -6.97 -25.73 38.58
N ILE A 80 -7.48 -24.60 38.99
CA ILE A 80 -7.43 -23.40 38.17
C ILE A 80 -6.24 -22.57 38.62
N THR A 81 -5.64 -21.84 37.68
CA THR A 81 -4.53 -20.95 38.03
C THR A 81 -5.12 -19.66 38.61
N ASN A 82 -4.60 -19.24 39.75
CA ASN A 82 -5.00 -17.95 40.30
C ASN A 82 -4.33 -16.84 39.48
N VAL A 83 -5.07 -16.32 38.51
CA VAL A 83 -4.57 -15.29 37.61
C VAL A 83 -4.84 -13.92 38.24
N PRO A 84 -3.82 -13.18 38.67
CA PRO A 84 -4.04 -12.00 39.51
C PRO A 84 -4.85 -10.94 38.77
N PRO A 85 -5.52 -10.05 39.51
CA PRO A 85 -6.35 -9.03 38.86
C PRO A 85 -5.53 -7.81 38.48
N GLU A 86 -6.11 -7.04 37.56
CA GLU A 86 -5.53 -5.82 37.03
C GLU A 86 -6.49 -4.70 37.39
N VAL A 87 -6.04 -3.73 38.19
CA VAL A 87 -6.93 -2.78 38.85
C VAL A 87 -6.50 -1.35 38.55
N THR A 88 -7.43 -0.55 38.02
CA THR A 88 -7.27 0.90 37.91
C THR A 88 -8.50 1.57 38.50
N VAL A 89 -8.32 2.79 39.01
CA VAL A 89 -9.40 3.57 39.60
C VAL A 89 -9.55 4.86 38.81
N LEU A 90 -10.76 5.11 38.30
CA LEU A 90 -11.05 6.31 37.55
C LEU A 90 -12.40 6.84 37.99
N THR A 91 -12.72 8.05 37.53
CA THR A 91 -13.97 8.70 37.89
C THR A 91 -14.91 8.74 36.69
N ASN A 92 -16.20 8.87 36.98
CA ASN A 92 -17.20 8.88 35.92
C ASN A 92 -17.09 10.13 35.06
N SER A 93 -17.01 11.29 35.68
CA SER A 93 -16.83 12.57 35.01
C SER A 93 -15.61 13.27 35.59
N PRO A 94 -14.96 14.13 34.81
CA PRO A 94 -13.77 14.83 35.34
C PRO A 94 -14.08 15.55 36.63
N VAL A 95 -13.24 15.31 37.65
CA VAL A 95 -13.56 15.72 39.01
C VAL A 95 -13.61 17.23 39.11
N GLU A 96 -14.69 17.74 39.69
CA GLU A 96 -14.84 19.14 40.01
C GLU A 96 -15.23 19.22 41.49
N LEU A 97 -14.59 20.13 42.22
CA LEU A 97 -14.81 20.23 43.66
C LEU A 97 -16.27 20.46 43.98
N ARG A 98 -16.81 19.64 44.89
CA ARG A 98 -18.18 19.75 45.42
C ARG A 98 -19.25 19.46 44.36
N GLU A 99 -18.92 18.67 43.34
CA GLU A 99 -19.94 18.22 42.42
C GLU A 99 -20.11 16.70 42.53
N PRO A 100 -21.34 16.20 42.56
CA PRO A 100 -21.54 14.75 42.70
C PRO A 100 -20.83 13.97 41.58
N ASN A 101 -20.10 12.95 41.98
CA ASN A 101 -19.31 12.14 41.06
C ASN A 101 -19.35 10.69 41.56
N VAL A 102 -18.69 9.80 40.82
CA VAL A 102 -18.60 8.40 41.20
C VAL A 102 -17.18 7.91 40.95
N LEU A 103 -16.60 7.24 41.93
CA LEU A 103 -15.35 6.53 41.76
C LEU A 103 -15.64 5.12 41.27
N ILE A 104 -14.98 4.73 40.17
CA ILE A 104 -15.14 3.41 39.57
C ILE A 104 -13.86 2.62 39.79
N CYS A 105 -14.01 1.37 40.20
CA CYS A 105 -12.88 0.48 40.42
C CYS A 105 -12.96 -0.63 39.39
N PHE A 106 -12.03 -0.58 38.44
CA PHE A 106 -11.98 -1.50 37.30
C PHE A 106 -11.09 -2.67 37.67
N ILE A 107 -11.68 -3.84 37.88
CA ILE A 107 -10.94 -5.08 38.12
C ILE A 107 -11.03 -5.92 36.86
N ASP A 108 -9.87 -6.26 36.28
CA ASP A 108 -9.83 -6.83 34.95
C ASP A 108 -8.84 -7.98 34.88
N LYS A 109 -9.11 -8.92 33.96
CA LYS A 109 -8.15 -9.94 33.54
C LYS A 109 -7.74 -10.87 34.69
N PHE A 110 -8.74 -11.38 35.39
CA PHE A 110 -8.49 -12.25 36.53
C PHE A 110 -9.45 -13.43 36.48
N THR A 111 -9.06 -14.47 37.20
CA THR A 111 -9.81 -15.72 37.36
C THR A 111 -9.05 -16.52 38.40
N PRO A 112 -9.72 -17.20 39.34
CA PRO A 112 -11.15 -17.52 39.46
C PRO A 112 -12.07 -16.33 39.74
N PRO A 113 -13.36 -16.48 39.40
CA PRO A 113 -14.33 -15.39 39.64
C PRO A 113 -14.68 -15.25 41.12
N VAL A 114 -13.67 -14.96 41.93
CA VAL A 114 -13.81 -14.80 43.37
C VAL A 114 -12.85 -13.70 43.81
N VAL A 115 -13.38 -12.65 44.43
CA VAL A 115 -12.56 -11.50 44.80
C VAL A 115 -13.23 -10.79 45.97
N ASN A 116 -12.41 -10.21 46.86
CA ASN A 116 -12.87 -9.34 47.93
C ASN A 116 -12.51 -7.90 47.58
N VAL A 117 -13.51 -7.04 47.44
CA VAL A 117 -13.31 -5.63 47.10
C VAL A 117 -13.90 -4.77 48.21
N THR A 118 -13.13 -3.79 48.66
CA THR A 118 -13.55 -2.89 49.73
C THR A 118 -13.03 -1.49 49.48
N TRP A 119 -13.94 -0.52 49.48
CA TRP A 119 -13.56 0.89 49.33
C TRP A 119 -13.04 1.43 50.66
N LEU A 120 -12.09 2.37 50.58
CA LEU A 120 -11.48 2.93 51.78
C LEU A 120 -11.38 4.45 51.61
N ARG A 121 -12.21 5.19 52.34
CA ARG A 121 -12.11 6.64 52.40
C ARG A 121 -11.18 7.02 53.55
N ASN A 122 -10.04 7.62 53.22
CA ASN A 122 -9.05 8.07 54.20
C ASN A 122 -8.55 6.93 55.09
N GLY A 123 -8.52 5.72 54.56
CA GLY A 123 -8.01 4.58 55.29
C GLY A 123 -9.06 3.79 56.04
N LYS A 124 -10.33 4.18 55.93
CA LYS A 124 -11.36 3.49 56.69
C LYS A 124 -12.38 2.85 55.74
N PRO A 125 -12.83 1.64 56.04
CA PRO A 125 -13.78 0.97 55.15
C PRO A 125 -15.07 1.74 54.99
N VAL A 126 -15.52 1.87 53.75
CA VAL A 126 -16.77 2.51 53.42
C VAL A 126 -17.88 1.47 53.44
N THR A 127 -18.87 1.65 54.31
CA THR A 127 -19.89 0.63 54.55
C THR A 127 -21.01 0.69 53.50
N THR A 128 -21.83 1.74 53.55
CA THR A 128 -22.97 1.86 52.66
C THR A 128 -22.62 2.70 51.44
N GLY A 129 -23.53 2.70 50.47
CA GLY A 129 -23.36 3.52 49.28
C GLY A 129 -22.40 2.98 48.25
N VAL A 130 -22.26 1.66 48.16
CA VAL A 130 -21.39 1.03 47.18
C VAL A 130 -22.22 0.09 46.31
N SER A 131 -22.03 0.17 45.00
CA SER A 131 -22.65 -0.75 44.07
C SER A 131 -21.56 -1.57 43.38
N GLU A 132 -21.97 -2.67 42.76
CA GLU A 132 -21.02 -3.59 42.16
C GLU A 132 -21.71 -4.42 41.10
N THR A 133 -21.00 -4.70 40.01
CA THR A 133 -21.51 -5.54 38.94
C THR A 133 -21.19 -7.01 39.22
N VAL A 134 -21.98 -7.90 38.62
CA VAL A 134 -21.64 -9.32 38.66
C VAL A 134 -20.35 -9.50 37.86
N PHE A 135 -19.78 -10.70 37.89
CA PHE A 135 -18.53 -10.94 37.18
C PHE A 135 -18.77 -10.90 35.68
N LEU A 136 -18.13 -9.94 35.00
CA LEU A 136 -18.42 -9.88 33.57
C LEU A 136 -17.42 -10.74 32.78
N PRO A 137 -17.89 -11.47 31.77
CA PRO A 137 -17.01 -12.39 31.04
C PRO A 137 -16.14 -11.65 30.03
N ARG A 138 -14.84 -11.96 30.05
CA ARG A 138 -13.91 -11.42 29.07
C ARG A 138 -13.89 -12.32 27.84
N GLU A 139 -13.10 -11.95 26.83
CA GLU A 139 -12.99 -12.75 25.62
C GLU A 139 -11.81 -13.72 25.64
N ASP A 140 -10.75 -13.42 26.37
CA ASP A 140 -9.75 -14.42 26.69
C ASP A 140 -10.22 -15.38 27.76
N HIS A 141 -11.49 -15.24 28.16
CA HIS A 141 -12.24 -16.13 29.04
C HIS A 141 -11.83 -15.97 30.49
N LEU A 142 -11.08 -14.93 30.84
CA LEU A 142 -10.93 -14.52 32.22
C LEU A 142 -12.16 -13.72 32.62
N PHE A 143 -12.06 -12.87 33.65
CA PHE A 143 -13.22 -12.12 34.13
C PHE A 143 -12.86 -10.67 34.38
N ARG A 144 -13.90 -9.85 34.55
CA ARG A 144 -13.79 -8.41 34.71
C ARG A 144 -14.95 -7.94 35.59
N LYS A 145 -14.69 -6.97 36.47
CA LYS A 145 -15.70 -6.56 37.45
C LYS A 145 -15.64 -5.07 37.69
N PHE A 146 -16.78 -4.51 38.09
CA PHE A 146 -16.94 -3.07 38.31
C PHE A 146 -17.50 -2.83 39.71
N HIS A 147 -16.81 -1.99 40.48
CA HIS A 147 -17.26 -1.55 41.79
C HIS A 147 -17.37 -0.03 41.81
N TYR A 148 -18.54 0.47 42.20
CA TYR A 148 -18.83 1.89 42.15
C TYR A 148 -18.92 2.49 43.55
N LEU A 149 -18.53 3.75 43.67
CA LEU A 149 -18.65 4.49 44.93
C LEU A 149 -18.94 5.95 44.59
N PRO A 150 -20.21 6.36 44.65
CA PRO A 150 -20.51 7.78 44.42
C PRO A 150 -19.98 8.62 45.56
N PHE A 151 -19.51 9.82 45.23
CA PHE A 151 -18.83 10.64 46.23
C PHE A 151 -18.86 12.10 45.80
N LEU A 152 -18.44 12.94 46.72
CA LEU A 152 -18.41 14.39 46.55
C LEU A 152 -16.96 14.85 46.72
N PRO A 153 -16.26 15.23 45.65
CA PRO A 153 -14.81 15.40 45.75
C PRO A 153 -14.40 16.53 46.68
N SER A 154 -13.27 16.33 47.35
CA SER A 154 -12.64 17.38 48.14
C SER A 154 -11.14 17.09 48.20
N THR A 155 -10.38 18.09 48.66
CA THR A 155 -8.95 17.93 48.85
C THR A 155 -8.61 17.23 50.17
N GLU A 156 -9.58 17.06 51.06
CA GLU A 156 -9.36 16.43 52.36
C GLU A 156 -9.75 14.96 52.37
N ASP A 157 -9.82 14.31 51.22
CA ASP A 157 -10.25 12.92 51.14
C ASP A 157 -9.38 12.18 50.14
N VAL A 158 -8.75 11.09 50.59
CA VAL A 158 -8.07 10.15 49.71
C VAL A 158 -8.87 8.85 49.71
N TYR A 159 -8.81 8.14 48.59
CA TYR A 159 -9.55 6.91 48.43
C TYR A 159 -8.61 5.80 47.99
N ASP A 160 -9.06 4.56 48.22
CA ASP A 160 -8.31 3.37 47.86
C ASP A 160 -9.31 2.28 47.53
N CYS A 161 -9.08 1.59 46.42
CA CYS A 161 -9.81 0.37 46.12
C CYS A 161 -8.93 -0.78 46.58
N ARG A 162 -9.36 -1.51 47.60
CA ARG A 162 -8.62 -2.64 48.15
C ARG A 162 -9.16 -3.91 47.52
N VAL A 163 -8.38 -4.50 46.63
CA VAL A 163 -8.75 -5.73 45.94
C VAL A 163 -7.89 -6.87 46.48
N GLU A 164 -8.55 -7.92 46.97
CA GLU A 164 -7.88 -9.12 47.44
C GLU A 164 -8.21 -10.26 46.49
N HIS A 165 -7.19 -10.91 45.96
CA HIS A 165 -7.37 -12.03 45.04
C HIS A 165 -6.30 -13.07 45.30
N TRP A 166 -6.66 -14.32 45.02
CA TRP A 166 -5.78 -15.44 45.34
C TRP A 166 -4.52 -15.46 44.49
N GLY A 167 -4.51 -14.76 43.36
CA GLY A 167 -3.27 -14.62 42.62
C GLY A 167 -2.26 -13.68 43.27
N LEU A 168 -2.63 -13.02 44.36
CA LEU A 168 -1.79 -12.02 45.00
C LEU A 168 -1.31 -12.49 46.36
N ASP A 169 -0.15 -11.97 46.76
CA ASP A 169 0.35 -12.19 48.11
C ASP A 169 -0.37 -11.30 49.12
N GLU A 170 -0.41 -10.01 48.84
CA GLU A 170 -1.04 -9.00 49.69
C GLU A 170 -2.23 -8.38 48.99
N PRO A 171 -3.11 -7.69 49.72
CA PRO A 171 -4.16 -6.93 49.05
C PRO A 171 -3.57 -5.85 48.16
N LEU A 172 -4.27 -5.54 47.08
CA LEU A 172 -3.85 -4.51 46.14
C LEU A 172 -4.56 -3.20 46.44
N LEU A 173 -3.79 -2.15 46.72
CA LEU A 173 -4.31 -0.84 47.04
C LEU A 173 -4.03 0.12 45.89
N LYS A 174 -5.09 0.55 45.22
CA LYS A 174 -4.99 1.57 44.16
C LYS A 174 -5.50 2.89 44.72
N HIS A 175 -4.60 3.87 44.82
CA HIS A 175 -4.85 5.10 45.55
C HIS A 175 -5.36 6.19 44.61
N TRP A 176 -6.43 6.86 45.04
CA TRP A 176 -6.98 8.00 44.31
C TRP A 176 -6.94 9.24 45.18
N GLU A 177 -6.66 10.38 44.56
CA GLU A 177 -6.54 11.65 45.26
C GLU A 177 -6.89 12.77 44.30
N PHE A 178 -7.53 13.81 44.83
CA PHE A 178 -7.98 14.92 43.98
C PHE A 178 -6.82 15.54 43.22
N ASP A 179 -5.66 15.68 43.86
CA ASP A 179 -4.53 16.31 43.20
C ASP A 179 -4.03 15.48 42.03
N THR A 180 -4.15 14.17 42.11
CA THR A 180 -3.63 13.25 41.10
C THR A 180 -4.80 12.46 40.50
N SER A 181 -5.57 13.13 39.65
CA SER A 181 -6.74 12.47 39.05
C SER A 181 -6.32 11.67 37.81
N GLY A 182 -5.81 12.36 36.79
CA GLY A 182 -5.44 11.76 35.53
C GLY A 182 -4.04 11.22 35.44
N GLU A 183 -3.30 11.22 36.55
CA GLU A 183 -1.91 10.75 36.54
C GLU A 183 -1.80 9.32 36.01
N ASN A 184 -2.65 8.41 36.51
CA ASN A 184 -2.59 7.00 36.11
C ASN A 184 -2.74 6.84 34.61
N LEU A 185 -3.67 7.57 34.00
CA LEU A 185 -3.89 7.52 32.56
C LEU A 185 -2.68 8.05 31.78
N ASP B 1 16.10 -23.15 43.00
CA ASP B 1 15.79 -22.98 41.59
C ASP B 1 14.96 -24.14 41.07
N ILE B 2 13.83 -23.83 40.43
CA ILE B 2 12.96 -24.84 39.84
C ILE B 2 13.52 -25.29 38.50
N GLN B 3 13.44 -26.59 38.22
CA GLN B 3 13.93 -27.15 36.97
C GLN B 3 12.77 -27.34 36.00
N MET B 4 12.95 -26.83 34.78
CA MET B 4 11.98 -26.98 33.71
C MET B 4 12.62 -27.81 32.59
N THR B 5 12.03 -28.98 32.32
CA THR B 5 12.53 -29.90 31.31
C THR B 5 11.47 -30.10 30.24
N GLN B 6 11.77 -29.67 29.02
CA GLN B 6 10.87 -29.84 27.88
C GLN B 6 11.16 -31.17 27.19
N SER B 7 10.09 -31.84 26.75
CA SER B 7 10.25 -33.22 26.30
C SER B 7 10.65 -33.30 24.83
N PRO B 8 9.79 -32.96 23.86
CA PRO B 8 10.23 -33.08 22.45
C PRO B 8 11.33 -32.07 22.18
N SER B 9 12.51 -32.56 21.82
CA SER B 9 13.67 -31.69 21.64
C SER B 9 13.83 -31.20 20.20
N SER B 10 13.45 -32.01 19.22
CA SER B 10 13.64 -31.67 17.82
C SER B 10 12.53 -32.32 16.99
N LEU B 11 11.28 -32.08 17.37
CA LEU B 11 10.16 -32.65 16.65
C LEU B 11 10.09 -32.07 15.24
N SER B 12 9.60 -32.89 14.32
CA SER B 12 9.50 -32.51 12.92
C SER B 12 8.27 -33.18 12.34
N ALA B 13 7.30 -32.38 11.90
CA ALA B 13 6.04 -32.90 11.40
C ALA B 13 5.66 -32.14 10.15
N SER B 14 4.51 -32.51 9.57
CA SER B 14 4.11 -32.02 8.26
C SER B 14 3.04 -30.94 8.43
N LEU B 15 2.62 -30.36 7.31
CA LEU B 15 1.61 -29.31 7.33
C LEU B 15 0.24 -29.92 7.60
N GLY B 16 -0.59 -29.19 8.34
CA GLY B 16 -1.89 -29.69 8.75
C GLY B 16 -1.86 -30.90 9.65
N GLN B 17 -0.95 -30.91 10.63
CA GLN B 17 -0.74 -32.04 11.52
C GLN B 17 -0.66 -31.54 12.96
N ARG B 18 -0.98 -32.40 13.92
CA ARG B 18 -1.01 -32.02 15.33
C ARG B 18 0.27 -32.48 16.02
N VAL B 19 0.89 -31.56 16.74
CA VAL B 19 2.08 -31.84 17.56
C VAL B 19 1.77 -31.47 19.02
N SER B 20 2.68 -31.84 19.91
CA SER B 20 2.50 -31.56 21.34
C SER B 20 3.84 -31.51 22.06
N LEU B 21 4.09 -30.41 22.75
CA LEU B 21 5.25 -30.24 23.61
C LEU B 21 4.87 -30.55 25.05
N THR B 22 5.82 -31.07 25.82
CA THR B 22 5.61 -31.36 27.23
C THR B 22 6.69 -30.67 28.05
N CYS B 23 6.27 -29.90 29.04
CA CYS B 23 7.16 -29.19 29.95
C CYS B 23 6.77 -29.63 31.36
N ARG B 24 7.74 -30.17 32.11
CA ARG B 24 7.46 -30.71 33.43
C ARG B 24 8.35 -30.04 34.47
N ALA B 25 7.78 -29.78 35.64
CA ALA B 25 8.43 -28.96 36.66
C ALA B 25 8.92 -29.82 37.82
N SER B 26 10.15 -29.52 38.28
CA SER B 26 10.70 -30.23 39.43
C SER B 26 9.88 -29.98 40.69
N GLN B 27 9.49 -28.74 40.91
CA GLN B 27 8.67 -28.36 42.05
C GLN B 27 7.25 -28.11 41.52
N GLU B 28 6.39 -27.55 42.36
CA GLU B 28 5.04 -27.24 41.93
C GLU B 28 4.97 -25.76 41.58
N ILE B 29 4.66 -25.48 40.31
CA ILE B 29 4.56 -24.11 39.85
C ILE B 29 3.14 -23.57 39.93
N SER B 30 2.20 -24.38 40.41
CA SER B 30 0.82 -23.98 40.69
C SER B 30 0.21 -23.19 39.53
N GLY B 31 0.39 -23.71 38.32
CA GLY B 31 -0.28 -23.19 37.14
C GLY B 31 0.37 -22.01 36.46
N TYR B 32 1.47 -21.49 36.99
CA TYR B 32 2.10 -20.28 36.43
C TYR B 32 3.11 -20.71 35.37
N LEU B 33 2.60 -20.98 34.17
CA LEU B 33 3.43 -21.44 33.06
C LEU B 33 3.02 -20.75 31.76
N THR B 34 3.99 -20.15 31.08
CA THR B 34 3.75 -19.53 29.78
C THR B 34 4.49 -20.31 28.69
N TRP B 35 3.98 -20.19 27.46
CA TRP B 35 4.58 -20.79 26.27
C TRP B 35 5.01 -19.68 25.33
N LEU B 36 6.27 -19.71 24.91
CA LEU B 36 6.81 -18.68 24.04
C LEU B 36 7.19 -19.28 22.69
N GLN B 37 7.16 -18.43 21.66
CA GLN B 37 7.54 -18.80 20.30
C GLN B 37 8.67 -17.87 19.86
N GLN B 38 9.75 -18.45 19.33
CA GLN B 38 10.90 -17.68 18.87
C GLN B 38 11.17 -18.01 17.41
N LYS B 39 10.69 -17.17 16.50
CA LYS B 39 11.08 -17.26 15.11
C LYS B 39 12.59 -17.06 14.99
N PRO B 40 13.22 -17.58 13.93
CA PRO B 40 14.69 -17.60 13.89
C PRO B 40 15.34 -16.23 13.93
N ASP B 41 14.62 -15.15 13.61
CA ASP B 41 15.21 -13.82 13.61
C ASP B 41 15.34 -13.22 15.01
N GLY B 42 14.91 -13.92 16.07
CA GLY B 42 14.99 -13.42 17.43
C GLY B 42 13.66 -13.06 18.04
N THR B 43 12.67 -12.71 17.23
CA THR B 43 11.34 -12.32 17.72
C THR B 43 10.79 -13.34 18.72
N ILE B 44 10.33 -12.84 19.87
CA ILE B 44 9.71 -13.65 20.91
C ILE B 44 8.29 -13.17 21.11
N LYS B 45 7.33 -13.98 20.67
CA LYS B 45 5.90 -13.72 20.83
C LYS B 45 5.32 -14.71 21.83
N ARG B 46 4.46 -14.21 22.71
CA ARG B 46 3.85 -15.05 23.74
C ARG B 46 2.56 -15.66 23.22
N LEU B 47 2.42 -16.98 23.39
CA LEU B 47 1.26 -17.73 22.91
C LEU B 47 0.22 -17.97 24.01
N VAL B 48 0.65 -18.53 25.13
CA VAL B 48 -0.24 -18.92 26.22
C VAL B 48 0.42 -18.51 27.54
N TYR B 49 -0.39 -18.02 28.49
CA TYR B 49 0.09 -17.72 29.82
C TYR B 49 -0.83 -18.35 30.86
N ALA B 50 -0.30 -18.52 32.07
CA ALA B 50 -1.04 -19.08 33.20
C ALA B 50 -1.67 -20.42 32.81
N ALA B 51 -0.82 -21.31 32.30
CA ALA B 51 -1.13 -22.70 31.98
C ALA B 51 -1.92 -22.82 30.68
N SER B 52 -3.07 -22.15 30.58
CA SER B 52 -3.90 -22.34 29.39
C SER B 52 -4.77 -21.13 29.12
N THR B 53 -4.24 -19.92 29.31
CA THR B 53 -4.95 -18.69 28.96
C THR B 53 -4.43 -18.19 27.62
N LEU B 54 -5.31 -18.13 26.63
CA LEU B 54 -4.91 -17.83 25.26
C LEU B 54 -4.68 -16.34 25.07
N ASP B 55 -3.49 -15.98 24.58
CA ASP B 55 -3.17 -14.60 24.33
C ASP B 55 -4.01 -14.06 23.17
N SER B 56 -3.97 -12.74 22.98
CA SER B 56 -4.91 -12.09 22.08
C SER B 56 -4.67 -12.47 20.63
N GLY B 57 -3.46 -12.23 20.13
CA GLY B 57 -3.20 -12.49 18.73
C GLY B 57 -2.66 -13.88 18.51
N VAL B 58 -3.36 -14.87 19.06
CA VAL B 58 -3.00 -16.27 18.92
C VAL B 58 -4.23 -17.02 18.41
N PRO B 59 -4.11 -17.77 17.31
CA PRO B 59 -5.26 -18.51 16.79
C PRO B 59 -5.77 -19.55 17.79
N LYS B 60 -6.93 -20.12 17.48
CA LYS B 60 -7.50 -21.14 18.35
C LYS B 60 -6.84 -22.50 18.19
N ARG B 61 -5.92 -22.67 17.24
CA ARG B 61 -5.24 -23.96 17.11
C ARG B 61 -4.23 -24.17 18.23
N PHE B 62 -3.65 -23.09 18.76
CA PHE B 62 -2.78 -23.20 19.91
C PHE B 62 -3.60 -23.48 21.17
N SER B 63 -3.07 -24.33 22.03
CA SER B 63 -3.86 -24.84 23.16
C SER B 63 -2.92 -25.29 24.27
N GLY B 64 -3.03 -24.67 25.44
CA GLY B 64 -2.32 -25.11 26.62
C GLY B 64 -3.21 -25.98 27.48
N SER B 65 -2.59 -26.81 28.31
CA SER B 65 -3.35 -27.70 29.19
C SER B 65 -2.44 -28.16 30.31
N ARG B 66 -3.05 -28.73 31.36
CA ARG B 66 -2.34 -29.18 32.54
C ARG B 66 -2.94 -30.47 33.09
N SER B 67 -2.08 -31.43 33.42
CA SER B 67 -2.50 -32.62 34.17
C SER B 67 -1.45 -32.85 35.25
N GLY B 68 -1.74 -32.42 36.48
CA GLY B 68 -0.79 -32.58 37.56
C GLY B 68 0.33 -31.57 37.47
N SER B 69 1.56 -32.04 37.28
CA SER B 69 2.70 -31.18 37.02
C SER B 69 3.16 -31.27 35.57
N ASP B 70 2.31 -31.79 34.69
CA ASP B 70 2.59 -31.90 33.27
C ASP B 70 1.86 -30.79 32.53
N TYR B 71 2.62 -29.98 31.79
CA TYR B 71 2.07 -28.89 30.99
C TYR B 71 2.33 -29.19 29.53
N SER B 72 1.31 -28.99 28.69
CA SER B 72 1.35 -29.42 27.31
C SER B 72 0.82 -28.32 26.40
N LEU B 73 1.65 -27.91 25.45
CA LEU B 73 1.20 -27.05 24.35
C LEU B 73 0.89 -27.92 23.14
N THR B 74 -0.29 -27.73 22.58
CA THR B 74 -0.80 -28.59 21.50
C THR B 74 -1.22 -27.69 20.35
N ILE B 75 -0.40 -27.65 19.31
CA ILE B 75 -0.69 -26.88 18.11
C ILE B 75 -1.45 -27.77 17.15
N SER B 76 -2.70 -27.43 16.88
CA SER B 76 -3.50 -28.15 15.90
C SER B 76 -3.35 -27.47 14.53
N SER B 77 -3.80 -28.15 13.48
CA SER B 77 -3.70 -27.70 12.09
C SER B 77 -2.42 -26.91 11.84
N LEU B 78 -1.27 -27.57 11.93
CA LEU B 78 0.03 -26.94 11.78
C LEU B 78 0.14 -26.21 10.45
N GLU B 79 0.38 -24.91 10.52
CA GLU B 79 0.54 -24.07 9.34
C GLU B 79 1.97 -23.55 9.26
N SER B 80 2.31 -23.01 8.08
CA SER B 80 3.70 -22.66 7.76
C SER B 80 4.33 -21.76 8.81
N GLU B 81 3.59 -20.73 9.26
CA GLU B 81 4.16 -19.77 10.20
C GLU B 81 4.47 -20.39 11.55
N ASP B 82 3.86 -21.53 11.88
CA ASP B 82 3.96 -22.16 13.19
C ASP B 82 5.21 -23.01 13.36
N PHE B 83 6.25 -22.82 12.55
CA PHE B 83 7.45 -23.65 12.62
C PHE B 83 8.60 -22.77 13.09
N ALA B 84 8.97 -22.92 14.36
CA ALA B 84 10.02 -22.11 14.96
C ALA B 84 10.51 -22.82 16.22
N ASP B 85 11.24 -22.08 17.06
CA ASP B 85 11.65 -22.59 18.36
C ASP B 85 10.62 -22.21 19.41
N TYR B 86 10.39 -23.10 20.38
CA TYR B 86 9.35 -22.92 21.39
C TYR B 86 9.92 -23.18 22.77
N TYR B 87 9.74 -22.22 23.68
CA TYR B 87 10.20 -22.36 25.07
C TYR B 87 9.02 -22.32 26.03
N CYS B 88 9.18 -23.01 27.16
CA CYS B 88 8.23 -22.93 28.27
C CYS B 88 8.87 -22.18 29.42
N LEU B 89 8.03 -21.56 30.24
CA LEU B 89 8.48 -20.59 31.22
C LEU B 89 7.65 -20.69 32.49
N GLN B 90 8.32 -20.78 33.63
CA GLN B 90 7.70 -20.79 34.94
C GLN B 90 7.90 -19.44 35.61
N TYR B 91 6.87 -18.95 36.29
CA TYR B 91 6.95 -17.67 36.97
C TYR B 91 6.15 -17.72 38.27
N THR B 92 6.27 -18.82 39.01
CA THR B 92 5.64 -18.94 40.33
C THR B 92 6.50 -18.38 41.46
N ASN B 93 7.81 -18.26 41.25
CA ASN B 93 8.71 -17.72 42.25
C ASN B 93 10.03 -17.37 41.56
N TYR B 94 10.70 -16.35 42.08
CA TYR B 94 12.03 -16.05 41.57
C TYR B 94 13.01 -17.14 41.99
N PRO B 95 13.92 -17.55 41.11
CA PRO B 95 14.11 -17.04 39.75
C PRO B 95 13.20 -17.67 38.71
N LEU B 96 12.82 -16.89 37.70
CA LEU B 96 12.09 -17.44 36.56
C LEU B 96 13.00 -18.38 35.79
N THR B 97 12.48 -19.56 35.44
CA THR B 97 13.26 -20.57 34.75
C THR B 97 12.58 -20.97 33.45
N PHE B 98 13.38 -21.10 32.39
CA PHE B 98 12.88 -21.45 31.08
C PHE B 98 13.10 -22.94 30.79
N GLY B 99 12.29 -23.47 29.88
CA GLY B 99 12.52 -24.80 29.35
C GLY B 99 13.73 -24.82 28.42
N ALA B 100 13.99 -26.02 27.87
CA ALA B 100 15.18 -26.19 27.04
C ALA B 100 14.93 -25.76 25.60
N GLY B 101 13.70 -25.91 25.11
CA GLY B 101 13.35 -25.53 23.76
C GLY B 101 12.78 -26.70 22.99
N THR B 102 12.40 -26.41 21.74
CA THR B 102 11.90 -27.45 20.84
C THR B 102 11.94 -26.93 19.40
N LYS B 103 12.95 -27.34 18.65
CA LYS B 103 13.00 -27.00 17.24
C LYS B 103 11.90 -27.75 16.49
N LEU B 104 10.97 -27.00 15.89
CA LEU B 104 9.91 -27.57 15.08
C LEU B 104 10.23 -27.34 13.61
N GLU B 105 10.20 -28.41 12.82
CA GLU B 105 10.59 -28.37 11.42
C GLU B 105 9.44 -28.81 10.52
N LEU B 106 9.25 -28.11 9.42
CA LEU B 106 8.21 -28.45 8.45
C LEU B 106 8.77 -29.51 7.51
N LYS B 107 8.24 -30.73 7.60
CA LYS B 107 8.64 -31.77 6.67
C LYS B 107 7.90 -31.60 5.36
N ARG B 108 8.64 -31.53 4.26
CA ARG B 108 8.08 -31.34 2.93
C ARG B 108 8.62 -32.42 2.02
N THR B 109 8.25 -32.33 0.75
CA THR B 109 8.77 -33.26 -0.24
C THR B 109 10.27 -33.00 -0.47
N VAL B 110 10.95 -34.04 -0.93
CA VAL B 110 12.38 -33.93 -1.15
C VAL B 110 12.65 -32.95 -2.29
N ALA B 111 13.78 -32.26 -2.22
CA ALA B 111 14.11 -31.24 -3.21
C ALA B 111 15.57 -31.36 -3.59
N ALA B 112 15.85 -31.33 -4.88
CA ALA B 112 17.28 -31.48 -5.12
C ALA B 112 17.96 -30.12 -5.11
N PRO B 113 19.18 -30.04 -4.59
CA PRO B 113 19.90 -28.76 -4.59
C PRO B 113 20.48 -28.47 -5.97
N SER B 114 20.24 -27.25 -6.46
CA SER B 114 20.98 -26.75 -7.61
C SER B 114 22.34 -26.27 -7.12
N VAL B 115 23.41 -26.83 -7.65
CA VAL B 115 24.75 -26.64 -7.12
C VAL B 115 25.47 -25.60 -7.96
N PHE B 116 25.95 -24.55 -7.30
CA PHE B 116 26.77 -23.52 -7.93
C PHE B 116 28.13 -23.48 -7.22
N ILE B 117 29.14 -23.00 -7.95
CA ILE B 117 30.50 -22.91 -7.42
C ILE B 117 31.11 -21.59 -7.90
N PHE B 118 31.83 -20.93 -7.01
CA PHE B 118 32.33 -19.56 -7.22
C PHE B 118 33.86 -19.52 -7.18
N PRO B 119 34.50 -18.97 -8.20
CA PRO B 119 35.95 -18.73 -8.12
C PRO B 119 36.27 -17.69 -7.07
N PRO B 120 37.53 -17.63 -6.62
CA PRO B 120 37.92 -16.54 -5.72
C PRO B 120 37.95 -15.21 -6.45
N SER B 121 37.79 -14.13 -5.67
CA SER B 121 37.79 -12.79 -6.23
C SER B 121 39.21 -12.26 -6.42
N ASP B 122 39.36 -11.35 -7.38
CA ASP B 122 40.66 -10.69 -7.60
C ASP B 122 41.08 -9.91 -6.36
N GLU B 123 40.15 -9.22 -5.71
CA GLU B 123 40.47 -8.47 -4.50
C GLU B 123 41.05 -9.38 -3.42
N GLN B 124 40.53 -10.60 -3.31
CA GLN B 124 40.97 -11.51 -2.26
C GLN B 124 42.34 -12.12 -2.58
N LEU B 125 42.58 -12.46 -3.85
CA LEU B 125 43.86 -13.06 -4.23
C LEU B 125 45.03 -12.15 -3.88
N LYS B 126 44.91 -10.86 -4.17
CA LYS B 126 45.97 -9.90 -3.84
C LYS B 126 46.29 -9.90 -2.34
N SER B 127 45.30 -10.17 -1.49
CA SER B 127 45.49 -10.11 -0.04
C SER B 127 46.24 -11.32 0.52
N GLY B 128 46.69 -12.24 -0.33
CA GLY B 128 47.49 -13.36 0.12
C GLY B 128 46.70 -14.60 0.51
N THR B 129 45.37 -14.50 0.61
CA THR B 129 44.51 -15.63 0.89
C THR B 129 43.56 -15.84 -0.29
N ALA B 130 42.79 -16.92 -0.22
CA ALA B 130 41.84 -17.23 -1.29
C ALA B 130 40.75 -18.13 -0.73
N SER B 131 39.51 -17.87 -1.15
CA SER B 131 38.35 -18.64 -0.69
C SER B 131 37.50 -19.04 -1.88
N VAL B 132 37.21 -20.34 -2.00
CA VAL B 132 36.28 -20.88 -2.97
C VAL B 132 35.02 -21.29 -2.23
N VAL B 133 33.85 -20.96 -2.79
CA VAL B 133 32.57 -21.15 -2.14
C VAL B 133 31.71 -22.06 -3.01
N CYS B 134 31.06 -23.03 -2.38
CA CYS B 134 30.11 -23.92 -3.06
C CYS B 134 28.75 -23.76 -2.40
N LEU B 135 27.74 -23.36 -3.18
CA LEU B 135 26.39 -23.10 -2.69
C LEU B 135 25.44 -24.20 -3.16
N LEU B 136 24.65 -24.72 -2.22
CA LEU B 136 23.59 -25.69 -2.49
C LEU B 136 22.27 -25.02 -2.14
N ASN B 137 21.52 -24.57 -3.15
CA ASN B 137 20.36 -23.72 -2.91
C ASN B 137 19.07 -24.52 -2.99
N ASN B 138 18.14 -24.23 -2.08
CA ASN B 138 16.77 -24.73 -2.08
C ASN B 138 16.73 -26.26 -2.19
N PHE B 139 17.14 -26.91 -1.11
CA PHE B 139 17.09 -28.35 -1.01
C PHE B 139 16.39 -28.77 0.29
N TYR B 140 15.95 -30.03 0.31
CA TYR B 140 15.34 -30.64 1.47
C TYR B 140 15.52 -32.14 1.33
N PRO B 141 15.89 -32.85 2.41
CA PRO B 141 16.06 -32.38 3.78
C PRO B 141 17.40 -31.71 4.06
N ARG B 142 17.59 -31.35 5.33
CA ARG B 142 18.81 -30.67 5.75
C ARG B 142 20.05 -31.52 5.49
N GLU B 143 19.90 -32.84 5.49
CA GLU B 143 21.03 -33.76 5.41
C GLU B 143 21.60 -33.77 3.99
N ALA B 144 22.86 -33.35 3.85
CA ALA B 144 23.53 -33.34 2.56
C ALA B 144 25.04 -33.44 2.78
N LYS B 145 25.73 -34.02 1.80
CA LYS B 145 27.17 -34.27 1.86
C LYS B 145 27.87 -33.46 0.77
N VAL B 146 28.83 -32.61 1.16
CA VAL B 146 29.62 -31.82 0.24
C VAL B 146 31.10 -32.16 0.45
N GLN B 147 31.83 -32.32 -0.65
CA GLN B 147 33.22 -32.74 -0.59
C GLN B 147 34.06 -31.95 -1.59
N TRP B 148 35.27 -31.56 -1.16
CA TRP B 148 36.18 -30.79 -2.00
C TRP B 148 37.27 -31.70 -2.55
N LYS B 149 37.37 -31.77 -3.88
CA LYS B 149 38.45 -32.47 -4.56
C LYS B 149 39.25 -31.45 -5.37
N VAL B 150 40.47 -31.17 -4.92
CA VAL B 150 41.37 -30.27 -5.62
C VAL B 150 42.32 -31.12 -6.45
N ASP B 151 42.22 -31.00 -7.77
CA ASP B 151 43.00 -31.81 -8.71
C ASP B 151 42.75 -33.30 -8.46
N ASN B 152 41.46 -33.63 -8.28
CA ASN B 152 41.02 -35.00 -8.00
C ASN B 152 41.63 -35.56 -6.71
N ALA B 153 41.78 -34.70 -5.70
CA ALA B 153 42.35 -35.10 -4.41
C ALA B 153 41.47 -34.58 -3.27
N LEU B 154 40.91 -35.49 -2.49
CA LEU B 154 40.00 -35.16 -1.39
C LEU B 154 40.70 -34.31 -0.32
N GLN B 155 40.20 -33.08 -0.13
CA GLN B 155 40.68 -32.17 0.90
C GLN B 155 39.90 -32.34 2.21
N SER B 156 40.63 -32.33 3.34
CA SER B 156 40.00 -32.55 4.64
C SER B 156 39.69 -31.25 5.39
N GLY B 157 40.72 -30.49 5.76
CA GLY B 157 40.53 -29.26 6.50
C GLY B 157 40.19 -28.08 5.61
N ASN B 158 40.09 -26.91 6.25
CA ASN B 158 39.73 -25.65 5.58
C ASN B 158 38.37 -25.74 4.91
N SER B 159 37.51 -26.64 5.38
CA SER B 159 36.16 -26.84 4.86
C SER B 159 35.18 -26.55 5.98
N GLN B 160 34.60 -25.34 5.96
CA GLN B 160 33.65 -24.89 6.96
C GLN B 160 32.34 -24.55 6.26
N GLU B 161 31.25 -25.13 6.74
CA GLU B 161 29.94 -24.95 6.12
C GLU B 161 28.99 -24.23 7.06
N SER B 162 27.84 -23.85 6.50
CA SER B 162 26.83 -23.09 7.22
C SER B 162 25.49 -23.32 6.53
N VAL B 163 24.48 -23.68 7.32
CA VAL B 163 23.14 -23.96 6.82
C VAL B 163 22.21 -22.84 7.26
N THR B 164 21.25 -22.50 6.41
CA THR B 164 20.23 -21.52 6.76
C THR B 164 19.10 -22.19 7.54
N GLU B 165 18.11 -21.39 7.92
CA GLU B 165 16.88 -21.90 8.47
C GLU B 165 15.95 -22.35 7.36
N GLN B 166 14.83 -22.95 7.73
CA GLN B 166 13.85 -23.34 6.75
C GLN B 166 13.17 -22.09 6.20
N ASP B 167 13.10 -21.97 4.87
CA ASP B 167 12.50 -20.79 4.25
C ASP B 167 11.02 -20.74 4.58
N SER B 168 10.54 -19.55 4.95
CA SER B 168 9.13 -19.41 5.31
C SER B 168 8.21 -19.71 4.14
N LYS B 169 8.67 -19.44 2.91
CA LYS B 169 7.85 -19.66 1.71
C LYS B 169 7.93 -21.09 1.20
N ASP B 170 9.11 -21.52 0.73
CA ASP B 170 9.24 -22.80 0.06
C ASP B 170 9.79 -23.90 0.96
N SER B 171 10.12 -23.60 2.22
CA SER B 171 10.44 -24.59 3.25
C SER B 171 11.67 -25.42 2.91
N THR B 172 12.66 -24.82 2.26
CA THR B 172 13.88 -25.52 1.89
C THR B 172 15.08 -24.89 2.60
N TYR B 173 16.14 -25.67 2.73
CA TYR B 173 17.38 -25.21 3.33
C TYR B 173 18.37 -24.81 2.24
N SER B 174 19.42 -24.10 2.66
CA SER B 174 20.51 -23.73 1.78
C SER B 174 21.82 -23.87 2.54
N LEU B 175 22.88 -24.28 1.85
CA LEU B 175 24.14 -24.60 2.48
C LEU B 175 25.27 -23.88 1.76
N SER B 176 26.25 -23.42 2.53
CA SER B 176 27.38 -22.65 2.01
C SER B 176 28.68 -23.25 2.54
N SER B 177 29.33 -24.06 1.70
CA SER B 177 30.63 -24.64 2.03
C SER B 177 31.74 -23.77 1.47
N THR B 178 32.65 -23.34 2.35
CA THR B 178 33.72 -22.41 1.98
C THR B 178 35.08 -23.08 2.22
N LEU B 179 35.83 -23.29 1.14
CA LEU B 179 37.18 -23.84 1.19
C LEU B 179 38.18 -22.69 1.07
N THR B 180 39.13 -22.62 2.01
CA THR B 180 40.07 -21.52 2.10
C THR B 180 41.49 -22.03 1.91
N LEU B 181 42.25 -21.32 1.07
CA LEU B 181 43.66 -21.61 0.83
C LEU B 181 44.43 -20.29 0.80
N SER B 182 45.75 -20.42 0.73
CA SER B 182 46.62 -19.27 0.56
C SER B 182 46.79 -18.98 -0.93
N LYS B 183 47.18 -17.73 -1.22
CA LYS B 183 47.49 -17.38 -2.61
C LYS B 183 48.61 -18.27 -3.16
N ALA B 184 49.51 -18.72 -2.29
CA ALA B 184 50.56 -19.65 -2.72
C ALA B 184 49.98 -21.02 -3.03
N ASP B 185 49.19 -21.56 -2.11
CA ASP B 185 48.59 -22.88 -2.30
C ASP B 185 47.50 -22.88 -3.36
N TYR B 186 47.00 -21.70 -3.76
CA TYR B 186 45.98 -21.64 -4.80
C TYR B 186 46.58 -21.82 -6.18
N GLU B 187 47.63 -21.04 -6.50
CA GLU B 187 48.27 -21.08 -7.81
C GLU B 187 49.00 -22.40 -8.08
N LYS B 188 48.98 -23.34 -7.15
CA LYS B 188 49.71 -24.61 -7.29
C LYS B 188 48.86 -25.72 -7.86
N HIS B 189 47.63 -25.42 -8.29
CA HIS B 189 46.74 -26.40 -8.90
C HIS B 189 45.96 -25.72 -10.01
N LYS B 190 45.19 -26.51 -10.73
CA LYS B 190 44.41 -26.01 -11.86
C LYS B 190 42.93 -26.31 -11.74
N VAL B 191 42.56 -27.48 -11.24
CA VAL B 191 41.18 -27.93 -11.20
C VAL B 191 40.70 -27.93 -9.75
N TYR B 192 39.63 -27.16 -9.49
CA TYR B 192 38.94 -27.16 -8.21
C TYR B 192 37.50 -27.57 -8.44
N ALA B 193 37.00 -28.54 -7.68
CA ALA B 193 35.68 -29.11 -7.90
C ALA B 193 34.90 -29.21 -6.60
N CYS B 194 33.59 -29.38 -6.75
CA CYS B 194 32.66 -29.51 -5.62
C CYS B 194 31.70 -30.65 -5.91
N GLU B 195 31.66 -31.63 -5.02
CA GLU B 195 30.87 -32.86 -5.16
C GLU B 195 29.77 -32.89 -4.10
N VAL B 196 28.52 -32.91 -4.55
CA VAL B 196 27.36 -32.81 -3.67
C VAL B 196 26.59 -34.12 -3.70
N THR B 197 26.33 -34.68 -2.51
CA THR B 197 25.54 -35.90 -2.37
C THR B 197 24.27 -35.56 -1.59
N HIS B 198 23.12 -35.90 -2.16
CA HIS B 198 21.84 -35.61 -1.52
C HIS B 198 20.83 -36.68 -1.91
N GLN B 199 19.74 -36.73 -1.14
CA GLN B 199 18.69 -37.71 -1.40
C GLN B 199 17.97 -37.45 -2.71
N GLY B 200 17.72 -36.18 -3.03
CA GLY B 200 17.03 -35.84 -4.27
C GLY B 200 17.88 -36.01 -5.51
N LEU B 201 19.15 -36.31 -5.34
CA LEU B 201 20.08 -36.50 -6.46
C LEU B 201 20.30 -38.00 -6.67
N SER B 202 20.07 -38.45 -7.90
CA SER B 202 20.31 -39.86 -8.23
C SER B 202 21.77 -40.25 -8.04
N SER B 203 22.68 -39.32 -8.34
CA SER B 203 24.12 -39.55 -8.24
C SER B 203 24.77 -38.22 -7.91
N PRO B 204 25.94 -38.23 -7.27
CA PRO B 204 26.61 -36.98 -6.88
C PRO B 204 26.76 -36.02 -8.07
N VAL B 205 26.41 -34.77 -7.86
CA VAL B 205 26.58 -33.72 -8.86
C VAL B 205 27.89 -33.02 -8.56
N THR B 206 28.69 -32.78 -9.59
CA THR B 206 29.99 -32.15 -9.42
C THR B 206 30.11 -30.98 -10.39
N LYS B 207 30.25 -29.77 -9.83
CA LYS B 207 30.56 -28.57 -10.57
C LYS B 207 32.02 -28.21 -10.32
N SER B 208 32.73 -27.79 -11.37
CA SER B 208 34.17 -27.58 -11.26
C SER B 208 34.59 -26.39 -12.12
N PHE B 209 35.72 -25.78 -11.74
CA PHE B 209 36.32 -24.72 -12.53
C PHE B 209 37.82 -24.98 -12.63
N ASN B 210 38.38 -24.56 -13.77
CA ASN B 210 39.77 -24.83 -14.12
C ASN B 210 40.65 -23.58 -14.14
N ARG B 211 40.30 -22.57 -13.34
CA ARG B 211 41.00 -21.29 -13.32
C ARG B 211 41.16 -20.71 -14.73
N GLY B 212 40.03 -20.47 -15.37
CA GLY B 212 40.04 -20.00 -16.75
C GLY B 212 38.65 -19.91 -17.37
N GLU C 1 7.10 21.86 -3.52
CA GLU C 1 7.07 23.28 -3.85
C GLU C 1 5.92 23.98 -3.14
N GLU C 2 6.20 24.53 -1.95
CA GLU C 2 5.17 25.27 -1.23
C GLU C 2 4.79 26.54 -1.97
N HIS C 3 5.74 27.19 -2.65
CA HIS C 3 5.48 28.45 -3.33
C HIS C 3 6.42 28.59 -4.52
N VAL C 4 5.93 29.26 -5.57
CA VAL C 4 6.66 29.44 -6.82
C VAL C 4 6.47 30.88 -7.29
N ILE C 5 7.58 31.62 -7.41
CA ILE C 5 7.56 32.97 -7.95
C ILE C 5 8.18 32.94 -9.34
N ILE C 6 7.42 33.37 -10.35
CA ILE C 6 7.89 33.38 -11.73
C ILE C 6 7.91 34.82 -12.24
N GLN C 7 8.99 35.16 -12.96
CA GLN C 7 9.09 36.44 -13.66
C GLN C 7 8.95 36.15 -15.15
N ALA C 8 7.75 36.39 -15.69
CA ALA C 8 7.41 35.98 -17.04
C ALA C 8 7.52 37.16 -17.99
N GLU C 9 8.18 36.94 -19.12
CA GLU C 9 8.27 37.90 -20.21
C GLU C 9 7.89 37.18 -21.50
N PHE C 10 7.32 37.94 -22.44
CA PHE C 10 7.16 37.42 -23.79
C PHE C 10 7.12 38.59 -24.77
N TYR C 11 7.35 38.28 -26.04
CA TYR C 11 7.31 39.27 -27.10
C TYR C 11 6.79 38.62 -28.37
N LEU C 12 5.87 39.31 -29.05
CA LEU C 12 5.17 38.76 -30.20
C LEU C 12 5.47 39.58 -31.45
N ASN C 13 5.53 38.89 -32.58
CA ASN C 13 5.71 39.49 -33.90
C ASN C 13 4.68 38.90 -34.85
N PRO C 14 4.18 39.69 -35.81
CA PRO C 14 4.54 41.09 -36.07
C PRO C 14 3.76 42.06 -35.19
N ASP C 15 2.97 41.50 -34.27
CA ASP C 15 2.14 42.32 -33.39
C ASP C 15 2.94 43.35 -32.60
N GLN C 16 4.23 43.08 -32.36
CA GLN C 16 5.10 43.98 -31.61
C GLN C 16 4.50 44.33 -30.25
N SER C 17 4.01 43.30 -29.57
CA SER C 17 3.49 43.41 -28.22
C SER C 17 4.38 42.62 -27.26
N GLY C 18 4.65 43.21 -26.10
CA GLY C 18 5.49 42.57 -25.11
C GLY C 18 4.85 42.66 -23.74
N GLU C 19 5.35 41.82 -22.83
CA GLU C 19 4.77 41.74 -21.50
C GLU C 19 5.86 41.45 -20.49
N PHE C 20 5.71 42.01 -19.30
CA PHE C 20 6.63 41.79 -18.19
C PHE C 20 5.80 41.72 -16.93
N MET C 21 5.74 40.56 -16.30
CA MET C 21 4.88 40.36 -15.15
C MET C 21 5.50 39.34 -14.21
N PHE C 22 5.19 39.48 -12.93
CA PHE C 22 5.57 38.49 -11.94
C PHE C 22 4.37 37.64 -11.58
N ASP C 23 4.64 36.42 -11.12
CA ASP C 23 3.60 35.43 -10.87
C ASP C 23 3.87 34.73 -9.54
N PHE C 24 2.84 34.63 -8.68
CA PHE C 24 2.97 33.93 -7.41
C PHE C 24 1.87 32.88 -7.27
N ASP C 25 2.25 31.61 -7.44
CA ASP C 25 1.34 30.47 -7.32
C ASP C 25 0.12 30.63 -8.23
N GLY C 26 0.29 31.27 -9.38
CA GLY C 26 -0.77 31.34 -10.37
C GLY C 26 -1.57 32.62 -10.39
N ASP C 27 -1.36 33.53 -9.45
CA ASP C 27 -2.01 34.83 -9.43
C ASP C 27 -0.97 35.89 -9.73
N GLU C 28 -1.35 36.94 -10.46
CA GLU C 28 -0.40 37.97 -10.83
C GLU C 28 -0.07 38.85 -9.63
N ILE C 29 1.23 39.07 -9.39
CA ILE C 29 1.62 40.09 -8.42
C ILE C 29 1.50 41.47 -9.04
N PHE C 30 2.14 41.67 -10.19
CA PHE C 30 2.11 42.93 -10.91
C PHE C 30 2.64 42.71 -12.31
N HIS C 31 2.18 43.54 -13.24
CA HIS C 31 2.77 43.61 -14.57
C HIS C 31 3.19 45.04 -14.86
N VAL C 32 4.16 45.20 -15.73
CA VAL C 32 4.61 46.51 -16.18
C VAL C 32 3.89 46.85 -17.48
N ASP C 33 3.25 48.01 -17.51
CA ASP C 33 2.54 48.49 -18.69
C ASP C 33 3.55 49.13 -19.63
N MET C 34 3.68 48.57 -20.83
CA MET C 34 4.72 48.99 -21.76
C MET C 34 4.60 50.47 -22.09
N ALA C 35 3.45 50.89 -22.59
CA ALA C 35 3.16 52.31 -22.63
C ALA C 35 2.95 52.82 -21.21
N LYS C 36 3.21 54.11 -21.01
CA LYS C 36 3.15 54.79 -19.72
C LYS C 36 4.34 54.43 -18.83
N LYS C 37 4.95 53.26 -19.06
CA LYS C 37 6.16 52.81 -18.37
C LYS C 37 5.98 52.90 -16.85
N GLU C 38 5.00 52.15 -16.35
CA GLU C 38 4.68 52.16 -14.93
C GLU C 38 4.21 50.77 -14.52
N THR C 39 4.65 50.32 -13.35
CA THR C 39 4.19 49.03 -12.85
C THR C 39 2.72 49.11 -12.50
N VAL C 40 2.05 47.96 -12.62
CA VAL C 40 0.60 47.89 -12.45
C VAL C 40 0.25 46.72 -11.53
N TRP C 41 0.13 47.00 -10.24
CA TRP C 41 -0.15 45.95 -9.27
C TRP C 41 -1.54 45.37 -9.49
N ARG C 42 -1.65 44.05 -9.42
CA ARG C 42 -2.93 43.38 -9.67
C ARG C 42 -3.96 43.75 -8.61
N LEU C 43 -3.55 43.74 -7.34
CA LEU C 43 -4.34 44.29 -6.24
C LEU C 43 -3.67 45.57 -5.78
N GLU C 44 -4.44 46.67 -5.79
CA GLU C 44 -3.84 47.99 -5.53
C GLU C 44 -3.12 48.05 -4.20
N GLU C 45 -3.52 47.20 -3.26
CA GLU C 45 -2.93 47.20 -1.92
C GLU C 45 -1.45 46.83 -1.93
N PHE C 46 -1.01 46.03 -2.89
CA PHE C 46 0.39 45.61 -2.96
C PHE C 46 1.33 46.79 -3.10
N GLY C 47 0.91 47.82 -3.85
CA GLY C 47 1.72 49.00 -4.10
C GLY C 47 2.08 49.78 -2.84
N ARG C 48 1.41 49.50 -1.72
CA ARG C 48 1.76 50.12 -0.45
C ARG C 48 2.78 49.31 0.33
N PHE C 49 3.10 48.10 -0.12
CA PHE C 49 4.07 47.26 0.55
C PHE C 49 5.32 46.98 -0.26
N ALA C 50 5.34 47.28 -1.56
CA ALA C 50 6.49 46.97 -2.39
C ALA C 50 6.54 47.92 -3.57
N SER C 51 7.62 47.81 -4.34
CA SER C 51 7.85 48.70 -5.47
C SER C 51 8.70 47.98 -6.51
N PHE C 52 8.68 48.54 -7.73
CA PHE C 52 9.44 47.97 -8.84
C PHE C 52 9.71 49.09 -9.84
N GLU C 53 10.95 49.18 -10.30
CA GLU C 53 11.30 50.20 -11.30
C GLU C 53 10.97 49.63 -12.67
N ALA C 54 9.86 50.09 -13.25
CA ALA C 54 9.39 49.57 -14.53
C ALA C 54 10.40 49.75 -15.64
N GLN C 55 11.38 50.65 -15.48
CA GLN C 55 12.37 50.86 -16.52
C GLN C 55 13.18 49.59 -16.79
N GLY C 56 13.51 48.83 -15.75
CA GLY C 56 14.23 47.59 -15.96
C GLY C 56 13.47 46.61 -16.83
N ALA C 57 12.14 46.65 -16.78
CA ALA C 57 11.33 45.75 -17.61
C ALA C 57 11.50 46.07 -19.09
N LEU C 58 11.53 47.36 -19.42
CA LEU C 58 11.66 47.75 -20.82
C LEU C 58 12.97 47.27 -21.41
N ALA C 59 14.02 47.18 -20.59
CA ALA C 59 15.30 46.69 -21.08
C ALA C 59 15.21 45.21 -21.43
N ASN C 60 14.52 44.43 -20.61
CA ASN C 60 14.40 43.01 -20.89
C ASN C 60 13.59 42.75 -22.15
N ILE C 61 12.48 43.49 -22.31
CA ILE C 61 11.64 43.31 -23.49
C ILE C 61 12.42 43.58 -24.76
N ALA C 62 13.40 44.48 -24.70
CA ALA C 62 14.29 44.69 -25.83
C ALA C 62 15.02 43.40 -26.19
N VAL C 63 15.66 42.78 -25.20
CA VAL C 63 16.40 41.54 -25.45
C VAL C 63 15.46 40.42 -25.89
N ASP C 64 14.21 40.45 -25.42
CA ASP C 64 13.22 39.51 -25.91
C ASP C 64 12.96 39.72 -27.40
N LYS C 65 12.78 40.97 -27.80
CA LYS C 65 12.63 41.27 -29.22
C LYS C 65 13.84 40.80 -30.00
N ALA C 66 15.04 41.07 -29.48
CA ALA C 66 16.25 40.63 -30.16
C ALA C 66 16.29 39.13 -30.32
N ASN C 67 16.05 38.40 -29.23
CA ASN C 67 16.12 36.95 -29.28
C ASN C 67 15.08 36.37 -30.24
N LEU C 68 13.86 36.94 -30.22
CA LEU C 68 12.82 36.42 -31.11
C LEU C 68 13.26 36.51 -32.57
N GLU C 69 14.00 37.57 -32.92
CA GLU C 69 14.58 37.67 -34.26
C GLU C 69 15.51 36.49 -34.54
N ILE C 70 16.42 36.22 -33.61
CA ILE C 70 17.41 35.15 -33.79
C ILE C 70 16.73 33.80 -33.86
N MET C 71 15.67 33.60 -33.06
CA MET C 71 14.97 32.31 -33.03
C MET C 71 14.13 32.10 -34.28
N THR C 72 13.41 33.14 -34.72
CA THR C 72 12.59 33.03 -35.94
C THR C 72 13.46 32.67 -37.14
N LYS C 73 14.63 33.28 -37.26
CA LYS C 73 15.55 32.95 -38.34
C LYS C 73 15.97 31.49 -38.28
N ARG C 74 16.47 31.06 -37.12
CA ARG C 74 16.91 29.67 -36.96
C ARG C 74 15.79 28.68 -37.19
N SER C 75 14.53 29.13 -37.16
CA SER C 75 13.38 28.28 -37.35
C SER C 75 13.00 28.14 -38.82
N ASN C 76 13.78 28.75 -39.73
CA ASN C 76 13.38 28.97 -41.12
C ASN C 76 12.01 29.63 -41.19
N TYR C 77 11.83 30.66 -40.35
CA TYR C 77 10.56 31.40 -40.24
C TYR C 77 9.38 30.44 -40.07
N THR C 78 9.48 29.58 -39.04
CA THR C 78 8.39 28.66 -38.74
C THR C 78 7.42 29.32 -37.77
N PRO C 79 6.13 29.37 -38.10
CA PRO C 79 5.18 30.13 -37.28
C PRO C 79 4.69 29.34 -36.07
N ILE C 80 3.94 30.03 -35.22
CA ILE C 80 3.33 29.40 -34.06
C ILE C 80 2.06 28.67 -34.49
N THR C 81 1.63 27.70 -33.68
CA THR C 81 0.37 27.02 -33.90
C THR C 81 -0.73 27.76 -33.15
N ASN C 82 -1.80 28.13 -33.87
CA ASN C 82 -2.94 28.77 -33.22
C ASN C 82 -3.67 27.72 -32.40
N VAL C 83 -3.43 27.70 -31.09
CA VAL C 83 -4.10 26.78 -30.18
C VAL C 83 -5.39 27.44 -29.73
N PRO C 84 -6.57 26.85 -29.99
CA PRO C 84 -7.81 27.53 -29.69
C PRO C 84 -8.06 27.56 -28.18
N PRO C 85 -8.74 28.59 -27.70
CA PRO C 85 -8.89 28.74 -26.24
C PRO C 85 -10.08 27.95 -25.71
N GLU C 86 -9.97 27.58 -24.43
CA GLU C 86 -11.08 27.03 -23.68
C GLU C 86 -11.74 28.16 -22.89
N VAL C 87 -13.05 28.30 -23.03
CA VAL C 87 -13.78 29.42 -22.47
C VAL C 87 -14.92 28.90 -21.61
N THR C 88 -14.98 29.37 -20.37
CA THR C 88 -16.06 29.04 -19.44
C THR C 88 -16.44 30.28 -18.66
N VAL C 89 -17.75 30.46 -18.45
CA VAL C 89 -18.29 31.64 -17.77
C VAL C 89 -18.78 31.23 -16.40
N LEU C 90 -18.22 31.86 -15.36
CA LEU C 90 -18.54 31.58 -13.98
C LEU C 90 -19.01 32.86 -13.27
N THR C 91 -19.40 32.70 -12.01
CA THR C 91 -19.93 33.80 -11.21
C THR C 91 -19.16 33.88 -9.91
N ASN C 92 -18.83 35.10 -9.49
CA ASN C 92 -17.97 35.28 -8.33
C ASN C 92 -18.61 34.70 -7.07
N SER C 93 -19.91 34.87 -6.90
CA SER C 93 -20.66 34.40 -5.75
C SER C 93 -21.88 33.65 -6.24
N PRO C 94 -22.50 32.82 -5.39
CA PRO C 94 -23.74 32.17 -5.80
C PRO C 94 -24.79 33.22 -6.15
N VAL C 95 -25.41 33.04 -7.31
CA VAL C 95 -26.26 34.06 -7.91
C VAL C 95 -27.56 34.15 -7.13
N GLU C 96 -27.81 35.31 -6.53
CA GLU C 96 -29.08 35.62 -5.91
C GLU C 96 -29.68 36.84 -6.58
N LEU C 97 -31.01 36.84 -6.73
CA LEU C 97 -31.69 37.91 -7.47
C LEU C 97 -31.44 39.27 -6.84
N ARG C 98 -31.16 40.25 -7.70
CA ARG C 98 -31.00 41.66 -7.33
C ARG C 98 -29.87 41.90 -6.36
N GLU C 99 -28.92 40.98 -6.23
CA GLU C 99 -27.80 41.15 -5.32
C GLU C 99 -26.50 41.22 -6.10
N PRO C 100 -25.69 42.27 -5.91
CA PRO C 100 -24.57 42.52 -6.83
C PRO C 100 -23.59 41.37 -6.88
N ASN C 101 -23.17 41.05 -8.10
CA ASN C 101 -22.26 39.93 -8.36
C ASN C 101 -21.29 40.33 -9.46
N VAL C 102 -20.46 39.38 -9.88
CA VAL C 102 -19.55 39.58 -11.00
C VAL C 102 -19.59 38.35 -11.90
N LEU C 103 -19.58 38.57 -13.21
CA LEU C 103 -19.45 37.50 -14.19
C LEU C 103 -18.00 37.40 -14.62
N ILE C 104 -17.43 36.20 -14.50
CA ILE C 104 -16.03 35.95 -14.78
C ILE C 104 -15.95 35.08 -16.03
N CYS C 105 -15.31 35.59 -17.08
CA CYS C 105 -15.05 34.82 -18.29
C CYS C 105 -13.63 34.26 -18.21
N PHE C 106 -13.52 32.94 -18.15
CA PHE C 106 -12.26 32.24 -17.96
C PHE C 106 -11.80 31.70 -19.31
N ILE C 107 -10.73 32.29 -19.86
CA ILE C 107 -10.17 31.89 -21.14
C ILE C 107 -8.85 31.18 -20.85
N ASP C 108 -8.73 29.93 -21.30
CA ASP C 108 -7.66 29.06 -20.86
C ASP C 108 -7.05 28.28 -22.02
N LYS C 109 -5.76 27.96 -21.88
CA LYS C 109 -5.07 26.93 -22.67
C LYS C 109 -4.95 27.31 -24.15
N PHE C 110 -4.48 28.52 -24.44
CA PHE C 110 -4.39 29.00 -25.81
C PHE C 110 -3.07 29.72 -26.06
N THR C 111 -2.72 29.80 -27.34
CA THR C 111 -1.59 30.58 -27.84
C THR C 111 -1.82 30.76 -29.32
N PRO C 112 -1.40 31.89 -29.90
CA PRO C 112 -0.65 33.04 -29.36
C PRO C 112 -1.45 33.91 -28.40
N PRO C 113 -0.76 34.79 -27.65
CA PRO C 113 -1.46 35.63 -26.65
C PRO C 113 -2.15 36.82 -27.29
N VAL C 114 -3.13 36.53 -28.15
CA VAL C 114 -3.94 37.56 -28.81
C VAL C 114 -5.35 37.03 -28.91
N VAL C 115 -6.31 37.74 -28.32
CA VAL C 115 -7.70 37.33 -28.31
C VAL C 115 -8.57 38.58 -28.24
N ASN C 116 -9.66 38.58 -29.00
CA ASN C 116 -10.70 39.63 -28.94
C ASN C 116 -11.80 39.14 -28.01
N VAL C 117 -11.97 39.85 -26.89
CA VAL C 117 -12.99 39.48 -25.89
C VAL C 117 -13.96 40.65 -25.75
N THR C 118 -15.25 40.33 -25.87
CA THR C 118 -16.31 41.33 -25.77
C THR C 118 -17.50 40.72 -25.05
N TRP C 119 -18.03 41.44 -24.06
CA TRP C 119 -19.21 41.02 -23.32
C TRP C 119 -20.47 41.37 -24.10
N LEU C 120 -21.54 40.63 -23.84
CA LEU C 120 -22.78 40.78 -24.62
C LEU C 120 -23.97 40.58 -23.70
N ARG C 121 -24.53 41.70 -23.21
CA ARG C 121 -25.76 41.67 -22.43
C ARG C 121 -26.94 41.76 -23.39
N ASN C 122 -27.75 40.69 -23.45
CA ASN C 122 -28.91 40.59 -24.33
C ASN C 122 -28.54 40.74 -25.80
N GLY C 123 -27.28 40.50 -26.14
CA GLY C 123 -26.78 40.73 -27.48
C GLY C 123 -26.02 42.03 -27.65
N LYS C 124 -26.26 42.99 -26.78
CA LYS C 124 -25.62 44.30 -26.92
C LYS C 124 -24.24 44.28 -26.26
N PRO C 125 -23.20 44.76 -26.95
CA PRO C 125 -21.88 44.85 -26.32
C PRO C 125 -21.90 45.78 -25.11
N VAL C 126 -21.19 45.36 -24.06
CA VAL C 126 -21.08 46.10 -22.81
C VAL C 126 -19.63 46.47 -22.59
N THR C 127 -19.35 47.77 -22.57
CA THR C 127 -18.00 48.30 -22.39
C THR C 127 -17.92 49.16 -21.14
N THR C 128 -18.73 48.85 -20.12
CA THR C 128 -18.84 49.69 -18.93
C THR C 128 -18.66 48.84 -17.69
N GLY C 129 -17.65 49.19 -16.89
CA GLY C 129 -17.30 48.38 -15.74
C GLY C 129 -16.49 47.15 -16.05
N VAL C 130 -16.35 46.79 -17.33
CA VAL C 130 -15.61 45.60 -17.71
C VAL C 130 -14.14 45.76 -17.33
N SER C 131 -13.56 44.68 -16.81
CA SER C 131 -12.16 44.63 -16.43
C SER C 131 -11.52 43.40 -17.07
N GLU C 132 -10.19 43.32 -16.99
CA GLU C 132 -9.46 42.21 -17.58
C GLU C 132 -8.07 42.14 -16.97
N THR C 133 -7.50 40.95 -17.02
CA THR C 133 -6.12 40.71 -16.63
C THR C 133 -5.24 40.63 -17.87
N VAL C 134 -3.94 40.86 -17.69
CA VAL C 134 -3.00 40.66 -18.77
C VAL C 134 -2.92 39.17 -19.04
N PHE C 135 -2.22 38.77 -20.10
CA PHE C 135 -2.14 37.37 -20.47
C PHE C 135 -1.32 36.61 -19.46
N LEU C 136 -1.97 35.79 -18.64
CA LEU C 136 -1.30 35.07 -17.57
C LEU C 136 -0.69 33.78 -18.11
N PRO C 137 0.56 33.47 -17.77
CA PRO C 137 1.24 32.30 -18.35
C PRO C 137 0.92 30.99 -17.63
N ARG C 138 0.71 29.94 -18.42
CA ARG C 138 0.44 28.61 -17.92
C ARG C 138 1.75 27.85 -17.72
N GLU C 139 1.65 26.62 -17.20
CA GLU C 139 2.84 25.81 -16.98
C GLU C 139 3.19 24.93 -18.16
N ASP C 140 2.26 24.73 -19.09
CA ASP C 140 2.58 24.15 -20.38
C ASP C 140 2.92 25.21 -21.41
N HIS C 141 3.09 26.46 -20.96
CA HIS C 141 3.62 27.57 -21.74
C HIS C 141 2.65 28.05 -22.81
N LEU C 142 1.39 27.64 -22.74
CA LEU C 142 0.29 28.37 -23.36
C LEU C 142 -0.06 29.56 -22.46
N PHE C 143 -1.30 30.03 -22.52
CA PHE C 143 -1.69 31.20 -21.75
C PHE C 143 -3.12 31.06 -21.26
N ARG C 144 -3.46 31.86 -20.24
CA ARG C 144 -4.82 31.97 -19.74
C ARG C 144 -5.12 33.44 -19.50
N LYS C 145 -6.41 33.76 -19.42
CA LYS C 145 -6.82 35.15 -19.28
C LYS C 145 -8.17 35.21 -18.56
N PHE C 146 -8.38 36.32 -17.85
CA PHE C 146 -9.60 36.57 -17.09
C PHE C 146 -10.25 37.87 -17.55
N HIS C 147 -11.57 37.83 -17.72
CA HIS C 147 -12.37 39.01 -18.03
C HIS C 147 -13.56 39.07 -17.07
N TYR C 148 -13.81 40.26 -16.52
CA TYR C 148 -14.81 40.44 -15.48
C TYR C 148 -15.90 41.40 -15.93
N LEU C 149 -17.10 41.20 -15.40
CA LEU C 149 -18.25 42.06 -15.68
C LEU C 149 -19.10 42.19 -14.43
N PRO C 150 -18.86 43.22 -13.61
CA PRO C 150 -19.75 43.44 -12.46
C PRO C 150 -21.17 43.68 -12.95
N PHE C 151 -22.14 43.04 -12.29
CA PHE C 151 -23.50 43.08 -12.78
C PHE C 151 -24.48 42.84 -11.63
N LEU C 152 -25.75 42.95 -11.98
CA LEU C 152 -26.86 42.76 -11.03
C LEU C 152 -27.76 41.68 -11.57
N PRO C 153 -27.79 40.49 -10.96
CA PRO C 153 -28.55 39.37 -11.53
C PRO C 153 -30.02 39.67 -11.70
N SER C 154 -30.61 39.04 -12.72
CA SER C 154 -32.02 39.18 -13.04
C SER C 154 -32.44 38.01 -13.92
N THR C 155 -33.70 37.62 -13.79
CA THR C 155 -34.19 36.46 -14.51
C THR C 155 -34.26 36.74 -16.00
N GLU C 156 -34.58 37.98 -16.37
CA GLU C 156 -34.83 38.30 -17.77
C GLU C 156 -33.53 38.39 -18.55
N ASP C 157 -32.55 39.10 -18.03
CA ASP C 157 -31.32 39.36 -18.77
C ASP C 157 -30.51 38.08 -18.98
N VAL C 158 -29.85 38.00 -20.14
CA VAL C 158 -28.91 36.94 -20.44
C VAL C 158 -27.59 37.60 -20.83
N TYR C 159 -26.50 36.86 -20.66
CA TYR C 159 -25.16 37.36 -20.92
C TYR C 159 -24.38 36.37 -21.77
N ASP C 160 -23.41 36.90 -22.51
CA ASP C 160 -22.57 36.09 -23.39
C ASP C 160 -21.15 36.62 -23.34
N CYS C 161 -20.18 35.71 -23.37
CA CYS C 161 -18.78 36.06 -23.52
C CYS C 161 -18.38 35.72 -24.95
N ARG C 162 -17.97 36.73 -25.71
CA ARG C 162 -17.55 36.55 -27.10
C ARG C 162 -16.04 36.52 -27.15
N VAL C 163 -15.48 35.35 -27.45
CA VAL C 163 -14.04 35.15 -27.54
C VAL C 163 -13.69 34.84 -28.99
N GLU C 164 -12.80 35.64 -29.56
CA GLU C 164 -12.38 35.52 -30.95
C GLU C 164 -10.89 35.23 -30.98
N HIS C 165 -10.51 34.12 -31.60
CA HIS C 165 -9.11 33.68 -31.60
C HIS C 165 -8.79 32.95 -32.89
N TRP C 166 -7.53 33.08 -33.34
CA TRP C 166 -7.13 32.57 -34.64
C TRP C 166 -7.22 31.05 -34.74
N GLY C 167 -7.13 30.34 -33.62
CA GLY C 167 -7.40 28.91 -33.63
C GLY C 167 -8.84 28.53 -33.93
N LEU C 168 -9.73 29.51 -34.11
CA LEU C 168 -11.13 29.24 -34.33
C LEU C 168 -11.58 29.83 -35.66
N ASP C 169 -12.69 29.29 -36.18
CA ASP C 169 -13.34 29.86 -37.37
C ASP C 169 -14.32 30.96 -36.99
N GLU C 170 -15.34 30.60 -36.27
CA GLU C 170 -16.35 31.51 -35.75
C GLU C 170 -15.96 32.00 -34.37
N PRO C 171 -16.45 33.15 -33.94
CA PRO C 171 -16.24 33.57 -32.54
C PRO C 171 -16.96 32.61 -31.61
N LEU C 172 -16.38 32.40 -30.43
CA LEU C 172 -16.96 31.50 -29.44
C LEU C 172 -17.83 32.30 -28.49
N LEU C 173 -19.02 31.76 -28.20
CA LEU C 173 -19.99 32.41 -27.33
C LEU C 173 -20.40 31.46 -26.22
N LYS C 174 -20.00 31.76 -24.98
CA LYS C 174 -20.44 31.04 -23.80
C LYS C 174 -21.59 31.81 -23.17
N HIS C 175 -22.76 31.19 -23.10
CA HIS C 175 -23.98 31.83 -22.64
C HIS C 175 -24.16 31.62 -21.15
N TRP C 176 -24.58 32.68 -20.46
CA TRP C 176 -24.93 32.59 -19.04
C TRP C 176 -26.30 33.22 -18.82
N GLU C 177 -27.15 32.54 -18.06
CA GLU C 177 -28.44 33.06 -17.65
C GLU C 177 -28.64 32.74 -16.18
N PHE C 178 -29.62 33.41 -15.56
CA PHE C 178 -29.83 33.26 -14.12
C PHE C 178 -30.13 31.80 -13.75
N ASP C 179 -31.14 31.21 -14.37
CA ASP C 179 -31.33 29.78 -14.21
C ASP C 179 -30.27 29.02 -15.01
N THR C 180 -30.08 27.75 -14.65
CA THR C 180 -29.03 26.91 -15.22
C THR C 180 -27.66 27.56 -15.06
N SER C 181 -27.36 27.97 -13.82
CA SER C 181 -26.06 28.50 -13.48
C SER C 181 -25.09 27.41 -13.03
N GLY C 182 -25.35 26.15 -13.41
CA GLY C 182 -24.52 25.04 -12.99
C GLY C 182 -24.00 24.20 -14.13
N GLU C 183 -23.17 24.80 -14.99
CA GLU C 183 -22.48 24.03 -16.03
C GLU C 183 -21.28 23.28 -15.49
N ASN C 184 -20.88 23.54 -14.26
CA ASN C 184 -19.69 22.90 -13.69
C ASN C 184 -19.95 21.43 -13.38
N LEU C 185 -18.89 20.63 -13.41
CA LEU C 185 -18.97 19.20 -13.15
C LEU C 185 -19.07 18.91 -11.65
N ASP D 1 -7.55 14.11 -48.80
CA ASP D 1 -7.06 13.67 -47.50
C ASP D 1 -5.56 13.95 -47.39
N ILE D 2 -5.14 14.58 -46.29
CA ILE D 2 -3.72 14.89 -46.11
C ILE D 2 -2.98 13.62 -45.73
N GLN D 3 -1.81 13.43 -46.34
CA GLN D 3 -1.02 12.22 -46.16
C GLN D 3 0.11 12.50 -45.17
N MET D 4 0.26 11.61 -44.20
CA MET D 4 1.26 11.72 -43.15
C MET D 4 2.30 10.62 -43.30
N THR D 5 3.57 11.01 -43.44
CA THR D 5 4.67 10.08 -43.66
C THR D 5 5.63 10.13 -42.47
N GLN D 6 5.67 9.04 -41.71
CA GLN D 6 6.60 8.90 -40.59
C GLN D 6 7.89 8.26 -41.08
N SER D 7 9.03 8.75 -40.58
CA SER D 7 10.24 8.32 -41.26
C SER D 7 10.77 7.01 -40.67
N PRO D 8 11.30 6.96 -39.45
CA PRO D 8 11.82 5.66 -38.96
C PRO D 8 10.66 4.70 -38.74
N SER D 9 10.67 3.59 -39.45
CA SER D 9 9.57 2.64 -39.32
C SER D 9 9.83 1.60 -38.25
N SER D 10 11.09 1.28 -37.98
CA SER D 10 11.42 0.24 -37.02
C SER D 10 12.75 0.57 -36.36
N LEU D 11 12.86 1.76 -35.79
CA LEU D 11 14.08 2.17 -35.10
C LEU D 11 14.33 1.30 -33.87
N SER D 12 15.61 1.12 -33.54
CA SER D 12 16.01 0.32 -32.38
C SER D 12 17.28 0.89 -31.78
N ALA D 13 17.21 1.38 -30.55
CA ALA D 13 18.34 2.02 -29.89
C ALA D 13 18.42 1.59 -28.44
N SER D 14 19.45 2.09 -27.75
CA SER D 14 19.81 1.65 -26.40
C SER D 14 19.39 2.70 -25.37
N LEU D 15 19.69 2.40 -24.10
CA LEU D 15 19.35 3.29 -23.00
C LEU D 15 20.27 4.51 -22.96
N GLY D 16 19.69 5.64 -22.55
CA GLY D 16 20.43 6.89 -22.49
C GLY D 16 20.91 7.35 -23.86
N GLN D 17 20.06 7.23 -24.87
CA GLN D 17 20.41 7.52 -26.24
C GLN D 17 19.32 8.39 -26.83
N ARG D 18 19.67 9.20 -27.82
CA ARG D 18 18.72 10.13 -28.39
C ARG D 18 18.19 9.58 -29.71
N VAL D 19 16.87 9.56 -29.84
CA VAL D 19 16.21 9.18 -31.07
C VAL D 19 15.37 10.36 -31.53
N SER D 20 14.84 10.26 -32.75
CA SER D 20 14.04 11.33 -33.30
C SER D 20 13.13 10.73 -34.37
N LEU D 21 11.83 10.91 -34.20
CA LEU D 21 10.87 10.53 -35.23
C LEU D 21 10.53 11.76 -36.06
N THR D 22 10.29 11.54 -37.34
CA THR D 22 9.93 12.62 -38.25
C THR D 22 8.62 12.26 -38.93
N CYS D 23 7.68 13.19 -38.91
CA CYS D 23 6.39 13.03 -39.56
C CYS D 23 6.24 14.18 -40.55
N ARG D 24 6.09 13.84 -41.83
CA ARG D 24 6.08 14.81 -42.92
C ARG D 24 4.66 14.97 -43.47
N ALA D 25 4.23 16.22 -43.66
CA ALA D 25 2.87 16.52 -44.07
C ALA D 25 2.81 16.74 -45.58
N SER D 26 1.79 16.15 -46.22
CA SER D 26 1.65 16.31 -47.66
C SER D 26 1.36 17.76 -48.04
N GLN D 27 0.46 18.43 -47.32
CA GLN D 27 0.05 19.81 -47.45
C GLN D 27 0.54 20.57 -46.20
N GLU D 28 -0.06 21.72 -45.95
CA GLU D 28 0.24 22.51 -44.76
C GLU D 28 -0.80 22.16 -43.70
N ILE D 29 -0.35 21.61 -42.57
CA ILE D 29 -1.23 21.28 -41.46
C ILE D 29 -1.27 22.38 -40.41
N SER D 30 -0.56 23.48 -40.65
CA SER D 30 -0.58 24.68 -39.83
C SER D 30 -0.40 24.38 -38.35
N GLY D 31 0.57 23.51 -38.05
CA GLY D 31 0.97 23.25 -36.69
C GLY D 31 0.12 22.27 -35.92
N TYR D 32 -0.99 21.79 -36.50
CA TYR D 32 -1.91 20.93 -35.75
C TYR D 32 -1.46 19.47 -35.92
N LEU D 33 -0.47 19.10 -35.11
CA LEU D 33 0.12 17.76 -35.16
C LEU D 33 0.33 17.25 -33.74
N THR D 34 -0.21 16.07 -33.44
CA THR D 34 -0.01 15.44 -32.14
C THR D 34 0.84 14.19 -32.30
N TRP D 35 1.51 13.82 -31.22
CA TRP D 35 2.32 12.60 -31.16
C TRP D 35 1.72 11.66 -30.13
N LEU D 36 1.45 10.43 -30.53
CA LEU D 36 0.84 9.45 -29.65
C LEU D 36 1.81 8.29 -29.37
N GLN D 37 1.63 7.68 -28.20
CA GLN D 37 2.39 6.51 -27.80
C GLN D 37 1.42 5.37 -27.52
N GLN D 38 1.70 4.19 -28.08
CA GLN D 38 0.85 3.02 -27.89
C GLN D 38 1.70 1.89 -27.31
N LYS D 39 1.60 1.71 -25.99
CA LYS D 39 2.18 0.53 -25.36
C LYS D 39 1.52 -0.72 -25.96
N PRO D 40 2.21 -1.87 -25.93
CA PRO D 40 1.71 -3.03 -26.70
C PRO D 40 0.35 -3.52 -26.28
N ASP D 41 -0.12 -3.18 -25.07
CA ASP D 41 -1.41 -3.62 -24.56
C ASP D 41 -2.58 -2.88 -25.17
N GLY D 42 -2.35 -1.93 -26.07
CA GLY D 42 -3.40 -1.16 -26.72
C GLY D 42 -3.50 0.26 -26.23
N THR D 43 -3.14 0.50 -24.97
CA THR D 43 -3.21 1.83 -24.36
C THR D 43 -2.53 2.88 -25.22
N ILE D 44 -3.24 3.97 -25.47
CA ILE D 44 -2.72 5.11 -26.23
C ILE D 44 -2.72 6.33 -25.33
N LYS D 45 -1.52 6.85 -25.04
CA LYS D 45 -1.35 8.03 -24.22
C LYS D 45 -0.78 9.15 -25.08
N ARG D 46 -1.34 10.36 -24.94
CA ARG D 46 -0.90 11.48 -25.74
C ARG D 46 0.33 12.15 -25.11
N LEU D 47 1.37 12.34 -25.91
CA LEU D 47 2.62 12.92 -25.45
C LEU D 47 2.71 14.41 -25.76
N VAL D 48 2.49 14.79 -27.01
CA VAL D 48 2.61 16.17 -27.46
C VAL D 48 1.43 16.49 -28.38
N TYR D 49 0.89 17.71 -28.25
CA TYR D 49 -0.16 18.17 -29.14
C TYR D 49 0.20 19.54 -29.70
N ALA D 50 -0.43 19.89 -30.81
CA ALA D 50 -0.24 21.19 -31.47
C ALA D 50 1.24 21.47 -31.70
N ALA D 51 1.91 20.52 -32.36
CA ALA D 51 3.29 20.65 -32.83
C ALA D 51 4.31 20.48 -31.72
N SER D 52 4.22 21.27 -30.65
CA SER D 52 5.25 21.19 -29.62
C SER D 52 4.70 21.65 -28.27
N THR D 53 3.46 21.29 -27.97
CA THR D 53 2.89 21.54 -26.65
C THR D 53 2.94 20.25 -25.86
N LEU D 54 3.70 20.26 -24.77
CA LEU D 54 3.96 19.04 -24.02
C LEU D 54 2.77 18.76 -23.12
N ASP D 55 2.24 17.53 -23.21
CA ASP D 55 1.09 17.17 -22.41
C ASP D 55 1.47 17.17 -20.92
N SER D 56 0.44 17.06 -20.07
CA SER D 56 0.63 17.31 -18.64
C SER D 56 1.56 16.27 -18.01
N GLY D 57 1.19 14.99 -18.11
CA GLY D 57 1.98 13.94 -17.48
C GLY D 57 2.97 13.31 -18.42
N VAL D 58 3.82 14.14 -19.05
CA VAL D 58 4.84 13.65 -19.97
C VAL D 58 6.20 14.18 -19.52
N PRO D 59 7.20 13.32 -19.36
CA PRO D 59 8.52 13.80 -18.92
C PRO D 59 9.12 14.78 -19.92
N LYS D 60 10.10 15.55 -19.44
CA LYS D 60 10.71 16.58 -20.26
C LYS D 60 11.68 16.04 -21.29
N ARG D 61 12.02 14.74 -21.24
CA ARG D 61 12.84 14.18 -22.30
C ARG D 61 12.09 14.17 -23.63
N PHE D 62 10.77 14.06 -23.59
CA PHE D 62 9.98 14.16 -24.81
C PHE D 62 9.91 15.61 -25.26
N SER D 63 10.00 15.82 -26.58
CA SER D 63 10.14 17.17 -27.11
C SER D 63 9.65 17.18 -28.55
N GLY D 64 8.62 17.98 -28.83
CA GLY D 64 8.15 18.17 -30.19
C GLY D 64 8.72 19.43 -30.81
N SER D 65 8.73 19.47 -32.13
CA SER D 65 9.28 20.62 -32.84
C SER D 65 8.73 20.64 -34.26
N ARG D 66 8.92 21.77 -34.92
CA ARG D 66 8.48 21.99 -36.29
C ARG D 66 9.54 22.76 -37.02
N SER D 67 9.88 22.31 -38.23
CA SER D 67 10.72 23.07 -39.16
C SER D 67 10.03 22.97 -40.51
N GLY D 68 9.25 23.99 -40.86
CA GLY D 68 8.54 23.97 -42.12
C GLY D 68 7.35 23.04 -42.04
N SER D 69 7.35 22.01 -42.89
CA SER D 69 6.35 20.97 -42.84
C SER D 69 6.90 19.66 -42.28
N ASP D 70 8.06 19.72 -41.63
CA ASP D 70 8.66 18.56 -40.97
C ASP D 70 8.44 18.70 -39.47
N TYR D 71 7.79 17.70 -38.87
CA TYR D 71 7.51 17.67 -37.45
C TYR D 71 8.28 16.50 -36.82
N SER D 72 8.89 16.75 -35.66
CA SER D 72 9.83 15.83 -35.06
C SER D 72 9.56 15.65 -33.57
N LEU D 73 9.39 14.39 -33.15
CA LEU D 73 9.39 14.00 -31.74
C LEU D 73 10.78 13.52 -31.37
N THR D 74 11.34 14.05 -30.29
CA THR D 74 12.73 13.78 -29.92
C THR D 74 12.82 13.36 -28.45
N ILE D 75 13.03 12.07 -28.23
CA ILE D 75 13.23 11.50 -26.90
C ILE D 75 14.72 11.52 -26.57
N SER D 76 15.08 12.16 -25.46
CA SER D 76 16.50 12.35 -25.11
C SER D 76 17.15 11.18 -24.38
N SER D 77 16.73 10.92 -23.15
CA SER D 77 17.35 9.89 -22.31
C SER D 77 16.47 8.65 -22.29
N LEU D 78 16.52 7.88 -23.38
CA LEU D 78 15.67 6.70 -23.56
C LEU D 78 15.70 5.82 -22.33
N GLU D 79 14.53 5.64 -21.72
CA GLU D 79 14.35 4.77 -20.58
C GLU D 79 13.48 3.59 -20.99
N SER D 80 13.48 2.55 -20.15
CA SER D 80 12.80 1.30 -20.52
C SER D 80 11.36 1.55 -20.91
N GLU D 81 10.66 2.39 -20.16
CA GLU D 81 9.24 2.64 -20.41
C GLU D 81 8.98 3.33 -21.75
N ASP D 82 9.98 3.99 -22.33
CA ASP D 82 9.79 4.76 -23.56
C ASP D 82 9.85 3.89 -24.83
N PHE D 83 9.68 2.58 -24.72
CA PHE D 83 9.82 1.69 -25.85
C PHE D 83 8.46 1.10 -26.18
N ALA D 84 7.84 1.61 -27.23
CA ALA D 84 6.53 1.15 -27.65
C ALA D 84 6.35 1.59 -29.11
N ASP D 85 5.11 1.55 -29.59
CA ASP D 85 4.77 2.03 -30.92
C ASP D 85 4.34 3.48 -30.86
N TYR D 86 4.69 4.24 -31.89
CA TYR D 86 4.47 5.69 -31.92
C TYR D 86 3.81 6.10 -33.21
N TYR D 87 2.70 6.84 -33.11
CA TYR D 87 1.96 7.35 -34.24
C TYR D 87 1.94 8.87 -34.20
N CYS D 88 1.90 9.49 -35.37
CA CYS D 88 1.72 10.94 -35.50
C CYS D 88 0.33 11.22 -36.06
N LEU D 89 -0.21 12.38 -35.73
CA LEU D 89 -1.62 12.67 -35.98
C LEU D 89 -1.80 14.14 -36.35
N GLN D 90 -2.47 14.36 -37.48
CA GLN D 90 -2.83 15.68 -37.96
C GLN D 90 -4.31 15.94 -37.73
N TYR D 91 -4.63 17.15 -37.31
CA TYR D 91 -6.01 17.54 -37.05
C TYR D 91 -6.25 18.97 -37.49
N THR D 92 -5.74 19.32 -38.66
CA THR D 92 -5.99 20.64 -39.24
C THR D 92 -7.31 20.69 -39.98
N ASN D 93 -7.84 19.56 -40.44
CA ASN D 93 -9.11 19.51 -41.13
C ASN D 93 -9.55 18.05 -41.24
N TYR D 94 -10.85 17.84 -41.32
CA TYR D 94 -11.37 16.50 -41.56
C TYR D 94 -11.02 16.04 -42.98
N PRO D 95 -10.68 14.75 -43.17
CA PRO D 95 -10.60 13.74 -42.12
C PRO D 95 -9.26 13.74 -41.40
N LEU D 96 -9.28 13.41 -40.11
CA LEU D 96 -8.02 13.26 -39.37
C LEU D 96 -7.27 12.03 -39.89
N THR D 97 -5.98 12.20 -40.12
CA THR D 97 -5.14 11.14 -40.68
C THR D 97 -3.97 10.88 -39.75
N PHE D 98 -3.65 9.60 -39.57
CA PHE D 98 -2.55 9.15 -38.72
C PHE D 98 -1.32 8.80 -39.57
N GLY D 99 -0.16 8.88 -38.92
CA GLY D 99 1.05 8.34 -39.51
C GLY D 99 1.02 6.82 -39.52
N ALA D 100 2.11 6.25 -40.04
CA ALA D 100 2.19 4.81 -40.23
C ALA D 100 2.65 4.07 -38.97
N GLY D 101 3.46 4.70 -38.15
CA GLY D 101 3.96 4.10 -36.93
C GLY D 101 5.48 4.09 -36.88
N THR D 102 5.98 3.62 -35.75
CA THR D 102 7.42 3.50 -35.53
C THR D 102 7.63 2.54 -34.37
N LYS D 103 7.90 1.27 -34.68
CA LYS D 103 8.22 0.30 -33.64
C LYS D 103 9.57 0.65 -33.05
N LEU D 104 9.59 1.00 -31.77
CA LEU D 104 10.82 1.31 -31.07
C LEU D 104 11.19 0.15 -30.16
N GLU D 105 12.41 -0.37 -30.33
CA GLU D 105 12.87 -1.55 -29.60
C GLU D 105 14.15 -1.22 -28.84
N LEU D 106 14.23 -1.73 -27.60
CA LEU D 106 15.37 -1.50 -26.73
C LEU D 106 16.47 -2.53 -27.00
N LYS D 107 17.62 -2.05 -27.49
CA LYS D 107 18.78 -2.90 -27.73
C LYS D 107 19.55 -3.17 -26.44
N ARG D 108 19.75 -4.46 -26.15
CA ARG D 108 20.49 -4.90 -24.97
C ARG D 108 21.56 -5.91 -25.39
N THR D 109 22.28 -6.44 -24.41
CA THR D 109 23.27 -7.48 -24.67
C THR D 109 22.57 -8.78 -25.04
N VAL D 110 23.32 -9.65 -25.73
CA VAL D 110 22.76 -10.89 -26.21
C VAL D 110 22.39 -11.78 -25.01
N ALA D 111 21.32 -12.56 -25.19
CA ALA D 111 20.80 -13.42 -24.13
C ALA D 111 20.38 -14.75 -24.74
N ALA D 112 20.77 -15.85 -24.09
CA ALA D 112 20.43 -17.14 -24.66
C ALA D 112 19.06 -17.60 -24.15
N PRO D 113 18.29 -18.29 -25.00
CA PRO D 113 16.98 -18.79 -24.58
C PRO D 113 17.09 -20.02 -23.69
N SER D 114 16.37 -20.02 -22.57
CA SER D 114 16.16 -21.24 -21.82
C SER D 114 15.01 -22.01 -22.46
N VAL D 115 15.28 -23.24 -22.90
CA VAL D 115 14.34 -23.99 -23.74
C VAL D 115 13.65 -25.06 -22.90
N PHE D 116 12.33 -25.04 -22.93
CA PHE D 116 11.51 -26.05 -22.29
C PHE D 116 10.62 -26.71 -23.35
N ILE D 117 10.19 -27.94 -23.09
CA ILE D 117 9.32 -28.64 -24.02
C ILE D 117 8.24 -29.37 -23.22
N PHE D 118 7.01 -29.31 -23.71
CA PHE D 118 5.86 -29.83 -22.99
C PHE D 118 5.19 -30.93 -23.81
N PRO D 119 5.06 -32.14 -23.28
CA PRO D 119 4.25 -33.15 -23.95
C PRO D 119 2.79 -32.75 -23.97
N PRO D 120 1.97 -33.37 -24.80
CA PRO D 120 0.54 -33.04 -24.81
C PRO D 120 -0.12 -33.49 -23.53
N SER D 121 -1.25 -32.86 -23.25
CA SER D 121 -2.02 -33.19 -22.07
C SER D 121 -2.82 -34.46 -22.30
N ASP D 122 -3.04 -35.22 -21.23
CA ASP D 122 -3.86 -36.42 -21.33
C ASP D 122 -5.28 -36.07 -21.76
N GLU D 123 -5.82 -34.98 -21.21
CA GLU D 123 -7.15 -34.52 -21.61
C GLU D 123 -7.21 -34.23 -23.10
N GLN D 124 -6.16 -33.64 -23.66
CA GLN D 124 -6.19 -33.27 -25.08
C GLN D 124 -6.20 -34.50 -25.98
N LEU D 125 -5.41 -35.52 -25.63
CA LEU D 125 -5.37 -36.75 -26.42
C LEU D 125 -6.77 -37.37 -26.52
N LYS D 126 -7.48 -37.42 -25.39
CA LYS D 126 -8.85 -37.90 -25.38
C LYS D 126 -9.73 -37.09 -26.33
N SER D 127 -9.42 -35.81 -26.51
CA SER D 127 -10.22 -34.92 -27.35
C SER D 127 -9.93 -35.09 -28.84
N GLY D 128 -9.09 -36.06 -29.22
CA GLY D 128 -8.84 -36.36 -30.60
C GLY D 128 -7.70 -35.60 -31.25
N THR D 129 -7.15 -34.59 -30.59
CA THR D 129 -6.02 -33.82 -31.08
C THR D 129 -4.84 -33.98 -30.13
N ALA D 130 -3.70 -33.42 -30.53
CA ALA D 130 -2.50 -33.44 -29.70
C ALA D 130 -1.63 -32.26 -30.07
N SER D 131 -1.09 -31.59 -29.06
CA SER D 131 -0.26 -30.41 -29.24
C SER D 131 1.00 -30.55 -28.41
N VAL D 132 2.15 -30.41 -29.05
CA VAL D 132 3.43 -30.36 -28.35
C VAL D 132 3.90 -28.91 -28.41
N VAL D 133 4.40 -28.41 -27.28
CA VAL D 133 4.76 -27.02 -27.13
C VAL D 133 6.24 -26.92 -26.81
N CYS D 134 6.93 -26.02 -27.50
CA CYS D 134 8.33 -25.71 -27.22
C CYS D 134 8.42 -24.24 -26.88
N LEU D 135 8.96 -23.94 -25.69
CA LEU D 135 9.07 -22.58 -25.21
C LEU D 135 10.53 -22.14 -25.22
N LEU D 136 10.78 -20.98 -25.80
CA LEU D 136 12.10 -20.35 -25.79
C LEU D 136 11.93 -19.09 -24.96
N ASN D 137 12.39 -19.13 -23.72
CA ASN D 137 12.06 -18.10 -22.75
C ASN D 137 13.21 -17.12 -22.56
N ASN D 138 12.86 -15.83 -22.52
CA ASN D 138 13.74 -14.72 -22.14
C ASN D 138 15.07 -14.76 -22.92
N PHE D 139 14.98 -14.45 -24.21
CA PHE D 139 16.15 -14.38 -25.07
C PHE D 139 16.16 -13.09 -25.87
N TYR D 140 17.35 -12.77 -26.39
CA TYR D 140 17.55 -11.63 -27.26
C TYR D 140 18.76 -11.91 -28.12
N PRO D 141 18.73 -11.58 -29.43
CA PRO D 141 17.67 -10.86 -30.15
C PRO D 141 16.47 -11.70 -30.60
N ARG D 142 15.54 -11.03 -31.28
CA ARG D 142 14.32 -11.69 -31.73
C ARG D 142 14.59 -12.81 -32.72
N GLU D 143 15.69 -12.73 -33.46
CA GLU D 143 15.93 -13.72 -34.53
C GLU D 143 16.32 -15.06 -33.90
N ALA D 144 15.48 -16.07 -34.10
CA ALA D 144 15.75 -17.40 -33.60
C ALA D 144 15.05 -18.42 -34.47
N LYS D 145 15.66 -19.60 -34.59
CA LYS D 145 15.15 -20.68 -35.43
C LYS D 145 14.81 -21.89 -34.58
N VAL D 146 13.58 -22.37 -34.70
CA VAL D 146 13.12 -23.55 -33.98
C VAL D 146 12.67 -24.60 -34.99
N GLN D 147 13.05 -25.86 -34.76
CA GLN D 147 12.71 -26.95 -35.66
C GLN D 147 12.24 -28.17 -34.89
N TRP D 148 11.20 -28.81 -35.41
CA TRP D 148 10.60 -30.01 -34.82
C TRP D 148 11.08 -31.25 -35.55
N LYS D 149 11.72 -32.15 -34.82
CA LYS D 149 12.17 -33.43 -35.35
C LYS D 149 11.43 -34.55 -34.62
N VAL D 150 10.55 -35.25 -35.34
CA VAL D 150 9.83 -36.40 -34.83
C VAL D 150 10.57 -37.66 -35.30
N ASP D 151 11.13 -38.41 -34.34
CA ASP D 151 11.90 -39.63 -34.62
C ASP D 151 13.10 -39.32 -35.52
N ASN D 152 13.82 -38.25 -35.19
CA ASN D 152 14.98 -37.79 -35.96
C ASN D 152 14.59 -37.49 -37.41
N ALA D 153 13.35 -37.08 -37.62
CA ALA D 153 12.83 -36.78 -38.95
C ALA D 153 12.15 -35.42 -38.86
N LEU D 154 12.67 -34.46 -39.59
CA LEU D 154 12.13 -33.11 -39.52
C LEU D 154 10.68 -33.08 -39.98
N GLN D 155 9.78 -32.69 -39.08
CA GLN D 155 8.42 -32.39 -39.51
C GLN D 155 8.44 -30.98 -40.08
N SER D 156 7.80 -30.81 -41.23
CA SER D 156 7.86 -29.56 -41.96
C SER D 156 6.67 -28.66 -41.62
N GLY D 157 5.47 -29.14 -41.91
CA GLY D 157 4.26 -28.43 -41.56
C GLY D 157 3.87 -28.71 -40.13
N ASN D 158 2.66 -28.28 -39.78
CA ASN D 158 2.05 -28.49 -38.47
C ASN D 158 2.75 -27.74 -37.34
N SER D 159 3.51 -26.69 -37.63
CA SER D 159 4.12 -25.86 -36.60
C SER D 159 3.68 -24.42 -36.77
N GLN D 160 3.26 -23.79 -35.67
CA GLN D 160 2.95 -22.37 -35.66
C GLN D 160 3.58 -21.75 -34.41
N GLU D 161 4.37 -20.70 -34.61
CA GLU D 161 5.06 -20.05 -33.49
C GLU D 161 4.43 -18.70 -33.20
N SER D 162 4.86 -18.10 -32.08
CA SER D 162 4.31 -16.83 -31.62
C SER D 162 5.32 -16.15 -30.70
N VAL D 163 5.58 -14.86 -30.96
CA VAL D 163 6.56 -14.08 -30.22
C VAL D 163 5.83 -13.07 -29.34
N THR D 164 6.37 -12.84 -28.15
CA THR D 164 5.84 -11.79 -27.28
C THR D 164 6.49 -10.45 -27.62
N GLU D 165 6.08 -9.41 -26.90
CA GLU D 165 6.73 -8.12 -26.99
C GLU D 165 7.96 -8.08 -26.09
N GLN D 166 8.70 -6.97 -26.19
CA GLN D 166 9.88 -6.79 -25.34
C GLN D 166 9.45 -6.55 -23.89
N ASP D 167 10.06 -7.27 -22.97
CA ASP D 167 9.75 -7.10 -21.56
C ASP D 167 10.23 -5.73 -21.07
N SER D 168 9.38 -5.05 -20.30
CA SER D 168 9.74 -3.73 -19.80
C SER D 168 10.94 -3.80 -18.86
N LYS D 169 11.09 -4.92 -18.15
CA LYS D 169 12.18 -5.06 -17.18
C LYS D 169 13.48 -5.47 -17.87
N ASP D 170 13.52 -6.66 -18.47
CA ASP D 170 14.75 -7.21 -19.03
C ASP D 170 14.86 -7.09 -20.55
N SER D 171 13.83 -6.59 -21.24
CA SER D 171 13.93 -6.27 -22.68
C SER D 171 14.21 -7.51 -23.53
N THR D 172 13.65 -8.65 -23.12
CA THR D 172 13.86 -9.91 -23.83
C THR D 172 12.56 -10.41 -24.43
N TYR D 173 12.70 -11.25 -25.44
CA TYR D 173 11.55 -11.88 -26.07
C TYR D 173 11.36 -13.30 -25.57
N SER D 174 10.19 -13.85 -25.88
CA SER D 174 9.85 -15.23 -25.59
C SER D 174 9.08 -15.79 -26.78
N LEU D 175 9.32 -17.06 -27.07
CA LEU D 175 8.80 -17.67 -28.28
C LEU D 175 8.10 -18.98 -27.94
N SER D 176 7.00 -19.27 -28.63
CA SER D 176 6.19 -20.46 -28.37
C SER D 176 5.88 -21.16 -29.69
N SER D 177 6.61 -22.24 -29.97
CA SER D 177 6.35 -23.06 -31.15
C SER D 177 5.42 -24.21 -30.78
N THR D 178 4.30 -24.31 -31.48
CA THR D 178 3.26 -25.28 -31.16
C THR D 178 3.10 -26.24 -32.33
N LEU D 179 3.40 -27.52 -32.09
CA LEU D 179 3.23 -28.57 -33.08
C LEU D 179 1.96 -29.34 -32.77
N THR D 180 1.04 -29.40 -33.74
CA THR D 180 -0.25 -30.05 -33.54
C THR D 180 -0.39 -31.20 -34.53
N LEU D 181 -0.77 -32.37 -34.02
CA LEU D 181 -0.99 -33.57 -34.82
C LEU D 181 -2.28 -34.22 -34.32
N SER D 182 -2.70 -35.27 -35.00
CA SER D 182 -3.84 -36.04 -34.52
C SER D 182 -3.37 -37.09 -33.52
N LYS D 183 -4.30 -37.55 -32.69
CA LYS D 183 -3.96 -38.60 -31.74
C LYS D 183 -3.41 -39.83 -32.45
N ALA D 184 -3.85 -40.09 -33.68
CA ALA D 184 -3.31 -41.22 -34.44
C ALA D 184 -1.88 -40.96 -34.86
N ASP D 185 -1.61 -39.81 -35.47
CA ASP D 185 -0.26 -39.50 -35.92
C ASP D 185 0.66 -39.22 -34.75
N TYR D 186 0.11 -38.96 -33.56
CA TYR D 186 0.95 -38.78 -32.39
C TYR D 186 1.43 -40.13 -31.87
N GLU D 187 0.51 -41.06 -31.65
CA GLU D 187 0.83 -42.39 -31.14
C GLU D 187 1.67 -43.22 -32.13
N LYS D 188 2.05 -42.69 -33.30
CA LYS D 188 2.84 -43.44 -34.27
C LYS D 188 4.33 -43.16 -34.16
N HIS D 189 4.76 -42.42 -33.15
CA HIS D 189 6.18 -42.12 -32.98
C HIS D 189 6.51 -42.11 -31.50
N LYS D 190 7.81 -42.16 -31.19
CA LYS D 190 8.21 -42.19 -29.79
C LYS D 190 9.03 -40.98 -29.36
N VAL D 191 9.87 -40.40 -30.22
CA VAL D 191 10.72 -39.28 -29.84
C VAL D 191 10.19 -38.00 -30.50
N TYR D 192 9.88 -37.01 -29.68
CA TYR D 192 9.55 -35.67 -30.14
C TYR D 192 10.58 -34.72 -29.58
N ALA D 193 11.18 -33.92 -30.46
CA ALA D 193 12.28 -33.06 -30.06
C ALA D 193 12.06 -31.66 -30.59
N CYS D 194 12.78 -30.72 -30.01
CA CYS D 194 12.69 -29.33 -30.38
C CYS D 194 14.12 -28.81 -30.50
N GLU D 195 14.48 -28.32 -31.67
CA GLU D 195 15.85 -27.90 -31.91
C GLU D 195 15.87 -26.41 -32.16
N VAL D 196 16.60 -25.68 -31.31
CA VAL D 196 16.60 -24.23 -31.27
C VAL D 196 17.99 -23.74 -31.67
N THR D 197 18.04 -22.81 -32.62
CA THR D 197 19.27 -22.18 -33.07
C THR D 197 19.19 -20.69 -32.75
N HIS D 198 20.20 -20.17 -32.05
CA HIS D 198 20.20 -18.77 -31.66
C HIS D 198 21.63 -18.26 -31.62
N GLN D 199 21.77 -16.92 -31.67
CA GLN D 199 23.10 -16.32 -31.67
C GLN D 199 23.77 -16.50 -30.31
N GLY D 200 23.00 -16.43 -29.22
CA GLY D 200 23.57 -16.62 -27.90
C GLY D 200 23.92 -18.05 -27.57
N LEU D 201 23.59 -19.01 -28.44
CA LEU D 201 23.91 -20.41 -28.24
C LEU D 201 25.12 -20.78 -29.09
N SER D 202 26.14 -21.35 -28.44
CA SER D 202 27.33 -21.78 -29.16
C SER D 202 27.01 -22.88 -30.17
N SER D 203 26.04 -23.74 -29.86
CA SER D 203 25.63 -24.82 -30.73
C SER D 203 24.15 -25.07 -30.50
N PRO D 204 23.42 -25.56 -31.51
CA PRO D 204 21.98 -25.79 -31.35
C PRO D 204 21.67 -26.67 -30.14
N VAL D 205 20.70 -26.21 -29.36
CA VAL D 205 20.21 -26.92 -28.17
C VAL D 205 18.98 -27.73 -28.54
N THR D 206 18.89 -28.95 -28.03
CA THR D 206 17.77 -29.84 -28.31
C THR D 206 17.19 -30.34 -27.00
N LYS D 207 15.93 -29.99 -26.72
CA LYS D 207 15.17 -30.59 -25.64
C LYS D 207 14.15 -31.53 -26.24
N SER D 208 13.99 -32.71 -25.63
CA SER D 208 13.18 -33.76 -26.22
C SER D 208 12.51 -34.57 -25.13
N PHE D 209 11.39 -35.19 -25.49
CA PHE D 209 10.67 -36.10 -24.63
C PHE D 209 10.24 -37.32 -25.43
N ASN D 210 10.05 -38.43 -24.74
CA ASN D 210 9.57 -39.66 -25.34
C ASN D 210 8.11 -39.88 -24.93
N ARG D 211 7.32 -40.39 -25.86
CA ARG D 211 5.87 -40.45 -25.66
C ARG D 211 5.50 -41.22 -24.40
N GLY D 212 6.05 -42.43 -24.22
CA GLY D 212 5.64 -43.24 -23.09
C GLY D 212 6.05 -42.65 -21.75
N GLU D 213 7.33 -42.34 -21.59
CA GLU D 213 7.88 -41.87 -20.31
C GLU D 213 7.16 -40.62 -19.82
N ALA E 2 -43.87 -7.95 27.27
CA ALA E 2 -44.42 -8.83 26.23
C ALA E 2 -43.34 -9.53 25.39
N PRO E 3 -42.27 -8.81 25.00
CA PRO E 3 -41.12 -9.52 24.40
C PRO E 3 -40.43 -10.41 25.42
N LYS E 4 -40.08 -11.61 25.00
CA LYS E 4 -39.48 -12.61 25.87
C LYS E 4 -38.13 -13.01 25.32
N TYR E 5 -37.10 -12.88 26.14
CA TYR E 5 -35.83 -13.51 25.80
C TYR E 5 -35.98 -15.03 25.81
N VAL E 6 -35.12 -15.69 25.06
CA VAL E 6 -35.12 -17.15 24.98
C VAL E 6 -33.73 -17.64 25.35
N LYS E 7 -33.67 -18.66 26.21
CA LYS E 7 -32.40 -19.22 26.64
C LYS E 7 -31.94 -20.34 25.70
N GLN E 8 -30.65 -20.57 25.68
CA GLN E 8 -30.06 -21.68 24.94
C GLN E 8 -29.68 -22.77 25.95
N ASN E 9 -30.23 -23.97 25.74
CA ASN E 9 -30.00 -25.08 26.66
C ASN E 9 -28.52 -25.46 26.69
N THR E 10 -27.96 -25.58 27.90
CA THR E 10 -26.64 -26.15 28.07
C THR E 10 -26.72 -27.67 28.03
N LEU E 11 -25.90 -28.29 27.18
CA LEU E 11 -25.93 -29.73 27.00
C LEU E 11 -25.01 -30.41 28.00
N LYS E 12 -25.46 -31.56 28.50
CA LYS E 12 -24.65 -32.33 29.41
C LYS E 12 -23.46 -32.93 28.68
N LEU E 13 -22.33 -33.01 29.37
CA LEU E 13 -21.14 -33.64 28.83
C LEU E 13 -21.35 -35.15 28.78
N ALA E 14 -20.28 -35.90 28.49
CA ALA E 14 -20.32 -37.34 28.40
C ALA E 14 -19.55 -37.93 29.57
N THR E 15 -20.21 -38.81 30.33
CA THR E 15 -19.61 -39.43 31.49
C THR E 15 -18.50 -40.38 31.05
N SER E 16 -17.24 -40.04 31.39
CA SER E 16 -16.13 -40.76 30.80
C SER E 16 -14.78 -40.38 31.40
N GLY E 17 -14.53 -40.70 32.67
CA GLY E 17 -13.27 -40.33 33.29
C GLY E 17 -13.04 -41.09 34.58
N GLY E 18 -11.78 -41.08 35.01
CA GLY E 18 -11.37 -41.78 36.22
C GLY E 18 -11.55 -40.98 37.49
N SER E 19 -10.54 -40.95 38.35
CA SER E 19 -10.65 -40.25 39.62
C SER E 19 -9.25 -40.01 40.17
N GLY E 20 -9.20 -39.40 41.36
CA GLY E 20 -7.96 -39.07 42.05
C GLY E 20 -8.22 -38.34 43.34
N SER E 21 -7.47 -37.27 43.58
CA SER E 21 -7.60 -36.49 44.81
C SER E 21 -9.00 -35.91 44.97
N THR E 30 -6.98 -21.28 50.28
CA THR E 30 -5.90 -22.27 50.31
C THR E 30 -6.35 -23.58 49.67
N ARG E 31 -7.64 -23.67 49.36
CA ARG E 31 -8.34 -24.80 48.76
C ARG E 31 -8.38 -24.64 47.23
N PRO E 32 -8.12 -25.71 46.48
CA PRO E 32 -8.16 -25.60 45.01
C PRO E 32 -9.57 -25.37 44.50
N ARG E 33 -9.67 -24.64 43.40
CA ARG E 33 -10.94 -24.26 42.78
C ARG E 33 -11.05 -24.87 41.39
N PHE E 34 -12.30 -25.08 40.96
CA PHE E 34 -12.58 -25.74 39.69
C PHE E 34 -13.72 -25.03 39.01
N LEU E 35 -13.49 -24.55 37.79
CA LEU E 35 -14.43 -23.66 37.10
C LEU E 35 -14.84 -24.26 35.76
N GLU E 36 -16.13 -24.13 35.45
CA GLU E 36 -16.68 -24.50 34.15
C GLU E 36 -17.51 -23.33 33.62
N GLN E 37 -17.20 -22.88 32.41
CA GLN E 37 -17.91 -21.79 31.76
C GLN E 37 -18.64 -22.31 30.53
N VAL E 38 -19.75 -21.63 30.19
CA VAL E 38 -20.49 -21.91 28.98
C VAL E 38 -20.94 -20.58 28.39
N LYS E 39 -20.64 -20.36 27.11
CA LYS E 39 -20.92 -19.09 26.44
C LYS E 39 -21.67 -19.37 25.14
N HIS E 40 -22.99 -19.23 25.17
CA HIS E 40 -23.80 -19.27 23.95
C HIS E 40 -23.79 -17.87 23.34
N GLU E 41 -22.94 -17.65 22.34
CA GLU E 41 -22.76 -16.32 21.78
C GLU E 41 -23.29 -16.24 20.36
N CYS E 42 -23.92 -15.11 20.04
CA CYS E 42 -24.48 -14.81 18.72
C CYS E 42 -23.73 -13.63 18.11
N HIS E 43 -23.34 -13.78 16.85
CA HIS E 43 -22.63 -12.73 16.12
C HIS E 43 -23.51 -12.29 14.94
N PHE E 44 -23.65 -10.98 14.78
CA PHE E 44 -24.52 -10.39 13.78
C PHE E 44 -23.71 -9.50 12.85
N PHE E 45 -23.99 -9.60 11.55
CA PHE E 45 -23.31 -8.86 10.51
C PHE E 45 -24.36 -8.25 9.58
N ASN E 46 -24.07 -7.04 9.08
CA ASN E 46 -24.99 -6.29 8.22
C ASN E 46 -26.39 -6.28 8.81
N GLY E 47 -26.46 -5.83 10.06
CA GLY E 47 -27.71 -5.87 10.79
C GLY E 47 -28.06 -7.29 11.21
N THR E 48 -29.14 -7.82 10.65
CA THR E 48 -29.59 -9.18 10.95
C THR E 48 -29.46 -10.10 9.75
N GLU E 49 -28.59 -9.76 8.79
CA GLU E 49 -28.51 -10.54 7.56
C GLU E 49 -27.76 -11.84 7.78
N ARG E 50 -26.49 -11.75 8.17
CA ARG E 50 -25.66 -12.92 8.44
C ARG E 50 -25.46 -13.06 9.94
N VAL E 51 -25.75 -14.25 10.47
CA VAL E 51 -25.72 -14.52 11.90
C VAL E 51 -24.92 -15.79 12.14
N ARG E 52 -23.84 -15.68 12.93
CA ARG E 52 -23.00 -16.83 13.30
C ARG E 52 -23.27 -17.17 14.77
N PHE E 53 -23.82 -18.36 15.00
CA PHE E 53 -24.03 -18.89 16.33
C PHE E 53 -22.84 -19.74 16.76
N LEU E 54 -22.57 -19.77 18.06
CA LEU E 54 -21.30 -20.32 18.54
C LEU E 54 -21.55 -20.83 19.96
N ASP E 55 -21.96 -22.09 20.06
CA ASP E 55 -22.30 -22.76 21.33
C ASP E 55 -21.03 -23.36 21.92
N ARG E 56 -20.38 -22.61 22.80
CA ARG E 56 -19.05 -22.95 23.31
C ARG E 56 -19.09 -23.44 24.76
N TYR E 57 -18.26 -24.43 25.06
CA TYR E 57 -18.12 -24.99 26.41
C TYR E 57 -16.67 -24.89 26.86
N PHE E 58 -16.46 -24.55 28.13
CA PHE E 58 -15.13 -24.24 28.65
C PHE E 58 -14.86 -24.97 29.95
N TYR E 59 -13.58 -25.08 30.28
CA TYR E 59 -13.13 -25.60 31.57
C TYR E 59 -11.96 -24.74 32.02
N HIS E 60 -12.12 -24.03 33.13
CA HIS E 60 -11.24 -22.95 33.55
C HIS E 60 -11.17 -21.86 32.50
N GLN E 61 -9.99 -21.61 31.94
CA GLN E 61 -9.89 -20.64 30.86
C GLN E 61 -9.67 -21.31 29.51
N GLU E 62 -9.71 -22.63 29.46
CA GLU E 62 -9.44 -23.39 28.23
C GLU E 62 -10.75 -23.77 27.56
N GLU E 63 -10.84 -23.47 26.26
CA GLU E 63 -12.01 -23.87 25.48
C GLU E 63 -11.95 -25.37 25.19
N TYR E 64 -13.03 -26.08 25.48
CA TYR E 64 -13.07 -27.54 25.37
C TYR E 64 -13.75 -27.99 24.08
N VAL E 65 -15.01 -27.63 23.89
CA VAL E 65 -15.79 -28.04 22.73
C VAL E 65 -16.65 -26.88 22.28
N ARG E 66 -16.84 -26.75 20.96
CA ARG E 66 -17.52 -25.60 20.38
C ARG E 66 -18.38 -26.05 19.21
N PHE E 67 -19.65 -25.65 19.22
CA PHE E 67 -20.47 -25.73 18.02
C PHE E 67 -20.32 -24.44 17.22
N ASP E 68 -20.23 -24.59 15.90
CA ASP E 68 -20.17 -23.46 14.99
C ASP E 68 -21.33 -23.58 14.00
N SER E 69 -22.05 -22.48 13.79
CA SER E 69 -23.09 -22.49 12.76
C SER E 69 -22.49 -22.53 11.37
N ASP E 70 -21.25 -22.04 11.19
CA ASP E 70 -20.58 -22.12 9.90
C ASP E 70 -20.09 -23.53 9.59
N VAL E 71 -19.94 -24.37 10.61
CA VAL E 71 -19.47 -25.75 10.44
C VAL E 71 -20.62 -26.74 10.47
N GLY E 72 -21.59 -26.55 11.38
CA GLY E 72 -22.78 -27.37 11.41
C GLY E 72 -22.74 -28.55 12.35
N GLU E 73 -21.65 -28.71 13.11
CA GLU E 73 -21.52 -29.81 14.05
C GLU E 73 -20.56 -29.39 15.15
N TYR E 74 -20.61 -30.11 16.25
CA TYR E 74 -19.67 -29.86 17.34
C TYR E 74 -18.30 -30.39 16.95
N ARG E 75 -17.26 -29.60 17.21
CA ARG E 75 -15.89 -30.02 17.00
C ARG E 75 -15.06 -29.64 18.21
N ALA E 76 -14.16 -30.55 18.62
CA ALA E 76 -13.39 -30.34 19.82
C ALA E 76 -12.35 -29.24 19.62
N VAL E 77 -12.03 -28.55 20.73
CA VAL E 77 -10.98 -27.54 20.73
C VAL E 77 -9.75 -28.00 21.53
N THR E 78 -9.92 -28.94 22.46
CA THR E 78 -8.81 -29.66 23.07
C THR E 78 -9.16 -31.14 23.05
N GLU E 79 -8.12 -31.98 23.19
CA GLU E 79 -8.34 -33.42 23.10
C GLU E 79 -9.34 -33.92 24.14
N LEU E 80 -9.42 -33.26 25.29
CA LEU E 80 -10.38 -33.66 26.30
C LEU E 80 -11.82 -33.44 25.84
N GLY E 81 -12.04 -32.61 24.84
CA GLY E 81 -13.40 -32.40 24.37
C GLY E 81 -13.88 -33.37 23.31
N ARG E 82 -13.00 -34.21 22.78
CA ARG E 82 -13.41 -35.20 21.79
C ARG E 82 -14.57 -36.09 22.26
N PRO E 83 -14.55 -36.66 23.48
CA PRO E 83 -15.70 -37.47 23.91
C PRO E 83 -17.02 -36.72 23.82
N ASP E 84 -17.00 -35.44 24.17
CA ASP E 84 -18.22 -34.66 24.18
C ASP E 84 -18.67 -34.33 22.77
N ALA E 85 -17.73 -33.93 21.91
CA ALA E 85 -18.09 -33.63 20.53
C ALA E 85 -18.66 -34.86 19.84
N GLU E 86 -18.07 -36.03 20.08
CA GLU E 86 -18.58 -37.26 19.48
C GLU E 86 -19.96 -37.61 20.03
N TYR E 87 -20.16 -37.40 21.33
CA TYR E 87 -21.45 -37.76 21.95
C TYR E 87 -22.58 -36.89 21.42
N TRP E 88 -22.32 -35.60 21.24
CA TRP E 88 -23.40 -34.68 20.88
C TRP E 88 -23.79 -34.78 19.42
N ASN E 89 -22.80 -34.91 18.52
CA ASN E 89 -23.12 -35.01 17.10
C ASN E 89 -23.91 -36.27 16.78
N SER E 90 -23.82 -37.31 17.61
CA SER E 90 -24.59 -38.52 17.36
C SER E 90 -26.09 -38.31 17.56
N GLN E 91 -26.47 -37.43 18.49
CA GLN E 91 -27.87 -37.10 18.68
C GLN E 91 -28.36 -36.31 17.47
N LYS E 92 -29.30 -36.89 16.72
CA LYS E 92 -29.77 -36.24 15.49
C LYS E 92 -30.56 -34.98 15.79
N ASP E 93 -31.52 -35.07 16.72
CA ASP E 93 -32.39 -33.94 16.99
C ASP E 93 -31.63 -32.79 17.64
N LEU E 94 -30.62 -33.11 18.45
CA LEU E 94 -29.86 -32.07 19.13
C LEU E 94 -29.21 -31.13 18.12
N LEU E 95 -28.63 -31.69 17.05
CA LEU E 95 -27.91 -30.87 16.09
C LEU E 95 -28.86 -29.92 15.34
N GLU E 96 -30.08 -30.37 15.07
CA GLU E 96 -31.03 -29.54 14.35
C GLU E 96 -31.32 -28.24 15.09
N GLN E 97 -31.61 -28.35 16.39
CA GLN E 97 -31.84 -27.15 17.20
C GLN E 97 -30.63 -26.23 17.17
N LYS E 98 -29.43 -26.79 17.30
CA LYS E 98 -28.23 -25.96 17.32
C LYS E 98 -27.98 -25.32 15.97
N ARG E 99 -28.40 -25.97 14.87
CA ARG E 99 -28.26 -25.37 13.55
C ARG E 99 -29.31 -24.28 13.32
N ALA E 100 -30.55 -24.54 13.75
CA ALA E 100 -31.63 -23.56 13.65
C ALA E 100 -31.52 -22.43 14.68
N ALA E 101 -30.54 -22.48 15.59
CA ALA E 101 -30.41 -21.44 16.60
C ALA E 101 -30.14 -20.08 15.98
N VAL E 102 -29.55 -20.05 14.78
CA VAL E 102 -29.36 -18.80 14.05
C VAL E 102 -30.67 -18.02 13.94
N ASP E 103 -31.79 -18.73 13.83
CA ASP E 103 -33.11 -18.12 13.79
C ASP E 103 -33.87 -18.27 15.09
N THR E 104 -33.82 -19.45 15.71
CA THR E 104 -34.66 -19.74 16.86
C THR E 104 -34.34 -18.82 18.04
N TYR E 105 -33.05 -18.53 18.24
CA TYR E 105 -32.56 -17.91 19.47
C TYR E 105 -31.78 -16.63 19.23
N CYS E 106 -30.83 -16.63 18.30
CA CYS E 106 -30.04 -15.42 18.03
C CYS E 106 -30.91 -14.31 17.45
N ARG E 107 -31.62 -14.59 16.37
CA ARG E 107 -32.44 -13.57 15.74
C ARG E 107 -33.60 -13.15 16.64
N HIS E 108 -34.19 -14.11 17.36
CA HIS E 108 -35.30 -13.79 18.26
C HIS E 108 -34.86 -12.82 19.34
N ASN E 109 -33.73 -13.12 19.99
CA ASN E 109 -33.25 -12.27 21.07
C ASN E 109 -32.74 -10.93 20.53
N TYR E 110 -32.30 -10.89 19.27
CA TYR E 110 -31.93 -9.63 18.66
C TYR E 110 -33.13 -8.69 18.58
N GLY E 111 -34.25 -9.18 18.05
CA GLY E 111 -35.43 -8.35 17.91
C GLY E 111 -36.05 -7.96 19.24
N VAL E 112 -35.89 -8.80 20.26
CA VAL E 112 -36.48 -8.50 21.56
C VAL E 112 -35.86 -7.23 22.14
N GLY E 113 -34.54 -7.11 22.05
CA GLY E 113 -33.83 -6.01 22.65
C GLY E 113 -33.29 -4.97 21.70
N GLU E 114 -33.73 -4.94 20.44
CA GLU E 114 -33.19 -3.99 19.48
C GLU E 114 -33.44 -2.55 19.94
N SER E 115 -34.57 -2.31 20.61
CA SER E 115 -34.93 -0.95 21.01
C SER E 115 -33.89 -0.35 21.94
N PHE E 116 -33.55 -1.06 23.01
CA PHE E 116 -32.71 -0.50 24.06
C PHE E 116 -31.24 -0.91 23.96
N THR E 117 -30.88 -1.75 23.00
CA THR E 117 -29.49 -2.19 22.84
C THR E 117 -28.89 -1.60 21.57
N VAL E 118 -29.32 -2.09 20.40
CA VAL E 118 -28.76 -1.60 19.14
C VAL E 118 -29.06 -0.11 18.99
N GLN E 119 -30.34 0.25 19.03
CA GLN E 119 -30.76 1.63 18.84
C GLN E 119 -30.72 2.41 20.15
N ARG E 120 -29.64 2.27 20.92
CA ARG E 120 -29.44 3.04 22.14
C ARG E 120 -28.49 4.18 21.83
N ARG E 121 -28.96 5.41 22.02
CA ARG E 121 -28.15 6.61 21.83
C ARG E 121 -28.13 7.42 23.12
N VAL E 122 -26.93 7.88 23.49
CA VAL E 122 -26.74 8.74 24.66
C VAL E 122 -25.76 9.84 24.31
N TYR E 123 -26.15 11.08 24.53
CA TYR E 123 -25.28 12.22 24.22
C TYR E 123 -24.00 12.13 25.03
N PRO E 124 -22.86 12.39 24.43
CA PRO E 124 -21.66 12.61 25.23
C PRO E 124 -21.72 13.91 26.02
N GLU E 125 -20.73 14.11 26.89
CA GLU E 125 -20.45 15.40 27.51
C GLU E 125 -18.98 15.69 27.31
N VAL E 126 -18.67 16.77 26.58
CA VAL E 126 -17.30 17.11 26.22
C VAL E 126 -16.78 18.20 27.16
N THR E 127 -15.52 18.08 27.55
CA THR E 127 -14.89 18.93 28.56
C THR E 127 -13.43 19.10 28.19
N VAL E 128 -12.93 20.33 28.27
CA VAL E 128 -11.56 20.65 27.90
C VAL E 128 -10.86 21.27 29.10
N TYR E 129 -9.70 20.73 29.46
CA TYR E 129 -8.90 21.24 30.56
C TYR E 129 -7.44 20.89 30.33
N PRO E 130 -6.51 21.68 30.85
CA PRO E 130 -5.10 21.30 30.79
C PRO E 130 -4.62 20.65 32.08
N ALA E 131 -3.53 19.87 32.01
CA ALA E 131 -2.96 19.24 33.21
C ALA E 131 -1.56 18.76 32.86
N LYS E 132 -0.96 17.99 33.78
CA LYS E 132 0.37 17.42 33.60
C LYS E 132 1.44 18.47 33.28
N ASN E 140 2.82 21.33 29.66
CA ASN E 140 1.41 21.69 29.74
C ASN E 140 0.66 21.19 28.51
N LEU E 141 -0.03 20.07 28.65
CA LEU E 141 -0.83 19.49 27.58
C LEU E 141 -2.32 19.73 27.84
N LEU E 142 -3.12 19.50 26.80
CA LEU E 142 -4.55 19.79 26.84
C LEU E 142 -5.37 18.51 26.65
N VAL E 143 -6.45 18.39 27.42
CA VAL E 143 -7.25 17.18 27.49
C VAL E 143 -8.65 17.48 26.98
N CYS E 144 -9.20 16.54 26.20
CA CYS E 144 -10.59 16.61 25.75
C CYS E 144 -11.29 15.38 26.30
N SER E 145 -12.04 15.56 27.39
CA SER E 145 -12.75 14.46 28.03
C SER E 145 -14.16 14.35 27.46
N VAL E 146 -14.52 13.15 27.03
CA VAL E 146 -15.82 12.87 26.43
C VAL E 146 -16.45 11.74 27.23
N ASN E 147 -17.48 12.04 28.01
CA ASN E 147 -18.00 11.11 29.01
C ASN E 147 -19.43 10.71 28.72
N GLY E 148 -19.75 9.45 29.01
CA GLY E 148 -21.11 8.98 29.10
C GLY E 148 -21.90 8.89 27.81
N PHE E 149 -21.33 8.23 26.81
CA PHE E 149 -21.99 8.10 25.51
C PHE E 149 -22.16 6.63 25.14
N TYR E 150 -23.18 6.35 24.33
CA TYR E 150 -23.43 5.04 23.78
C TYR E 150 -24.00 5.24 22.38
N PRO E 151 -23.52 4.47 21.39
CA PRO E 151 -22.47 3.44 21.51
C PRO E 151 -21.06 4.00 21.60
N GLY E 152 -20.07 3.20 21.20
CA GLY E 152 -18.68 3.59 21.33
C GLY E 152 -18.06 4.07 20.04
N SER E 153 -18.79 3.96 18.94
CA SER E 153 -18.31 4.50 17.67
C SER E 153 -18.22 6.01 17.78
N ILE E 154 -17.01 6.54 17.96
CA ILE E 154 -16.82 7.97 18.16
C ILE E 154 -15.52 8.40 17.47
N GLU E 155 -15.52 9.61 16.94
CA GLU E 155 -14.31 10.21 16.38
C GLU E 155 -14.08 11.57 17.05
N VAL E 156 -12.87 11.78 17.54
CA VAL E 156 -12.48 13.01 18.23
C VAL E 156 -11.36 13.66 17.44
N ARG E 157 -11.48 14.96 17.18
CA ARG E 157 -10.48 15.69 16.42
C ARG E 157 -10.07 16.95 17.16
N TRP E 158 -8.78 17.26 17.10
CA TRP E 158 -8.21 18.47 17.69
C TRP E 158 -7.87 19.44 16.57
N PHE E 159 -8.41 20.66 16.66
CA PHE E 159 -8.11 21.73 15.71
C PHE E 159 -7.30 22.82 16.43
N ARG E 160 -6.24 23.28 15.77
CA ARG E 160 -5.41 24.38 16.29
C ARG E 160 -5.54 25.55 15.31
N ASN E 161 -6.32 26.55 15.72
CA ASN E 161 -6.65 27.71 14.89
C ASN E 161 -7.21 27.27 13.54
N GLY E 162 -8.33 26.56 13.61
CA GLY E 162 -9.01 26.12 12.40
C GLY E 162 -8.16 25.27 11.48
N GLN E 163 -7.26 24.48 12.06
CA GLN E 163 -6.35 23.64 11.28
C GLN E 163 -6.17 22.33 12.04
N GLU E 164 -6.83 21.28 11.56
CA GLU E 164 -6.79 20.00 12.25
C GLU E 164 -5.36 19.56 12.48
N GLU E 165 -5.09 19.05 13.67
CA GLU E 165 -3.75 18.65 14.08
C GLU E 165 -3.74 17.13 14.25
N LYS E 166 -3.29 16.42 13.21
CA LYS E 166 -3.19 14.97 13.23
C LYS E 166 -1.84 14.49 13.79
N THR E 167 -1.11 15.36 14.48
CA THR E 167 0.18 15.01 15.08
C THR E 167 0.17 15.49 16.52
N GLY E 168 0.33 14.56 17.46
CA GLY E 168 0.31 14.89 18.87
C GLY E 168 -0.91 14.42 19.63
N VAL E 169 -1.75 13.59 19.02
CA VAL E 169 -2.99 13.13 19.62
C VAL E 169 -2.76 11.76 20.23
N VAL E 170 -2.76 11.68 21.56
CA VAL E 170 -2.63 10.43 22.28
C VAL E 170 -3.98 10.15 22.93
N SER E 171 -4.75 9.24 22.34
CA SER E 171 -6.07 8.91 22.86
C SER E 171 -5.97 7.75 23.85
N THR E 172 -6.69 7.86 24.96
CA THR E 172 -6.69 6.79 25.95
C THR E 172 -7.49 5.58 25.50
N GLY E 173 -8.10 5.64 24.31
CA GLY E 173 -8.94 4.55 23.85
C GLY E 173 -10.32 4.64 24.45
N LEU E 174 -11.14 3.66 24.09
CA LEU E 174 -12.49 3.57 24.62
C LEU E 174 -12.46 2.93 26.00
N ILE E 175 -13.05 3.61 26.98
CA ILE E 175 -13.00 3.20 28.38
C ILE E 175 -14.42 2.86 28.81
N GLN E 176 -14.67 1.58 29.06
CA GLN E 176 -16.00 1.09 29.42
C GLN E 176 -16.28 1.40 30.88
N ASN E 177 -17.38 2.12 31.14
CA ASN E 177 -17.76 2.43 32.52
C ASN E 177 -18.53 1.28 33.18
N GLY E 178 -19.14 0.40 32.39
CA GLY E 178 -19.94 -0.66 32.95
C GLY E 178 -21.41 -0.35 33.06
N ASP E 179 -21.82 0.90 32.94
CA ASP E 179 -23.23 1.28 33.01
C ASP E 179 -23.79 1.62 31.63
N TRP E 180 -23.41 0.88 30.58
CA TRP E 180 -23.84 1.14 29.21
C TRP E 180 -23.50 2.56 28.75
N THR E 181 -22.39 3.10 29.25
CA THR E 181 -21.81 4.35 28.77
C THR E 181 -20.30 4.19 28.69
N PHE E 182 -19.69 4.88 27.73
CA PHE E 182 -18.25 4.90 27.57
C PHE E 182 -17.71 6.28 27.93
N GLN E 183 -16.41 6.33 28.19
CA GLN E 183 -15.70 7.60 28.31
C GLN E 183 -14.36 7.45 27.61
N THR E 184 -13.75 8.58 27.29
CA THR E 184 -12.49 8.56 26.57
C THR E 184 -11.85 9.94 26.71
N LEU E 185 -10.52 9.96 26.77
CA LEU E 185 -9.76 11.20 26.92
C LEU E 185 -8.76 11.30 25.78
N VAL E 186 -8.89 12.35 24.98
CA VAL E 186 -7.96 12.64 23.89
C VAL E 186 -7.12 13.83 24.32
N MET E 187 -5.83 13.61 24.47
CA MET E 187 -4.91 14.66 24.89
C MET E 187 -4.10 15.14 23.69
N LEU E 188 -3.92 16.45 23.61
CA LEU E 188 -3.16 17.08 22.53
C LEU E 188 -1.85 17.62 23.08
N GLU E 189 -0.73 17.18 22.49
CA GLU E 189 0.60 17.56 22.96
C GLU E 189 1.04 18.82 22.23
N THR E 190 0.55 19.96 22.72
CA THR E 190 0.82 21.25 22.11
C THR E 190 1.14 22.28 23.18
N VAL E 191 2.12 23.13 22.88
CA VAL E 191 2.43 24.28 23.72
C VAL E 191 1.24 25.21 23.65
N PRO E 192 0.65 25.60 24.79
CA PRO E 192 -0.58 26.39 24.73
C PRO E 192 -0.41 27.75 24.07
N ARG E 193 0.83 28.24 23.93
CA ARG E 193 1.11 29.54 23.32
C ARG E 193 0.26 30.64 23.96
N SER E 194 -0.29 31.53 23.14
CA SER E 194 -1.15 32.59 23.64
C SER E 194 -2.02 33.09 22.49
N GLY E 195 -3.28 33.36 22.80
CA GLY E 195 -4.20 33.84 21.78
C GLY E 195 -4.66 32.75 20.84
N GLU E 196 -3.94 31.63 20.81
CA GLU E 196 -4.34 30.50 19.99
C GLU E 196 -5.66 29.93 20.47
N VAL E 197 -6.40 29.33 19.54
CA VAL E 197 -7.73 28.80 19.81
C VAL E 197 -7.73 27.33 19.45
N TYR E 198 -7.79 26.46 20.46
CA TYR E 198 -7.89 25.02 20.27
C TYR E 198 -9.36 24.60 20.32
N THR E 199 -9.72 23.65 19.47
CA THR E 199 -11.09 23.17 19.38
C THR E 199 -11.09 21.66 19.36
N CYS E 200 -11.95 21.05 20.17
CA CYS E 200 -12.17 19.62 20.16
C CYS E 200 -13.48 19.34 19.42
N GLN E 201 -13.45 18.39 18.48
CA GLN E 201 -14.61 18.06 17.68
C GLN E 201 -14.99 16.61 17.91
N VAL E 202 -16.27 16.37 18.19
CA VAL E 202 -16.78 15.04 18.52
C VAL E 202 -17.87 14.68 17.53
N GLU E 203 -17.69 13.57 16.82
CA GLU E 203 -18.71 12.99 15.97
C GLU E 203 -19.17 11.68 16.57
N HIS E 204 -20.49 11.54 16.73
CA HIS E 204 -21.10 10.45 17.46
C HIS E 204 -22.50 10.25 16.92
N PRO E 205 -22.98 9.00 16.80
CA PRO E 205 -24.30 8.76 16.19
C PRO E 205 -25.47 9.27 17.02
N SER E 206 -25.24 9.67 18.27
CA SER E 206 -26.30 10.23 19.09
C SER E 206 -26.50 11.73 18.86
N LEU E 207 -25.64 12.36 18.07
CA LEU E 207 -25.70 13.79 17.81
C LEU E 207 -26.32 14.05 16.44
N THR E 208 -26.88 15.25 16.30
CA THR E 208 -27.39 15.70 15.01
C THR E 208 -26.36 16.50 14.22
N SER E 209 -25.37 17.08 14.89
CA SER E 209 -24.34 17.87 14.26
C SER E 209 -23.07 17.78 15.10
N PRO E 210 -21.89 17.81 14.49
CA PRO E 210 -20.65 17.61 15.24
C PRO E 210 -20.47 18.65 16.33
N LEU E 211 -20.27 18.17 17.56
CA LEU E 211 -20.04 19.08 18.67
C LEU E 211 -18.64 19.67 18.60
N THR E 212 -18.52 20.92 19.04
CA THR E 212 -17.24 21.60 19.11
C THR E 212 -17.14 22.36 20.41
N VAL E 213 -15.95 22.39 21.00
CA VAL E 213 -15.69 23.13 22.23
C VAL E 213 -14.35 23.82 22.09
N GLU E 214 -14.33 25.13 22.30
CA GLU E 214 -13.12 25.92 22.13
C GLU E 214 -12.45 26.20 23.47
N TRP E 215 -11.17 26.57 23.39
CA TRP E 215 -10.40 26.94 24.57
C TRP E 215 -9.32 27.92 24.15
N ARG E 216 -9.33 29.13 24.72
CA ARG E 216 -8.36 30.16 24.39
C ARG E 216 -7.47 30.45 25.59
N ALA E 217 -6.24 30.84 25.31
CA ALA E 217 -5.22 31.07 26.34
C ALA E 217 -5.68 32.05 27.42
N GLN F 1 1.67 -0.06 19.02
CA GLN F 1 1.73 0.83 20.17
C GLN F 1 2.72 0.32 21.22
N VAL F 2 2.38 -0.82 21.83
CA VAL F 2 3.21 -1.39 22.90
C VAL F 2 4.52 -1.86 22.28
N GLN F 3 5.63 -1.24 22.68
CA GLN F 3 6.92 -1.58 22.11
C GLN F 3 8.00 -1.50 23.18
N LEU F 4 8.99 -2.37 23.04
CA LEU F 4 10.19 -2.33 23.86
C LEU F 4 11.38 -2.57 22.94
N LYS F 5 12.43 -1.77 23.09
CA LYS F 5 13.63 -1.93 22.28
C LYS F 5 14.86 -1.78 23.14
N GLU F 6 15.81 -2.71 22.99
CA GLU F 6 17.06 -2.69 23.73
C GLU F 6 18.13 -1.97 22.92
N SER F 7 19.03 -1.29 23.62
CA SER F 7 20.14 -0.61 22.99
C SER F 7 21.32 -0.60 23.97
N GLY F 8 22.51 -0.86 23.44
CA GLY F 8 23.69 -0.99 24.26
C GLY F 8 24.92 -1.21 23.43
N PRO F 9 26.10 -1.23 24.06
CA PRO F 9 27.34 -1.42 23.31
C PRO F 9 27.40 -2.82 22.71
N GLY F 10 27.89 -2.90 21.47
CA GLY F 10 28.07 -4.19 20.84
C GLY F 10 29.23 -4.96 21.45
N LEU F 11 30.34 -4.27 21.70
CA LEU F 11 31.58 -4.90 22.15
C LEU F 11 32.00 -4.26 23.47
N VAL F 12 32.09 -5.08 24.52
CA VAL F 12 32.57 -4.65 25.82
C VAL F 12 33.72 -5.54 26.23
N ALA F 13 34.87 -4.93 26.53
CA ALA F 13 36.03 -5.70 26.95
C ALA F 13 35.74 -6.40 28.29
N PRO F 14 36.39 -7.53 28.55
CA PRO F 14 36.18 -8.20 29.85
C PRO F 14 36.66 -7.33 31.02
N SER F 15 36.16 -7.67 32.20
CA SER F 15 36.41 -6.99 33.46
C SER F 15 35.94 -5.54 33.45
N GLN F 16 35.03 -5.19 32.54
CA GLN F 16 34.49 -3.84 32.46
C GLN F 16 33.00 -3.89 32.79
N SER F 17 32.28 -2.83 32.42
CA SER F 17 30.87 -2.70 32.76
C SER F 17 30.04 -2.71 31.48
N LEU F 18 28.87 -3.31 31.59
CA LEU F 18 27.94 -3.42 30.47
C LEU F 18 26.68 -2.67 30.86
N SER F 19 26.35 -1.64 30.08
CA SER F 19 25.15 -0.83 30.33
C SER F 19 24.23 -0.93 29.13
N ILE F 20 23.07 -1.54 29.33
CA ILE F 20 22.04 -1.64 28.31
C ILE F 20 20.80 -0.89 28.80
N THR F 21 20.09 -0.27 27.87
CA THR F 21 18.86 0.45 28.17
C THR F 21 17.71 -0.14 27.37
N CYS F 22 16.55 -0.25 28.00
CA CYS F 22 15.34 -0.79 27.37
C CYS F 22 14.33 0.34 27.28
N THR F 23 14.42 1.12 26.21
CA THR F 23 13.47 2.20 25.99
C THR F 23 12.12 1.63 25.56
N VAL F 24 11.06 2.01 26.27
CA VAL F 24 9.74 1.44 26.07
C VAL F 24 8.77 2.54 25.66
N SER F 25 7.76 2.16 24.87
CA SER F 25 6.69 3.06 24.48
C SER F 25 5.41 2.24 24.33
N GLY F 26 4.26 2.91 24.52
CA GLY F 26 2.98 2.25 24.49
C GLY F 26 2.37 2.03 25.86
N PHE F 27 3.18 2.10 26.92
CA PHE F 27 2.71 1.91 28.29
C PHE F 27 3.59 2.74 29.21
N SER F 28 3.16 2.84 30.47
CA SER F 28 3.84 3.67 31.45
C SER F 28 4.60 2.78 32.42
N LEU F 29 5.86 3.13 32.68
CA LEU F 29 6.66 2.38 33.66
C LEU F 29 6.18 2.59 35.09
N THR F 30 5.09 3.34 35.28
CA THR F 30 4.47 3.54 36.58
C THR F 30 3.35 2.54 36.85
N SER F 31 3.02 1.71 35.86
CA SER F 31 2.02 0.66 36.03
C SER F 31 2.48 -0.72 35.59
N TYR F 32 3.53 -0.82 34.76
CA TYR F 32 4.07 -2.09 34.30
C TYR F 32 5.52 -2.27 34.74
N GLY F 33 5.90 -3.53 34.97
CA GLY F 33 7.27 -3.87 35.30
C GLY F 33 8.00 -4.42 34.09
N VAL F 34 9.33 -4.43 34.18
CA VAL F 34 10.18 -4.79 33.05
C VAL F 34 11.19 -5.84 33.52
N HIS F 35 11.19 -6.99 32.85
CA HIS F 35 12.11 -8.09 33.13
C HIS F 35 13.32 -8.02 32.22
N TRP F 36 14.37 -8.77 32.61
CA TRP F 36 15.58 -8.91 31.81
C TRP F 36 15.88 -10.38 31.60
N VAL F 37 16.10 -10.74 30.34
CA VAL F 37 16.36 -12.12 29.94
C VAL F 37 17.49 -12.10 28.92
N ARG F 38 18.41 -13.05 29.05
CA ARG F 38 19.48 -13.19 28.07
C ARG F 38 19.46 -14.59 27.48
N GLN F 39 20.03 -14.72 26.29
CA GLN F 39 20.08 -15.99 25.57
C GLN F 39 21.48 -16.17 25.00
N PRO F 40 22.32 -17.00 25.62
CA PRO F 40 23.62 -17.29 25.03
C PRO F 40 23.46 -17.94 23.67
N PRO F 41 24.40 -17.72 22.76
CA PRO F 41 24.25 -18.23 21.39
C PRO F 41 24.15 -19.75 21.36
N GLY F 42 23.08 -20.26 20.78
CA GLY F 42 22.84 -21.69 20.70
C GLY F 42 22.20 -22.30 21.93
N LYS F 43 22.41 -21.71 23.10
CA LYS F 43 21.86 -22.25 24.33
C LYS F 43 20.44 -21.73 24.56
N GLY F 44 19.91 -21.95 25.75
CA GLY F 44 18.54 -21.58 26.10
C GLY F 44 18.41 -20.17 26.61
N LEU F 45 17.39 -19.95 27.44
CA LEU F 45 17.06 -18.64 27.99
C LEU F 45 17.33 -18.61 29.49
N GLU F 46 17.81 -17.46 29.97
CA GLU F 46 18.16 -17.27 31.37
C GLU F 46 17.55 -15.96 31.88
N TRP F 47 16.79 -16.05 32.97
CA TRP F 47 16.19 -14.88 33.58
C TRP F 47 17.23 -14.18 34.45
N LEU F 48 17.35 -12.86 34.28
CA LEU F 48 18.30 -12.04 35.01
C LEU F 48 17.66 -11.34 36.20
N GLY F 49 16.55 -10.66 36.00
CA GLY F 49 15.95 -9.88 37.07
C GLY F 49 14.74 -9.13 36.56
N VAL F 50 14.17 -8.31 37.45
CA VAL F 50 12.99 -7.52 37.11
C VAL F 50 12.89 -6.38 38.10
N ILE F 51 12.61 -5.18 37.58
CA ILE F 51 12.21 -4.03 38.39
C ILE F 51 10.75 -3.76 38.09
N TRP F 52 9.93 -3.76 39.13
CA TRP F 52 8.48 -3.66 38.98
C TRP F 52 8.08 -2.19 38.81
N ALA F 53 6.78 -1.93 38.79
CA ALA F 53 6.30 -0.57 38.60
C ALA F 53 6.67 0.32 39.78
N GLY F 54 6.48 -0.19 41.00
CA GLY F 54 6.78 0.58 42.19
C GLY F 54 8.22 0.59 42.62
N GLY F 55 9.13 0.08 41.79
CA GLY F 55 10.54 0.16 42.06
C GLY F 55 11.14 -1.03 42.78
N SER F 56 10.33 -1.97 43.26
CA SER F 56 10.88 -3.15 43.92
C SER F 56 11.62 -4.01 42.90
N ILE F 57 12.84 -4.43 43.25
CA ILE F 57 13.71 -5.15 42.34
C ILE F 57 13.90 -6.58 42.85
N ASN F 58 13.96 -7.53 41.93
CA ASN F 58 14.32 -8.90 42.27
C ASN F 58 15.39 -9.37 41.29
N TYR F 59 16.56 -9.71 41.81
CA TYR F 59 17.66 -10.18 40.99
C TYR F 59 17.75 -11.70 41.08
N ASN F 60 18.50 -12.30 40.16
CA ASN F 60 18.79 -13.72 40.24
C ASN F 60 20.02 -13.93 41.11
N SER F 61 19.88 -14.75 42.16
CA SER F 61 20.93 -14.92 43.16
C SER F 61 22.25 -15.37 42.55
N ALA F 62 22.19 -16.18 41.48
CA ALA F 62 23.39 -16.69 40.82
C ALA F 62 24.28 -15.58 40.28
N LEU F 63 23.77 -14.37 40.10
CA LEU F 63 24.52 -13.32 39.44
C LEU F 63 25.35 -12.48 40.40
N MET F 64 25.34 -12.83 41.68
CA MET F 64 26.29 -12.33 42.69
C MET F 64 26.45 -10.82 42.64
N SER F 65 25.31 -10.13 42.61
CA SER F 65 25.22 -8.68 42.68
C SER F 65 25.95 -7.99 41.53
N ARG F 66 26.44 -8.74 40.55
CA ARG F 66 27.00 -8.18 39.33
C ARG F 66 25.94 -7.48 38.49
N LEU F 67 24.73 -7.35 39.04
CA LEU F 67 23.59 -6.80 38.34
C LEU F 67 23.06 -5.59 39.08
N SER F 68 22.77 -4.54 38.32
CA SER F 68 22.17 -3.32 38.84
C SER F 68 21.11 -2.88 37.85
N ILE F 69 19.85 -3.07 38.21
CA ILE F 69 18.72 -2.67 37.38
C ILE F 69 18.09 -1.43 38.01
N SER F 70 18.05 -0.34 37.25
CA SER F 70 17.41 0.89 37.65
C SER F 70 16.33 1.27 36.63
N LYS F 71 15.52 2.26 36.99
CA LYS F 71 14.42 2.71 36.13
C LYS F 71 14.32 4.22 36.22
N ASP F 72 13.89 4.83 35.11
CA ASP F 72 13.53 6.25 35.07
C ASP F 72 12.14 6.35 34.43
N ASN F 73 11.12 6.42 35.28
CA ASN F 73 9.73 6.44 34.81
C ASN F 73 9.49 7.59 33.83
N PHE F 74 9.88 8.81 34.21
CA PHE F 74 9.55 9.99 33.42
C PHE F 74 10.14 9.92 32.02
N LYS F 75 11.31 9.29 31.87
CA LYS F 75 11.93 9.15 30.56
C LYS F 75 11.61 7.81 29.92
N SER F 76 10.82 6.97 30.59
CA SER F 76 10.29 5.72 30.08
C SER F 76 11.40 4.83 29.50
N GLN F 77 12.35 4.49 30.36
CA GLN F 77 13.45 3.62 29.94
C GLN F 77 14.07 2.95 31.15
N VAL F 78 14.37 1.66 31.00
CA VAL F 78 14.91 0.81 32.04
C VAL F 78 16.39 0.59 31.75
N PHE F 79 17.17 0.35 32.80
CA PHE F 79 18.62 0.25 32.69
C PHE F 79 19.12 -1.08 33.25
N LEU F 80 20.32 -1.47 32.80
CA LEU F 80 20.88 -2.77 33.14
C LEU F 80 22.40 -2.60 33.20
N LYS F 81 23.02 -2.93 34.34
CA LYS F 81 24.46 -2.85 34.50
C LYS F 81 25.01 -4.21 34.88
N MET F 82 25.93 -4.73 34.06
CA MET F 82 26.66 -5.95 34.36
C MET F 82 28.10 -5.58 34.70
N SER F 83 28.59 -6.09 35.83
CA SER F 83 29.97 -5.86 36.24
C SER F 83 30.76 -7.18 36.17
N SER F 84 32.08 -7.03 36.08
CA SER F 84 33.01 -8.17 36.05
C SER F 84 32.65 -9.16 34.96
N LEU F 85 32.56 -8.63 33.73
CA LEU F 85 32.15 -9.44 32.60
C LEU F 85 33.18 -10.52 32.28
N GLN F 86 32.71 -11.76 32.14
CA GLN F 86 33.51 -12.89 31.71
C GLN F 86 33.05 -13.34 30.34
N THR F 87 33.87 -14.18 29.69
CA THR F 87 33.56 -14.66 28.35
C THR F 87 32.20 -15.34 28.29
N ASP F 88 31.73 -15.92 29.40
CA ASP F 88 30.45 -16.60 29.40
C ASP F 88 29.28 -15.66 29.14
N ASP F 89 29.44 -14.37 29.44
CA ASP F 89 28.35 -13.41 29.34
C ASP F 89 27.95 -13.08 27.91
N THR F 90 28.75 -13.47 26.91
CA THR F 90 28.39 -13.19 25.53
C THR F 90 27.07 -13.86 25.20
N ALA F 91 26.06 -13.05 24.87
CA ALA F 91 24.69 -13.51 24.69
C ALA F 91 23.87 -12.39 24.07
N MET F 92 22.55 -12.62 23.95
CA MET F 92 21.60 -11.64 23.46
C MET F 92 20.65 -11.27 24.59
N TYR F 93 20.52 -9.98 24.86
CA TYR F 93 19.76 -9.50 26.02
C TYR F 93 18.42 -8.95 25.59
N TYR F 94 17.37 -9.37 26.28
CA TYR F 94 15.99 -8.97 26.01
C TYR F 94 15.42 -8.22 27.21
N CYS F 95 14.30 -7.53 26.97
CA CYS F 95 13.47 -7.03 28.06
C CYS F 95 12.00 -7.32 27.74
N ALA F 96 11.21 -7.52 28.78
CA ALA F 96 9.81 -7.86 28.59
C ALA F 96 8.96 -7.16 29.64
N ARG F 97 7.68 -6.96 29.29
CA ARG F 97 6.73 -6.23 30.12
C ARG F 97 5.92 -7.18 31.00
N ALA F 98 5.56 -6.68 32.19
CA ALA F 98 4.65 -7.39 33.10
C ALA F 98 3.93 -6.39 33.99
N TYR F 99 2.63 -6.61 34.19
CA TYR F 99 1.82 -5.70 34.97
C TYR F 99 2.18 -5.73 36.45
N GLY F 100 1.93 -4.62 37.14
CA GLY F 100 1.88 -4.63 38.60
C GLY F 100 3.25 -4.76 39.25
N ASP F 101 3.23 -5.31 40.48
CA ASP F 101 4.42 -5.54 41.30
C ASP F 101 4.43 -6.93 41.93
N TYR F 102 3.88 -7.93 41.23
CA TYR F 102 3.89 -9.30 41.76
C TYR F 102 4.30 -10.27 40.66
N VAL F 103 5.04 -11.31 41.06
CA VAL F 103 5.63 -12.25 40.10
C VAL F 103 4.57 -12.99 39.31
N HIS F 104 3.37 -13.12 39.86
CA HIS F 104 2.30 -13.90 39.22
C HIS F 104 1.63 -13.16 38.08
N TYR F 105 2.08 -11.96 37.75
CA TYR F 105 1.67 -11.29 36.52
C TYR F 105 2.59 -11.76 35.40
N ALA F 106 2.03 -12.50 34.45
CA ALA F 106 2.85 -13.04 33.38
C ALA F 106 3.41 -11.94 32.50
N MET F 107 4.58 -12.19 31.93
CA MET F 107 5.14 -11.29 30.93
C MET F 107 4.44 -11.51 29.60
N ASP F 108 4.31 -10.45 28.82
CA ASP F 108 3.68 -10.55 27.50
C ASP F 108 4.58 -10.06 26.38
N TYR F 109 4.69 -8.74 26.21
CA TYR F 109 5.41 -8.16 25.09
C TYR F 109 6.92 -8.17 25.33
N TRP F 110 7.66 -8.67 24.35
CA TRP F 110 9.12 -8.76 24.41
C TRP F 110 9.76 -7.71 23.50
N GLY F 111 11.07 -7.51 23.72
CA GLY F 111 11.85 -6.62 22.90
C GLY F 111 12.40 -7.29 21.66
N GLN F 112 13.18 -6.53 20.90
CA GLN F 112 13.81 -7.04 19.69
C GLN F 112 15.04 -7.88 20.01
N GLY F 113 15.81 -7.47 21.00
CA GLY F 113 17.03 -8.15 21.37
C GLY F 113 18.26 -7.35 20.96
N THR F 114 19.28 -7.39 21.80
CA THR F 114 20.56 -6.74 21.52
C THR F 114 21.70 -7.72 21.78
N SER F 115 22.72 -7.68 20.92
CA SER F 115 23.87 -8.57 21.04
C SER F 115 24.99 -7.87 21.79
N VAL F 116 25.60 -8.58 22.74
CA VAL F 116 26.71 -8.07 23.53
C VAL F 116 27.77 -9.17 23.58
N THR F 117 29.00 -8.85 23.14
CA THR F 117 30.10 -9.79 23.14
C THR F 117 31.19 -9.32 24.10
N ALA F 118 31.60 -10.20 25.00
CA ALA F 118 32.65 -9.92 25.97
C ALA F 118 33.92 -10.65 25.55
N SER F 119 34.82 -9.93 24.87
CA SER F 119 36.10 -10.46 24.46
C SER F 119 37.12 -9.33 24.43
N SER F 120 38.36 -9.66 24.77
CA SER F 120 39.44 -8.66 24.73
C SER F 120 39.84 -8.33 23.30
N ALA F 121 39.36 -9.06 22.30
CA ALA F 121 39.75 -8.83 20.93
C ALA F 121 39.20 -7.49 20.43
N SER F 122 39.94 -6.88 19.50
CA SER F 122 39.52 -5.59 18.98
C SER F 122 38.47 -5.77 17.90
N THR F 123 37.71 -4.70 17.67
CA THR F 123 36.75 -4.68 16.58
C THR F 123 37.49 -4.50 15.26
N LYS F 124 37.10 -5.27 14.25
CA LYS F 124 37.70 -5.16 12.93
C LYS F 124 36.63 -5.07 11.86
N GLY F 125 36.82 -4.15 10.92
CA GLY F 125 35.92 -4.01 9.80
C GLY F 125 35.94 -5.21 8.88
N PRO F 126 34.78 -5.55 8.32
CA PRO F 126 34.71 -6.69 7.40
C PRO F 126 35.31 -6.37 6.05
N SER F 127 35.78 -7.42 5.37
CA SER F 127 36.25 -7.33 4.00
C SER F 127 35.21 -7.95 3.09
N VAL F 128 34.78 -7.20 2.08
CA VAL F 128 33.69 -7.62 1.21
C VAL F 128 34.28 -7.96 -0.16
N PHE F 129 34.30 -9.26 -0.48
CA PHE F 129 34.79 -9.75 -1.75
C PHE F 129 33.64 -10.29 -2.58
N PRO F 130 33.60 -10.02 -3.89
CA PRO F 130 32.43 -10.40 -4.70
C PRO F 130 32.48 -11.81 -5.26
N LEU F 131 31.37 -12.54 -5.12
CA LEU F 131 31.20 -13.86 -5.76
C LEU F 131 30.55 -13.66 -7.12
N ALA F 132 31.35 -13.78 -8.17
CA ALA F 132 30.91 -13.46 -9.53
C ALA F 132 29.94 -14.53 -10.04
N PRO F 133 28.98 -14.14 -10.88
CA PRO F 133 28.06 -15.16 -11.44
C PRO F 133 28.77 -16.13 -12.37
N SER F 134 29.64 -15.63 -13.26
CA SER F 134 30.43 -16.45 -14.17
C SER F 134 29.63 -17.61 -14.80
N SER F 135 30.06 -18.85 -14.55
CA SER F 135 29.44 -20.05 -15.08
C SER F 135 29.36 -20.02 -16.61
N LYS F 136 28.45 -20.80 -17.18
CA LYS F 136 28.34 -20.89 -18.63
C LYS F 136 26.90 -20.58 -18.97
N SER F 137 26.08 -21.58 -19.35
CA SER F 137 24.65 -21.37 -19.56
C SER F 137 23.86 -21.35 -18.26
N THR F 138 24.54 -21.54 -17.13
CA THR F 138 23.97 -21.73 -15.79
C THR F 138 22.57 -22.33 -15.86
N SER F 139 22.47 -23.66 -15.98
CA SER F 139 21.23 -24.43 -16.04
C SER F 139 20.23 -23.81 -17.02
N GLY F 140 18.94 -24.02 -16.78
CA GLY F 140 17.89 -23.45 -17.61
C GLY F 140 17.35 -22.11 -17.16
N GLY F 141 18.19 -21.07 -17.18
CA GLY F 141 17.70 -19.74 -16.86
C GLY F 141 18.00 -19.19 -15.48
N THR F 142 18.70 -19.93 -14.63
CA THR F 142 19.06 -19.38 -13.33
C THR F 142 20.41 -18.67 -13.39
N ALA F 143 20.80 -18.13 -12.24
CA ALA F 143 22.10 -17.48 -12.06
C ALA F 143 22.32 -17.29 -10.58
N ALA F 144 23.57 -17.44 -10.16
CA ALA F 144 23.92 -17.28 -8.75
C ALA F 144 25.02 -16.24 -8.64
N LEU F 145 24.70 -15.14 -7.97
CA LEU F 145 25.67 -14.12 -7.60
C LEU F 145 25.60 -13.95 -6.08
N GLY F 146 26.65 -13.40 -5.50
CA GLY F 146 26.64 -13.23 -4.06
C GLY F 146 27.82 -12.42 -3.58
N CYS F 147 27.76 -12.07 -2.30
CA CYS F 147 28.81 -11.33 -1.62
C CYS F 147 29.41 -12.19 -0.52
N LEU F 148 30.71 -12.05 -0.30
CA LEU F 148 31.43 -12.80 0.73
C LEU F 148 31.99 -11.82 1.75
N VAL F 149 31.49 -11.90 2.98
CA VAL F 149 31.93 -11.04 4.08
C VAL F 149 32.93 -11.82 4.92
N LYS F 150 34.20 -11.41 4.88
CA LYS F 150 35.29 -12.17 5.49
C LYS F 150 36.09 -11.29 6.46
N ASP F 151 36.58 -11.91 7.52
CA ASP F 151 37.52 -11.31 8.47
C ASP F 151 36.92 -10.07 9.15
N TYR F 152 35.91 -10.32 9.98
CA TYR F 152 35.30 -9.27 10.78
C TYR F 152 35.11 -9.76 12.21
N PHE F 153 35.03 -8.80 13.13
CA PHE F 153 34.78 -9.08 14.54
C PHE F 153 34.26 -7.81 15.19
N PRO F 154 33.23 -7.90 16.05
CA PRO F 154 32.47 -9.12 16.30
C PRO F 154 31.16 -9.15 15.50
N GLU F 155 30.23 -9.99 15.92
CA GLU F 155 28.91 -10.04 15.30
C GLU F 155 28.07 -8.86 15.78
N PRO F 156 27.02 -8.47 15.02
CA PRO F 156 26.51 -9.07 13.78
C PRO F 156 26.87 -8.28 12.52
N VAL F 157 26.43 -8.79 11.37
CA VAL F 157 26.54 -8.10 10.09
C VAL F 157 25.21 -8.21 9.37
N THR F 158 24.74 -7.10 8.81
CA THR F 158 23.45 -7.03 8.13
C THR F 158 23.69 -6.80 6.63
N VAL F 159 23.14 -7.68 5.80
CA VAL F 159 23.30 -7.64 4.35
C VAL F 159 21.96 -7.39 3.70
N SER F 160 21.83 -6.27 3.00
CA SER F 160 20.71 -5.97 2.13
C SER F 160 21.12 -6.18 0.68
N TRP F 161 20.13 -6.21 -0.21
CA TRP F 161 20.39 -6.37 -1.64
C TRP F 161 19.65 -5.30 -2.43
N ASN F 162 20.39 -4.58 -3.27
CA ASN F 162 19.84 -3.44 -4.02
C ASN F 162 19.18 -2.44 -3.08
N SER F 163 19.81 -2.22 -1.92
CA SER F 163 19.29 -1.36 -0.87
C SER F 163 17.92 -1.84 -0.38
N GLY F 164 17.78 -3.15 -0.20
CA GLY F 164 16.55 -3.73 0.26
C GLY F 164 15.56 -4.09 -0.84
N ALA F 165 15.69 -3.50 -2.03
CA ALA F 165 14.68 -3.67 -3.07
C ALA F 165 14.57 -5.13 -3.50
N LEU F 166 15.70 -5.80 -3.69
CA LEU F 166 15.73 -7.20 -4.10
C LEU F 166 15.74 -8.06 -2.84
N THR F 167 14.67 -8.84 -2.64
CA THR F 167 14.54 -9.68 -1.46
C THR F 167 14.12 -11.09 -1.83
N SER F 168 13.37 -11.23 -2.92
CA SER F 168 12.90 -12.55 -3.33
C SER F 168 14.07 -13.42 -3.75
N GLY F 169 14.15 -14.61 -3.16
CA GLY F 169 15.21 -15.53 -3.49
C GLY F 169 16.57 -15.14 -2.97
N VAL F 170 16.65 -14.66 -1.72
CA VAL F 170 17.91 -14.26 -1.11
C VAL F 170 18.16 -15.16 0.10
N HIS F 171 19.40 -15.63 0.23
CA HIS F 171 19.84 -16.43 1.37
C HIS F 171 21.12 -15.82 1.90
N THR F 172 21.06 -15.23 3.09
CA THR F 172 22.24 -14.72 3.78
C THR F 172 22.58 -15.72 4.87
N PHE F 173 23.78 -16.32 4.78
CA PHE F 173 24.12 -17.47 5.61
C PHE F 173 24.59 -17.03 7.00
N PRO F 174 24.40 -17.90 8.00
CA PRO F 174 24.95 -17.62 9.34
C PRO F 174 26.47 -17.62 9.30
N ALA F 175 27.05 -16.80 10.17
CA ALA F 175 28.51 -16.68 10.24
C ALA F 175 29.14 -17.94 10.80
N VAL F 176 30.43 -18.11 10.50
CA VAL F 176 31.25 -19.17 11.06
C VAL F 176 32.47 -18.54 11.72
N LEU F 177 33.00 -19.22 12.73
CA LEU F 177 34.17 -18.77 13.47
C LEU F 177 35.41 -19.27 12.74
N GLN F 178 36.11 -18.37 12.05
CA GLN F 178 37.28 -18.75 11.29
C GLN F 178 38.40 -19.24 12.21
N SER F 179 39.43 -19.82 11.58
CA SER F 179 40.57 -20.33 12.33
C SER F 179 41.28 -19.21 13.08
N SER F 180 41.38 -18.02 12.47
CA SER F 180 42.03 -16.89 13.12
C SER F 180 41.27 -16.42 14.35
N GLY F 181 39.98 -16.73 14.45
CA GLY F 181 39.15 -16.21 15.51
C GLY F 181 38.20 -15.12 15.08
N LEU F 182 38.18 -14.78 13.79
CA LEU F 182 37.25 -13.82 13.24
C LEU F 182 36.06 -14.57 12.65
N TYR F 183 35.14 -13.81 12.07
CA TYR F 183 33.92 -14.38 11.50
C TYR F 183 33.95 -14.25 9.98
N SER F 184 33.12 -15.07 9.32
CA SER F 184 33.03 -15.04 7.87
C SER F 184 31.68 -15.61 7.47
N LEU F 185 31.02 -14.95 6.53
CA LEU F 185 29.71 -15.36 6.05
C LEU F 185 29.57 -14.92 4.59
N SER F 186 28.48 -15.36 3.97
CA SER F 186 28.19 -14.95 2.60
C SER F 186 26.69 -14.79 2.44
N SER F 187 26.30 -14.04 1.41
CA SER F 187 24.92 -13.84 1.04
C SER F 187 24.79 -14.08 -0.46
N VAL F 188 23.72 -14.76 -0.86
CA VAL F 188 23.51 -15.10 -2.27
C VAL F 188 22.08 -14.74 -2.68
N VAL F 189 21.91 -14.52 -3.98
CA VAL F 189 20.60 -14.32 -4.60
C VAL F 189 20.54 -15.19 -5.85
N THR F 190 19.37 -15.76 -6.11
CA THR F 190 19.11 -16.50 -7.33
C THR F 190 18.26 -15.63 -8.24
N VAL F 191 18.85 -15.16 -9.33
CA VAL F 191 18.20 -14.22 -10.23
C VAL F 191 18.15 -14.86 -11.60
N PRO F 192 17.23 -14.43 -12.46
CA PRO F 192 17.20 -14.97 -13.83
C PRO F 192 18.46 -14.58 -14.59
N SER F 193 18.97 -15.52 -15.38
CA SER F 193 20.20 -15.28 -16.13
C SER F 193 20.00 -14.22 -17.21
N SER F 194 18.81 -14.14 -17.79
CA SER F 194 18.55 -13.15 -18.83
C SER F 194 18.74 -11.73 -18.33
N SER F 195 18.46 -11.48 -17.06
CA SER F 195 18.55 -10.14 -16.47
C SER F 195 19.97 -9.80 -16.02
N LEU F 196 20.98 -10.57 -16.40
CA LEU F 196 22.35 -10.28 -15.97
C LEU F 196 22.97 -9.12 -16.70
N GLY F 197 22.45 -8.75 -17.87
CA GLY F 197 22.91 -7.58 -18.59
C GLY F 197 21.99 -6.38 -18.52
N THR F 198 20.89 -6.47 -17.76
CA THR F 198 19.90 -5.41 -17.73
C THR F 198 19.39 -5.11 -16.32
N GLN F 199 20.14 -5.47 -15.28
CA GLN F 199 19.80 -5.13 -13.90
C GLN F 199 21.08 -5.10 -13.08
N THR F 200 21.19 -4.08 -12.24
CA THR F 200 22.37 -3.90 -11.39
C THR F 200 22.14 -4.60 -10.06
N TYR F 201 23.14 -5.38 -9.63
CA TYR F 201 23.05 -6.16 -8.40
C TYR F 201 24.14 -5.69 -7.44
N ILE F 202 23.77 -4.86 -6.48
CA ILE F 202 24.66 -4.38 -5.44
C ILE F 202 24.22 -4.97 -4.11
N CYS F 203 25.18 -5.30 -3.26
CA CYS F 203 24.92 -5.75 -1.90
C CYS F 203 25.47 -4.71 -0.93
N ASN F 204 24.72 -4.45 0.14
CA ASN F 204 25.07 -3.45 1.15
C ASN F 204 25.29 -4.14 2.48
N VAL F 205 26.51 -4.00 3.00
CA VAL F 205 26.95 -4.65 4.23
C VAL F 205 27.10 -3.60 5.31
N ASN F 206 26.49 -3.85 6.47
CA ASN F 206 26.54 -2.93 7.61
C ASN F 206 27.11 -3.68 8.79
N HIS F 207 28.24 -3.20 9.30
CA HIS F 207 28.90 -3.77 10.47
C HIS F 207 29.00 -2.65 11.50
N LYS F 208 28.01 -2.59 12.38
CA LYS F 208 27.90 -1.47 13.31
C LYS F 208 29.09 -1.36 14.27
N PRO F 209 29.61 -2.44 14.86
CA PRO F 209 30.70 -2.28 15.85
C PRO F 209 31.96 -1.62 15.31
N SER F 210 32.15 -1.59 13.99
CA SER F 210 33.30 -0.90 13.40
C SER F 210 32.87 0.24 12.48
N ASN F 211 31.58 0.57 12.45
CA ASN F 211 31.05 1.65 11.61
C ASN F 211 31.44 1.45 10.15
N THR F 212 31.56 0.20 9.73
CA THR F 212 31.93 -0.12 8.36
C THR F 212 30.66 -0.36 7.56
N LYS F 213 30.45 0.44 6.52
CA LYS F 213 29.33 0.25 5.60
C LYS F 213 29.90 0.26 4.18
N VAL F 214 29.84 -0.90 3.53
CA VAL F 214 30.41 -1.09 2.20
C VAL F 214 29.30 -1.46 1.22
N ASP F 215 29.33 -0.86 0.04
CA ASP F 215 28.37 -1.14 -1.02
C ASP F 215 29.19 -1.62 -2.22
N LYS F 216 29.18 -2.92 -2.48
CA LYS F 216 29.93 -3.50 -3.58
C LYS F 216 28.97 -4.02 -4.63
N LYS F 217 29.17 -3.60 -5.88
CA LYS F 217 28.40 -4.12 -6.98
C LYS F 217 28.95 -5.47 -7.44
N VAL F 218 28.04 -6.40 -7.72
CA VAL F 218 28.40 -7.72 -8.21
C VAL F 218 28.06 -7.75 -9.69
N GLU F 219 29.05 -7.53 -10.53
CA GLU F 219 28.93 -7.51 -11.99
C GLU F 219 29.48 -8.81 -12.57
N PRO F 220 28.79 -9.41 -13.53
CA PRO F 220 29.27 -10.68 -14.07
C PRO F 220 30.60 -10.53 -14.79
N LYS F 221 31.29 -11.66 -14.93
CA LYS F 221 32.50 -11.74 -15.72
C LYS F 221 32.36 -12.66 -16.92
N SER F 222 31.38 -13.56 -16.93
CA SER F 222 31.13 -14.50 -18.03
C SER F 222 32.39 -15.14 -18.59
N ALA G 2 12.01 50.90 1.78
CA ALA G 2 10.85 50.40 1.04
C ALA G 2 11.23 49.18 0.21
N PRO G 3 10.50 48.08 0.39
CA PRO G 3 10.84 46.84 -0.32
C PRO G 3 10.81 47.03 -1.83
N LYS G 4 11.90 46.65 -2.48
CA LYS G 4 12.05 46.75 -3.92
C LYS G 4 12.25 45.37 -4.53
N TYR G 5 11.39 45.00 -5.48
CA TYR G 5 11.61 43.79 -6.23
C TYR G 5 12.88 43.91 -7.07
N VAL G 6 13.42 42.76 -7.45
CA VAL G 6 14.62 42.68 -8.28
C VAL G 6 14.32 41.80 -9.48
N LYS G 7 14.66 42.28 -10.67
CA LYS G 7 14.47 41.52 -11.90
C LYS G 7 15.73 40.73 -12.21
N GLN G 8 15.55 39.60 -12.92
CA GLN G 8 16.66 38.84 -13.45
C GLN G 8 16.85 39.25 -14.92
N ASN G 9 18.09 39.62 -15.26
CA ASN G 9 18.36 40.05 -16.62
C ASN G 9 18.13 38.90 -17.60
N THR G 10 17.62 39.24 -18.78
CA THR G 10 17.41 38.26 -19.84
C THR G 10 18.63 38.23 -20.76
N LEU G 11 19.18 37.04 -20.98
CA LEU G 11 20.38 36.89 -21.79
C LEU G 11 20.05 36.93 -23.27
N LYS G 12 20.90 37.60 -24.05
CA LYS G 12 20.74 37.61 -25.49
C LYS G 12 21.31 36.35 -26.09
N LEU G 13 20.53 35.69 -26.95
CA LEU G 13 20.99 34.47 -27.61
C LEU G 13 22.21 34.75 -28.49
N ALA G 14 22.83 33.67 -28.94
CA ALA G 14 23.99 33.78 -29.82
C ALA G 14 23.54 33.96 -31.26
N THR G 15 24.21 34.88 -31.97
CA THR G 15 23.87 35.21 -33.35
C THR G 15 24.37 34.09 -34.25
N SER G 16 23.53 33.08 -34.45
CA SER G 16 23.93 31.90 -35.22
C SER G 16 23.61 32.08 -36.70
N GLY G 17 22.35 32.33 -37.02
CA GLY G 17 21.95 32.69 -38.36
C GLY G 17 20.90 31.76 -38.94
N GLY G 18 20.32 32.22 -40.04
CA GLY G 18 19.30 31.47 -40.75
C GLY G 18 18.83 32.28 -41.95
N SER G 19 18.01 31.64 -42.77
CA SER G 19 17.52 32.27 -43.99
C SER G 19 16.24 31.57 -44.42
N GLY G 20 15.31 32.35 -44.97
CA GLY G 20 14.04 31.82 -45.42
C GLY G 20 13.13 32.86 -46.04
N SER G 21 11.83 32.76 -45.75
CA SER G 21 10.84 33.70 -46.29
C SER G 21 10.71 34.86 -45.29
N ILE G 22 11.53 35.89 -45.49
CA ILE G 22 11.59 37.04 -44.57
C ILE G 22 10.22 37.70 -44.39
N GLY G 28 -5.30 39.39 -46.66
CA GLY G 28 -4.49 38.19 -46.81
C GLY G 28 -4.53 37.28 -45.59
N ASP G 29 -5.71 36.70 -45.35
CA ASP G 29 -5.95 35.86 -44.18
C ASP G 29 -5.46 36.54 -42.91
N THR G 30 -4.51 35.91 -42.21
CA THR G 30 -3.83 36.53 -41.09
C THR G 30 -2.34 36.24 -41.20
N ARG G 31 -1.53 37.24 -40.87
CA ARG G 31 -0.09 37.11 -40.97
C ARG G 31 0.42 36.10 -39.95
N PRO G 32 1.52 35.41 -40.27
CA PRO G 32 2.06 34.43 -39.31
C PRO G 32 2.55 35.12 -38.06
N ARG G 33 2.55 34.37 -36.95
CA ARG G 33 2.89 34.90 -35.63
C ARG G 33 4.11 34.17 -35.10
N PHE G 34 4.97 34.92 -34.40
CA PHE G 34 6.19 34.36 -33.83
C PHE G 34 6.35 34.89 -32.40
N LEU G 35 6.57 33.98 -31.46
CA LEU G 35 6.54 34.29 -30.03
C LEU G 35 7.81 33.80 -29.36
N GLU G 36 8.31 34.60 -28.42
CA GLU G 36 9.46 34.22 -27.60
C GLU G 36 9.14 34.53 -26.15
N GLN G 37 9.12 33.50 -25.31
CA GLN G 37 8.86 33.67 -23.89
C GLN G 37 10.13 33.43 -23.09
N VAL G 38 10.22 34.10 -21.95
CA VAL G 38 11.26 33.85 -20.96
C VAL G 38 10.61 33.83 -19.60
N LYS G 39 10.86 32.76 -18.84
CA LYS G 39 10.34 32.61 -17.49
C LYS G 39 11.50 32.36 -16.55
N HIS G 40 11.70 33.27 -15.60
CA HIS G 40 12.69 33.10 -14.54
C HIS G 40 11.95 32.58 -13.31
N GLU G 41 12.01 31.28 -13.08
CA GLU G 41 11.19 30.62 -12.06
C GLU G 41 11.98 30.41 -10.78
N CYS G 42 11.33 30.72 -9.65
CA CYS G 42 11.85 30.39 -8.32
C CYS G 42 10.91 29.41 -7.66
N HIS G 43 11.48 28.38 -7.05
CA HIS G 43 10.75 27.30 -6.40
C HIS G 43 11.21 27.19 -4.96
N PHE G 44 10.26 27.24 -4.04
CA PHE G 44 10.53 27.28 -2.61
C PHE G 44 9.92 26.07 -1.93
N PHE G 45 10.73 25.38 -1.13
CA PHE G 45 10.30 24.26 -0.31
C PHE G 45 10.64 24.58 1.14
N ASN G 46 9.74 24.22 2.06
CA ASN G 46 9.99 24.39 3.48
C ASN G 46 10.32 25.85 3.80
N GLY G 47 9.54 26.74 3.22
CA GLY G 47 9.75 28.16 3.44
C GLY G 47 10.85 28.65 2.54
N THR G 48 11.82 29.34 3.13
CA THR G 48 12.98 29.84 2.40
C THR G 48 14.20 28.95 2.58
N GLU G 49 13.99 27.68 2.95
CA GLU G 49 15.09 26.78 3.27
C GLU G 49 15.65 26.07 2.04
N ARG G 50 14.78 25.49 1.21
CA ARG G 50 15.19 24.86 -0.04
C ARG G 50 14.68 25.71 -1.20
N VAL G 51 15.61 26.25 -1.99
CA VAL G 51 15.28 27.13 -3.10
C VAL G 51 15.99 26.64 -4.36
N ARG G 52 15.23 26.50 -5.44
CA ARG G 52 15.76 26.02 -6.72
C ARG G 52 15.43 27.03 -7.81
N PHE G 53 16.46 27.63 -8.40
CA PHE G 53 16.30 28.60 -9.47
C PHE G 53 16.27 27.90 -10.84
N LEU G 54 15.62 28.56 -11.80
CA LEU G 54 15.31 27.91 -13.07
C LEU G 54 15.06 28.99 -14.13
N ASP G 55 16.08 29.28 -14.94
CA ASP G 55 16.03 30.34 -15.95
C ASP G 55 15.75 29.69 -17.30
N ARG G 56 14.52 29.80 -17.76
CA ARG G 56 14.00 29.04 -18.90
C ARG G 56 13.72 29.97 -20.07
N TYR G 57 14.19 29.60 -21.26
CA TYR G 57 13.97 30.37 -22.49
C TYR G 57 13.14 29.54 -23.46
N PHE G 58 12.17 30.18 -24.10
CA PHE G 58 11.17 29.49 -24.90
C PHE G 58 11.03 30.12 -26.28
N TYR G 59 10.67 29.29 -27.25
CA TYR G 59 10.26 29.73 -28.58
C TYR G 59 8.89 29.12 -28.86
N HIS G 60 7.88 29.98 -29.02
CA HIS G 60 6.47 29.56 -29.12
C HIS G 60 6.12 28.89 -27.80
N GLN G 61 5.61 27.65 -27.81
CA GLN G 61 5.37 26.90 -26.60
C GLN G 61 6.47 25.89 -26.31
N GLU G 62 7.55 25.93 -27.09
CA GLU G 62 8.64 24.97 -26.98
C GLU G 62 9.77 25.55 -26.13
N GLU G 63 10.30 24.74 -25.21
CA GLU G 63 11.43 25.16 -24.38
C GLU G 63 12.73 24.95 -25.14
N TYR G 64 13.58 25.98 -25.12
CA TYR G 64 14.79 26.06 -25.94
C TYR G 64 16.03 25.68 -25.15
N VAL G 65 16.31 26.44 -24.11
CA VAL G 65 17.51 26.26 -23.29
C VAL G 65 17.10 26.60 -21.87
N ARG G 66 17.79 26.00 -20.90
CA ARG G 66 17.35 26.03 -19.52
C ARG G 66 18.56 26.07 -18.59
N PHE G 67 18.48 26.93 -17.58
CA PHE G 67 19.37 26.88 -16.43
C PHE G 67 18.62 26.28 -15.26
N ASP G 68 19.19 25.23 -14.68
CA ASP G 68 18.70 24.65 -13.44
C ASP G 68 19.80 24.80 -12.41
N SER G 69 19.47 25.37 -11.25
CA SER G 69 20.46 25.51 -10.19
C SER G 69 20.97 24.15 -9.73
N ASP G 70 20.12 23.11 -9.81
CA ASP G 70 20.57 21.76 -9.51
C ASP G 70 21.64 21.30 -10.49
N VAL G 71 21.61 21.80 -11.72
CA VAL G 71 22.57 21.42 -12.75
C VAL G 71 23.74 22.40 -12.86
N GLY G 72 23.57 23.64 -12.43
CA GLY G 72 24.64 24.60 -12.36
C GLY G 72 25.13 25.16 -13.68
N GLU G 73 24.51 24.78 -14.79
CA GLU G 73 24.89 25.33 -16.09
C GLU G 73 23.67 25.33 -17.01
N TYR G 74 23.80 26.05 -18.12
CA TYR G 74 22.76 26.04 -19.15
C TYR G 74 22.89 24.78 -19.98
N ARG G 75 21.82 24.00 -20.06
CA ARG G 75 21.75 22.87 -20.96
C ARG G 75 20.57 23.09 -21.90
N ALA G 76 20.71 22.60 -23.13
CA ALA G 76 19.74 22.85 -24.18
C ALA G 76 18.61 21.83 -24.10
N VAL G 77 17.37 22.32 -24.13
CA VAL G 77 16.22 21.43 -24.09
C VAL G 77 15.89 20.90 -25.49
N THR G 78 16.15 21.70 -26.52
CA THR G 78 16.00 21.26 -27.90
C THR G 78 17.28 21.62 -28.66
N GLU G 79 17.56 20.85 -29.72
CA GLU G 79 18.83 20.97 -30.43
C GLU G 79 19.10 22.40 -30.87
N LEU G 80 18.04 23.13 -31.23
CA LEU G 80 18.18 24.54 -31.58
C LEU G 80 18.78 25.36 -30.44
N GLY G 81 18.71 24.90 -29.20
CA GLY G 81 19.30 25.63 -28.09
C GLY G 81 20.76 25.39 -27.86
N ARG G 82 21.37 24.40 -28.53
CA ARG G 82 22.78 24.10 -28.33
C ARG G 82 23.70 25.31 -28.50
N PRO G 83 23.58 26.14 -29.54
CA PRO G 83 24.51 27.26 -29.66
C PRO G 83 24.42 28.24 -28.51
N ASP G 84 23.24 28.41 -27.93
CA ASP G 84 23.07 29.39 -26.85
C ASP G 84 23.58 28.85 -25.52
N ALA G 85 23.33 27.57 -25.24
CA ALA G 85 23.86 26.96 -24.03
C ALA G 85 25.38 26.97 -24.03
N GLU G 86 25.99 26.65 -25.16
CA GLU G 86 27.45 26.66 -25.26
C GLU G 86 28.00 28.08 -25.12
N TYR G 87 27.34 29.06 -25.74
CA TYR G 87 27.84 30.42 -25.70
C TYR G 87 27.71 31.03 -24.30
N TRP G 88 26.68 30.63 -23.55
CA TRP G 88 26.49 31.20 -22.22
C TRP G 88 27.38 30.53 -21.19
N ASN G 89 27.51 29.20 -21.25
CA ASN G 89 28.34 28.49 -20.28
C ASN G 89 29.81 28.83 -20.42
N SER G 90 30.20 29.58 -21.45
CA SER G 90 31.58 30.01 -21.62
C SER G 90 31.88 31.31 -20.90
N GLN G 91 30.88 32.17 -20.71
CA GLN G 91 31.06 33.39 -19.94
C GLN G 91 31.00 33.02 -18.45
N LYS G 92 32.15 33.11 -17.78
CA LYS G 92 32.25 32.62 -16.40
C LYS G 92 31.38 33.43 -15.45
N ASP G 93 31.55 34.75 -15.45
CA ASP G 93 30.79 35.60 -14.54
C ASP G 93 29.29 35.47 -14.75
N LEU G 94 28.87 35.16 -15.99
CA LEU G 94 27.45 34.97 -16.27
C LEU G 94 26.86 33.83 -15.46
N LEU G 95 27.59 32.71 -15.35
CA LEU G 95 27.11 31.54 -14.62
C LEU G 95 27.15 31.75 -13.11
N GLU G 96 28.13 32.52 -12.60
CA GLU G 96 28.15 32.85 -11.18
C GLU G 96 26.90 33.63 -10.78
N GLN G 97 26.51 34.62 -11.59
CA GLN G 97 25.27 35.35 -11.35
C GLN G 97 24.08 34.41 -11.29
N LYS G 98 24.01 33.48 -12.24
CA LYS G 98 22.86 32.57 -12.29
C LYS G 98 22.87 31.60 -11.12
N ARG G 99 24.05 31.13 -10.72
CA ARG G 99 24.12 30.20 -9.59
C ARG G 99 23.69 30.86 -8.29
N ALA G 100 24.16 32.08 -8.04
CA ALA G 100 23.78 32.83 -6.84
C ALA G 100 22.40 33.48 -6.97
N ALA G 101 21.70 33.30 -8.09
CA ALA G 101 20.35 33.81 -8.20
C ALA G 101 19.40 33.13 -7.23
N VAL G 102 19.79 31.98 -6.67
CA VAL G 102 19.01 31.36 -5.61
C VAL G 102 18.94 32.28 -4.40
N ASP G 103 19.96 33.12 -4.22
CA ASP G 103 20.04 34.03 -3.08
C ASP G 103 19.69 35.46 -3.46
N THR G 104 20.44 36.04 -4.40
CA THR G 104 20.29 37.45 -4.72
C THR G 104 18.94 37.77 -5.34
N TYR G 105 18.29 36.80 -5.96
CA TYR G 105 17.05 37.04 -6.68
C TYR G 105 15.86 36.31 -6.07
N CYS G 106 15.93 34.99 -5.93
CA CYS G 106 14.76 34.23 -5.47
C CYS G 106 14.40 34.56 -4.04
N ARG G 107 15.41 34.62 -3.16
CA ARG G 107 15.13 34.86 -1.75
C ARG G 107 14.79 36.32 -1.50
N HIS G 108 15.41 37.24 -2.23
CA HIS G 108 15.11 38.66 -2.05
C HIS G 108 13.64 38.95 -2.36
N ASN G 109 13.14 38.42 -3.48
CA ASN G 109 11.75 38.69 -3.86
C ASN G 109 10.77 37.93 -2.96
N TYR G 110 11.16 36.74 -2.51
CA TYR G 110 10.29 35.98 -1.62
C TYR G 110 10.03 36.75 -0.33
N GLY G 111 11.03 37.48 0.18
CA GLY G 111 10.85 38.29 1.38
C GLY G 111 10.09 39.58 1.17
N VAL G 112 10.34 40.25 0.03
CA VAL G 112 9.67 41.51 -0.27
C VAL G 112 8.16 41.32 -0.28
N GLY G 113 7.68 40.19 -0.81
CA GLY G 113 6.26 39.94 -0.91
C GLY G 113 5.68 39.01 0.12
N GLU G 114 6.47 38.57 1.11
CA GLU G 114 5.96 37.57 2.05
C GLU G 114 4.76 38.10 2.84
N SER G 115 4.73 39.42 3.09
CA SER G 115 3.65 39.99 3.88
C SER G 115 2.29 39.79 3.21
N PHE G 116 2.20 40.05 1.90
CA PHE G 116 0.91 40.05 1.21
C PHE G 116 0.71 38.87 0.29
N THR G 117 1.68 37.96 0.16
CA THR G 117 1.52 36.80 -0.71
C THR G 117 1.49 35.50 0.09
N VAL G 118 2.57 35.16 0.78
CA VAL G 118 2.63 33.90 1.50
C VAL G 118 1.65 33.93 2.68
N GLN G 119 1.75 34.97 3.49
CA GLN G 119 0.94 35.09 4.71
C GLN G 119 -0.44 35.70 4.44
N ARG G 120 -0.86 35.79 3.18
CA ARG G 120 -2.20 36.30 2.87
C ARG G 120 -3.25 35.30 3.34
N ARG G 121 -4.22 35.78 4.13
CA ARG G 121 -5.34 34.99 4.60
C ARG G 121 -6.63 35.72 4.31
N VAL G 122 -7.61 35.00 3.76
CA VAL G 122 -8.88 35.59 3.34
C VAL G 122 -10.03 34.67 3.75
N TYR G 123 -10.92 35.18 4.59
CA TYR G 123 -12.04 34.39 5.08
C TYR G 123 -12.86 33.84 3.91
N PRO G 124 -13.24 32.57 3.95
CA PRO G 124 -14.20 32.06 2.98
C PRO G 124 -15.64 32.41 3.36
N GLU G 125 -16.48 32.54 2.34
CA GLU G 125 -17.92 32.72 2.53
C GLU G 125 -18.61 31.42 2.17
N VAL G 126 -19.29 30.82 3.13
CA VAL G 126 -19.88 29.50 2.97
C VAL G 126 -21.38 29.63 2.79
N THR G 127 -21.93 28.81 1.89
CA THR G 127 -23.32 28.86 1.49
C THR G 127 -23.80 27.45 1.20
N VAL G 128 -25.03 27.14 1.60
CA VAL G 128 -25.64 25.85 1.28
C VAL G 128 -26.95 26.11 0.55
N TYR G 129 -27.12 25.45 -0.60
CA TYR G 129 -28.32 25.56 -1.40
C TYR G 129 -28.46 24.26 -2.19
N PRO G 130 -29.68 23.78 -2.40
CA PRO G 130 -29.86 22.62 -3.29
C PRO G 130 -30.20 23.03 -4.71
N ALA G 131 -29.93 22.16 -5.68
CA ALA G 131 -30.23 22.45 -7.07
C ALA G 131 -30.24 21.13 -7.85
N LYS G 132 -30.32 21.24 -9.18
CA LYS G 132 -30.30 20.08 -10.09
C LYS G 132 -31.36 19.03 -9.73
N HIS G 139 -33.14 13.30 -6.61
CA HIS G 139 -32.75 13.99 -7.84
C HIS G 139 -32.06 15.33 -7.56
N ASN G 140 -32.75 16.21 -6.85
CA ASN G 140 -32.17 17.45 -6.36
C ASN G 140 -31.36 17.19 -5.10
N LEU G 141 -30.09 17.58 -5.12
CA LEU G 141 -29.15 17.33 -4.05
C LEU G 141 -28.58 18.67 -3.56
N LEU G 142 -27.65 18.60 -2.62
CA LEU G 142 -27.20 19.76 -1.87
C LEU G 142 -25.80 20.21 -2.31
N VAL G 143 -25.59 21.52 -2.29
CA VAL G 143 -24.34 22.16 -2.70
C VAL G 143 -23.80 22.97 -1.53
N CYS G 144 -22.47 23.00 -1.39
CA CYS G 144 -21.80 23.83 -0.38
C CYS G 144 -20.80 24.72 -1.12
N SER G 145 -21.21 25.95 -1.43
CA SER G 145 -20.34 26.88 -2.12
C SER G 145 -19.46 27.62 -1.13
N VAL G 146 -18.16 27.67 -1.41
CA VAL G 146 -17.16 28.30 -0.54
C VAL G 146 -16.40 29.29 -1.40
N ASN G 147 -16.66 30.58 -1.24
CA ASN G 147 -16.24 31.59 -2.20
C ASN G 147 -15.23 32.58 -1.62
N GLY G 148 -14.22 32.89 -2.43
CA GLY G 148 -13.32 34.01 -2.19
C GLY G 148 -12.33 33.86 -1.05
N PHE G 149 -11.54 32.80 -1.05
CA PHE G 149 -10.56 32.56 0.00
C PHE G 149 -9.15 32.47 -0.55
N TYR G 150 -8.17 32.70 0.33
CA TYR G 150 -6.77 32.57 -0.01
C TYR G 150 -6.04 32.17 1.27
N PRO G 151 -5.11 31.20 1.21
CA PRO G 151 -4.70 30.45 0.02
C PRO G 151 -5.68 29.35 -0.38
N GLY G 152 -5.26 28.49 -1.30
CA GLY G 152 -6.12 27.46 -1.84
C GLY G 152 -6.28 26.23 -0.98
N SER G 153 -5.42 26.06 0.03
CA SER G 153 -5.50 24.91 0.91
C SER G 153 -6.80 24.94 1.70
N ILE G 154 -7.83 24.28 1.17
CA ILE G 154 -9.14 24.20 1.80
C ILE G 154 -9.47 22.75 2.08
N GLU G 155 -10.27 22.52 3.13
CA GLU G 155 -10.84 21.21 3.41
C GLU G 155 -12.34 21.39 3.63
N VAL G 156 -13.14 20.64 2.89
CA VAL G 156 -14.59 20.72 2.96
C VAL G 156 -15.13 19.33 3.28
N ARG G 157 -16.07 19.28 4.24
CA ARG G 157 -16.64 18.02 4.70
C ARG G 157 -18.16 18.14 4.74
N TRP G 158 -18.83 17.04 4.44
CA TRP G 158 -20.29 16.93 4.53
C TRP G 158 -20.64 15.98 5.66
N PHE G 159 -21.30 16.49 6.69
CA PHE G 159 -21.82 15.69 7.79
C PHE G 159 -23.32 15.45 7.59
N ARG G 160 -23.76 14.21 7.76
CA ARG G 160 -25.17 13.86 7.73
C ARG G 160 -25.56 13.38 9.12
N ASN G 161 -26.29 14.22 9.85
CA ASN G 161 -26.76 13.90 11.20
C ASN G 161 -25.58 13.56 12.12
N GLY G 162 -24.59 14.44 12.14
CA GLY G 162 -23.45 14.23 13.02
C GLY G 162 -22.51 13.11 12.60
N GLN G 163 -22.68 12.56 11.40
CA GLN G 163 -21.83 11.49 10.89
C GLN G 163 -21.34 11.89 9.50
N GLU G 164 -20.02 11.95 9.32
CA GLU G 164 -19.47 12.41 8.06
C GLU G 164 -19.77 11.42 6.95
N GLU G 165 -20.19 11.91 5.79
CA GLU G 165 -20.56 11.07 4.67
C GLU G 165 -19.47 11.22 3.61
N LYS G 166 -18.43 10.40 3.74
CA LYS G 166 -17.32 10.43 2.79
C LYS G 166 -17.63 9.60 1.53
N THR G 167 -18.91 9.48 1.19
CA THR G 167 -19.34 8.81 -0.02
C THR G 167 -20.51 9.60 -0.60
N GLY G 168 -20.35 10.08 -1.83
CA GLY G 168 -21.29 10.98 -2.44
C GLY G 168 -20.83 12.41 -2.54
N VAL G 169 -19.59 12.70 -2.18
CA VAL G 169 -19.02 14.04 -2.26
C VAL G 169 -18.25 14.15 -3.58
N VAL G 170 -18.77 14.92 -4.51
CA VAL G 170 -18.07 15.25 -5.74
C VAL G 170 -17.82 16.76 -5.74
N SER G 171 -16.60 17.15 -6.06
CA SER G 171 -16.16 18.52 -5.91
C SER G 171 -15.80 19.11 -7.28
N THR G 172 -16.13 20.39 -7.46
CA THR G 172 -15.66 21.13 -8.63
C THR G 172 -14.15 21.28 -8.62
N GLY G 173 -13.51 21.04 -7.50
CA GLY G 173 -12.08 21.30 -7.41
C GLY G 173 -11.83 22.76 -7.11
N LEU G 174 -10.56 23.07 -6.91
CA LEU G 174 -10.17 24.44 -6.65
C LEU G 174 -10.36 25.26 -7.93
N ILE G 175 -11.06 26.38 -7.81
CA ILE G 175 -11.33 27.28 -8.94
C ILE G 175 -10.68 28.61 -8.63
N GLN G 176 -9.79 29.05 -9.52
CA GLN G 176 -9.12 30.33 -9.36
C GLN G 176 -9.94 31.40 -10.07
N ASN G 177 -10.27 32.47 -9.35
CA ASN G 177 -11.05 33.56 -9.93
C ASN G 177 -10.18 34.63 -10.57
N GLY G 178 -8.88 34.67 -10.28
CA GLY G 178 -8.00 35.66 -10.85
C GLY G 178 -7.81 36.91 -10.03
N ASP G 179 -8.65 37.14 -9.03
CA ASP G 179 -8.50 38.27 -8.10
C ASP G 179 -7.86 37.85 -6.78
N TRP G 180 -6.98 36.85 -6.81
CA TRP G 180 -6.33 36.32 -5.61
C TRP G 180 -7.35 35.73 -4.62
N THR G 181 -8.42 35.15 -5.15
CA THR G 181 -9.41 34.45 -4.35
C THR G 181 -9.84 33.18 -5.08
N PHE G 182 -9.84 32.05 -4.37
CA PHE G 182 -10.37 30.82 -4.93
C PHE G 182 -11.82 30.61 -4.50
N GLN G 183 -12.53 29.79 -5.25
CA GLN G 183 -13.86 29.34 -4.88
C GLN G 183 -13.99 27.87 -5.22
N THR G 184 -14.92 27.19 -4.56
CA THR G 184 -15.12 25.77 -4.84
C THR G 184 -16.50 25.35 -4.35
N LEU G 185 -17.12 24.45 -5.10
CA LEU G 185 -18.46 23.94 -4.81
C LEU G 185 -18.38 22.44 -4.60
N VAL G 186 -18.77 21.99 -3.42
CA VAL G 186 -18.77 20.56 -3.09
C VAL G 186 -20.22 20.11 -3.01
N MET G 187 -20.58 19.16 -3.86
CA MET G 187 -21.96 18.67 -3.95
C MET G 187 -22.08 17.32 -3.25
N LEU G 188 -23.15 17.16 -2.48
CA LEU G 188 -23.44 15.94 -1.73
C LEU G 188 -24.60 15.21 -2.36
N GLU G 189 -24.42 13.93 -2.64
CA GLU G 189 -25.33 13.16 -3.50
C GLU G 189 -26.11 12.14 -2.69
N THR G 190 -26.97 12.61 -1.79
CA THR G 190 -27.95 11.74 -1.18
C THR G 190 -29.23 12.56 -1.02
N VAL G 191 -30.34 12.05 -1.56
CA VAL G 191 -31.62 12.76 -1.56
C VAL G 191 -31.95 13.25 -0.16
N PRO G 192 -32.27 14.53 0.02
CA PRO G 192 -32.66 15.01 1.34
C PRO G 192 -33.99 14.39 1.77
N ARG G 193 -34.09 14.07 3.06
CA ARG G 193 -35.21 13.32 3.61
C ARG G 193 -36.08 14.24 4.47
N SER G 194 -36.75 13.67 5.47
CA SER G 194 -37.71 14.39 6.29
C SER G 194 -37.00 14.95 7.52
N GLY G 195 -36.88 16.27 7.59
CA GLY G 195 -36.34 16.95 8.75
C GLY G 195 -35.00 16.43 9.24
N GLU G 196 -34.06 16.24 8.32
CA GLU G 196 -32.71 15.80 8.67
C GLU G 196 -31.77 17.00 8.72
N VAL G 197 -30.63 16.79 9.37
CA VAL G 197 -29.61 17.82 9.54
C VAL G 197 -28.43 17.48 8.65
N TYR G 198 -28.03 18.43 7.81
CA TYR G 198 -26.80 18.32 7.03
C TYR G 198 -25.88 19.47 7.42
N THR G 199 -24.58 19.17 7.51
CA THR G 199 -23.60 20.14 7.97
C THR G 199 -22.43 20.14 7.02
N CYS G 200 -22.11 21.31 6.48
CA CYS G 200 -20.89 21.52 5.71
C CYS G 200 -19.86 22.16 6.63
N GLN G 201 -18.65 21.62 6.62
CA GLN G 201 -17.57 22.15 7.46
C GLN G 201 -16.38 22.51 6.58
N VAL G 202 -15.71 23.60 6.94
CA VAL G 202 -14.67 24.19 6.11
C VAL G 202 -13.47 24.49 7.00
N GLU G 203 -12.32 23.88 6.69
CA GLU G 203 -11.06 24.19 7.34
C GLU G 203 -10.22 25.04 6.41
N HIS G 204 -9.68 26.14 6.91
CA HIS G 204 -8.87 27.03 6.11
C HIS G 204 -7.93 27.81 7.03
N PRO G 205 -6.66 27.99 6.63
CA PRO G 205 -5.71 28.70 7.50
C PRO G 205 -6.13 30.11 7.86
N SER G 206 -7.05 30.71 7.11
CA SER G 206 -7.50 32.05 7.44
C SER G 206 -8.41 32.07 8.66
N LEU G 207 -8.95 30.92 9.03
CA LEU G 207 -9.91 30.81 10.12
C LEU G 207 -9.21 30.44 11.43
N THR G 208 -9.80 30.87 12.54
CA THR G 208 -9.36 30.46 13.87
C THR G 208 -10.06 29.21 14.38
N SER G 209 -11.14 28.78 13.71
CA SER G 209 -11.92 27.64 14.15
C SER G 209 -12.75 27.18 12.97
N PRO G 210 -12.97 25.87 12.80
CA PRO G 210 -13.72 25.40 11.63
C PRO G 210 -15.08 26.06 11.48
N LEU G 211 -15.46 26.32 10.23
CA LEU G 211 -16.72 26.98 9.91
C LEU G 211 -17.77 25.93 9.55
N THR G 212 -18.95 26.04 10.17
CA THR G 212 -20.02 25.07 9.98
C THR G 212 -21.29 25.79 9.58
N VAL G 213 -22.00 25.21 8.61
CA VAL G 213 -23.32 25.70 8.21
C VAL G 213 -24.26 24.50 8.11
N GLU G 214 -25.43 24.63 8.70
CA GLU G 214 -26.39 23.53 8.79
C GLU G 214 -27.62 23.85 7.97
N TRP G 215 -28.06 22.89 7.16
CA TRP G 215 -29.26 23.01 6.35
C TRP G 215 -30.24 21.94 6.77
N ARG G 216 -31.40 22.36 7.25
CA ARG G 216 -32.47 21.44 7.64
C ARG G 216 -33.62 21.57 6.66
N ALA G 217 -34.33 20.46 6.47
CA ALA G 217 -35.43 20.39 5.52
C ALA G 217 -36.52 21.42 5.81
N GLN H 1 -11.26 11.71 -11.87
CA GLN H 1 -10.48 10.92 -12.84
C GLN H 1 -11.16 10.89 -14.22
N VAL H 2 -10.46 11.38 -15.24
CA VAL H 2 -10.97 11.42 -16.61
C VAL H 2 -10.81 10.03 -17.23
N GLN H 3 -11.94 9.41 -17.60
CA GLN H 3 -11.92 8.07 -18.14
C GLN H 3 -12.92 7.93 -19.28
N LEU H 4 -12.56 7.08 -20.25
CA LEU H 4 -13.44 6.66 -21.33
C LEU H 4 -13.31 5.15 -21.51
N LYS H 5 -14.44 4.48 -21.66
CA LYS H 5 -14.46 3.03 -21.82
C LYS H 5 -15.43 2.63 -22.92
N GLU H 6 -14.97 1.78 -23.83
CA GLU H 6 -15.82 1.26 -24.89
C GLU H 6 -16.42 -0.08 -24.47
N SER H 7 -17.65 -0.33 -24.94
CA SER H 7 -18.32 -1.60 -24.69
C SER H 7 -19.26 -1.90 -25.84
N GLY H 8 -19.24 -3.16 -26.29
CA GLY H 8 -20.01 -3.56 -27.44
C GLY H 8 -19.88 -5.05 -27.72
N PRO H 9 -20.66 -5.55 -28.67
CA PRO H 9 -20.59 -6.98 -29.00
C PRO H 9 -19.26 -7.33 -29.64
N GLY H 10 -18.73 -8.50 -29.25
CA GLY H 10 -17.49 -8.96 -29.83
C GLY H 10 -17.62 -9.42 -31.27
N LEU H 11 -18.69 -10.14 -31.57
CA LEU H 11 -18.87 -10.78 -32.88
C LEU H 11 -20.15 -10.27 -33.52
N VAL H 12 -20.02 -9.67 -34.69
CA VAL H 12 -21.16 -9.17 -35.46
C VAL H 12 -21.10 -9.79 -36.84
N ALA H 13 -22.19 -10.42 -37.26
CA ALA H 13 -22.26 -11.04 -38.58
C ALA H 13 -22.09 -10.00 -39.68
N PRO H 14 -21.55 -10.40 -40.84
CA PRO H 14 -21.42 -9.46 -41.95
C PRO H 14 -22.77 -9.00 -42.47
N SER H 15 -22.76 -7.87 -43.16
CA SER H 15 -23.96 -7.23 -43.69
C SER H 15 -24.98 -6.90 -42.59
N GLN H 16 -24.52 -6.80 -41.33
CA GLN H 16 -25.40 -6.50 -40.20
C GLN H 16 -25.02 -5.15 -39.58
N SER H 17 -25.46 -4.89 -38.34
CA SER H 17 -25.23 -3.61 -37.69
C SER H 17 -24.34 -3.79 -36.46
N LEU H 18 -23.47 -2.82 -36.22
CA LEU H 18 -22.55 -2.82 -35.09
C LEU H 18 -22.82 -1.61 -34.21
N SER H 19 -23.16 -1.83 -32.94
CA SER H 19 -23.45 -0.75 -32.00
C SER H 19 -22.45 -0.78 -30.85
N ILE H 20 -21.63 0.26 -30.74
CA ILE H 20 -20.66 0.41 -29.66
C ILE H 20 -21.02 1.65 -28.85
N THR H 21 -20.83 1.59 -27.54
CA THR H 21 -21.07 2.73 -26.67
C THR H 21 -19.80 3.08 -25.91
N CYS H 22 -19.56 4.37 -25.75
CA CYS H 22 -18.36 4.90 -25.09
C CYS H 22 -18.83 5.61 -23.82
N THR H 23 -18.94 4.86 -22.73
CA THR H 23 -19.37 5.44 -21.46
C THR H 23 -18.27 6.35 -20.90
N VAL H 24 -18.66 7.56 -20.52
CA VAL H 24 -17.73 8.62 -20.17
C VAL H 24 -17.88 8.97 -18.70
N SER H 25 -16.76 9.26 -18.04
CA SER H 25 -16.78 9.76 -16.67
C SER H 25 -15.59 10.69 -16.48
N GLY H 26 -15.74 11.64 -15.57
CA GLY H 26 -14.74 12.65 -15.31
C GLY H 26 -15.00 13.98 -15.97
N PHE H 27 -15.85 14.01 -16.99
CA PHE H 27 -16.14 15.24 -17.73
C PHE H 27 -17.54 15.13 -18.28
N SER H 28 -18.04 16.25 -18.80
CA SER H 28 -19.41 16.35 -19.29
C SER H 28 -19.43 16.36 -20.81
N LEU H 29 -20.32 15.56 -21.40
CA LEU H 29 -20.51 15.57 -22.84
C LEU H 29 -21.15 16.84 -23.36
N THR H 30 -21.40 17.83 -22.50
CA THR H 30 -21.96 19.10 -22.93
C THR H 30 -20.90 20.17 -23.17
N SER H 31 -19.64 19.86 -22.86
CA SER H 31 -18.52 20.75 -23.15
C SER H 31 -17.36 20.06 -23.84
N TYR H 32 -17.28 18.73 -23.83
CA TYR H 32 -16.24 17.99 -24.52
C TYR H 32 -16.85 17.14 -25.62
N GLY H 33 -16.11 16.99 -26.71
CA GLY H 33 -16.51 16.15 -27.83
C GLY H 33 -15.80 14.82 -27.80
N VAL H 34 -16.34 13.87 -28.55
CA VAL H 34 -15.86 12.50 -28.53
C VAL H 34 -15.62 12.03 -29.96
N HIS H 35 -14.39 11.60 -30.24
CA HIS H 35 -14.00 11.07 -31.53
C HIS H 35 -14.09 9.55 -31.50
N TRP H 36 -14.11 8.95 -32.69
CA TRP H 36 -14.08 7.50 -32.84
C TRP H 36 -12.95 7.12 -33.78
N VAL H 37 -12.12 6.16 -33.35
CA VAL H 37 -10.93 5.74 -34.09
C VAL H 37 -10.86 4.23 -34.06
N ARG H 38 -10.50 3.62 -35.19
CA ARG H 38 -10.29 2.18 -35.26
C ARG H 38 -8.89 1.86 -35.74
N GLN H 39 -8.44 0.65 -35.38
CA GLN H 39 -7.11 0.16 -35.73
C GLN H 39 -7.24 -1.29 -36.16
N PRO H 40 -7.16 -1.57 -37.45
CA PRO H 40 -7.15 -2.97 -37.89
C PRO H 40 -5.94 -3.67 -37.33
N PRO H 41 -6.03 -4.97 -37.07
CA PRO H 41 -4.92 -5.68 -36.40
C PRO H 41 -3.64 -5.60 -37.21
N GLY H 42 -2.58 -5.11 -36.58
CA GLY H 42 -1.30 -4.95 -37.22
C GLY H 42 -1.13 -3.70 -38.05
N LYS H 43 -2.22 -3.16 -38.56
CA LYS H 43 -2.17 -1.98 -39.43
C LYS H 43 -2.12 -0.71 -38.60
N GLY H 44 -2.34 0.44 -39.24
CA GLY H 44 -2.28 1.73 -38.60
C GLY H 44 -3.61 2.13 -37.98
N LEU H 45 -3.80 3.43 -37.83
CA LEU H 45 -5.00 3.97 -37.20
C LEU H 45 -5.84 4.72 -38.23
N GLU H 46 -7.16 4.62 -38.10
CA GLU H 46 -8.08 5.25 -39.05
C GLU H 46 -9.15 6.01 -38.29
N TRP H 47 -9.28 7.30 -38.61
CA TRP H 47 -10.26 8.16 -37.96
C TRP H 47 -11.64 7.93 -38.56
N LEU H 48 -12.64 7.73 -37.71
CA LEU H 48 -14.01 7.49 -38.16
C LEU H 48 -14.88 8.73 -38.12
N GLY H 49 -14.89 9.45 -37.00
CA GLY H 49 -15.79 10.58 -36.86
C GLY H 49 -15.69 11.20 -35.49
N VAL H 50 -16.56 12.17 -35.24
CA VAL H 50 -16.58 12.89 -33.98
C VAL H 50 -17.95 13.55 -33.82
N ILE H 51 -18.51 13.46 -32.63
CA ILE H 51 -19.67 14.25 -32.24
C ILE H 51 -19.21 15.25 -31.19
N TRP H 52 -19.42 16.53 -31.46
CA TRP H 52 -18.90 17.58 -30.58
C TRP H 52 -19.84 17.78 -29.39
N ALA H 53 -19.54 18.82 -28.59
CA ALA H 53 -20.36 19.12 -27.42
C ALA H 53 -21.76 19.54 -27.83
N GLY H 54 -21.87 20.41 -28.82
CA GLY H 54 -23.17 20.87 -29.25
C GLY H 54 -23.92 19.97 -30.20
N GLY H 55 -23.44 18.76 -30.44
CA GLY H 55 -24.16 17.79 -31.24
C GLY H 55 -23.82 17.76 -32.71
N SER H 56 -23.02 18.71 -33.19
CA SER H 56 -22.61 18.71 -34.59
C SER H 56 -21.70 17.51 -34.86
N ILE H 57 -21.97 16.80 -35.94
CA ILE H 57 -21.27 15.57 -36.27
C ILE H 57 -20.42 15.79 -37.51
N ASN H 58 -19.24 15.19 -37.53
CA ASN H 58 -18.37 15.15 -38.70
C ASN H 58 -17.92 13.73 -38.94
N TYR H 59 -18.26 13.19 -40.11
CA TYR H 59 -17.88 11.84 -40.48
C TYR H 59 -16.71 11.85 -41.45
N ASN H 60 -16.10 10.68 -41.60
CA ASN H 60 -15.10 10.42 -42.62
C ASN H 60 -15.85 10.00 -43.88
N SER H 61 -15.60 10.71 -44.99
CA SER H 61 -16.34 10.48 -46.22
C SER H 61 -16.28 9.03 -46.68
N ALA H 62 -15.15 8.35 -46.41
CA ALA H 62 -15.02 6.96 -46.83
C ALA H 62 -16.07 6.08 -46.18
N LEU H 63 -16.55 6.46 -45.00
CA LEU H 63 -17.52 5.66 -44.26
C LEU H 63 -18.96 6.17 -44.34
N MET H 64 -19.19 7.38 -44.85
CA MET H 64 -20.53 7.95 -44.81
C MET H 64 -21.54 7.02 -45.48
N SER H 65 -22.79 7.10 -45.01
CA SER H 65 -23.88 6.16 -45.28
C SER H 65 -23.63 4.81 -44.63
N ARG H 66 -22.58 4.67 -43.82
CA ARG H 66 -22.39 3.50 -42.98
C ARG H 66 -22.09 3.88 -41.55
N LEU H 67 -22.13 5.18 -41.22
CA LEU H 67 -21.78 5.66 -39.89
C LEU H 67 -22.92 6.47 -39.30
N SER H 68 -23.20 6.22 -38.02
CA SER H 68 -24.20 6.99 -37.29
C SER H 68 -23.67 7.21 -35.87
N ILE H 69 -23.26 8.44 -35.57
CA ILE H 69 -22.77 8.80 -34.24
C ILE H 69 -23.87 9.59 -33.53
N SER H 70 -24.33 9.08 -32.40
CA SER H 70 -25.29 9.79 -31.56
C SER H 70 -24.71 9.99 -30.17
N LYS H 71 -25.39 10.81 -29.37
CA LYS H 71 -24.97 11.09 -28.01
C LYS H 71 -26.20 11.23 -27.12
N ASP H 72 -26.05 10.84 -25.86
CA ASP H 72 -27.04 11.09 -24.81
C ASP H 72 -26.28 11.75 -23.67
N ASN H 73 -26.32 13.09 -23.63
CA ASN H 73 -25.55 13.84 -22.64
C ASN H 73 -25.91 13.43 -21.21
N PHE H 74 -27.21 13.39 -20.90
CA PHE H 74 -27.60 13.12 -19.52
C PHE H 74 -27.14 11.74 -19.06
N LYS H 75 -27.16 10.75 -19.95
CA LYS H 75 -26.65 9.42 -19.62
C LYS H 75 -25.15 9.30 -19.85
N SER H 76 -24.50 10.36 -20.33
CA SER H 76 -23.05 10.43 -20.47
C SER H 76 -22.48 9.22 -21.21
N GLN H 77 -22.95 9.04 -22.43
CA GLN H 77 -22.48 7.93 -23.24
C GLN H 77 -22.70 8.23 -24.72
N VAL H 78 -21.68 7.93 -25.52
CA VAL H 78 -21.67 8.19 -26.95
C VAL H 78 -21.90 6.87 -27.67
N PHE H 79 -22.51 6.93 -28.84
CA PHE H 79 -22.90 5.74 -29.56
C PHE H 79 -22.31 5.76 -30.96
N LEU H 80 -22.14 4.56 -31.53
CA LEU H 80 -21.52 4.39 -32.84
C LEU H 80 -22.14 3.18 -33.49
N LYS H 81 -22.75 3.37 -34.65
CA LYS H 81 -23.33 2.24 -35.38
C LYS H 81 -22.79 2.22 -36.81
N MET H 82 -22.19 1.09 -37.17
CA MET H 82 -21.69 0.83 -38.51
C MET H 82 -22.65 -0.09 -39.24
N SER H 83 -23.04 0.29 -40.45
CA SER H 83 -23.91 -0.52 -41.28
C SER H 83 -23.10 -1.09 -42.45
N SER H 84 -23.65 -2.16 -43.03
CA SER H 84 -23.01 -2.85 -44.17
C SER H 84 -21.59 -3.27 -43.81
N LEU H 85 -21.47 -3.99 -42.69
CA LEU H 85 -20.16 -4.41 -42.21
C LEU H 85 -19.51 -5.38 -43.19
N GLN H 86 -18.26 -5.12 -43.52
CA GLN H 86 -17.46 -6.00 -44.34
C GLN H 86 -16.37 -6.64 -43.48
N THR H 87 -15.77 -7.70 -44.01
CA THR H 87 -14.72 -8.40 -43.28
C THR H 87 -13.58 -7.46 -42.91
N ASP H 88 -13.37 -6.39 -43.69
CA ASP H 88 -12.30 -5.44 -43.41
C ASP H 88 -12.54 -4.67 -42.12
N ASP H 89 -13.80 -4.53 -41.72
CA ASP H 89 -14.13 -3.69 -40.57
C ASP H 89 -13.66 -4.28 -39.25
N THR H 90 -13.26 -5.56 -39.23
CA THR H 90 -12.75 -6.17 -38.02
C THR H 90 -11.50 -5.43 -37.54
N ALA H 91 -11.59 -4.86 -36.34
CA ALA H 91 -10.55 -4.00 -35.79
C ALA H 91 -10.86 -3.76 -34.32
N MET H 92 -10.10 -2.87 -33.70
CA MET H 92 -10.33 -2.46 -32.32
C MET H 92 -10.72 -0.98 -32.35
N TYR H 93 -11.86 -0.65 -31.76
CA TYR H 93 -12.45 0.68 -31.90
C TYR H 93 -12.21 1.50 -30.63
N TYR H 94 -11.77 2.74 -30.81
CA TYR H 94 -11.44 3.64 -29.71
C TYR H 94 -12.35 4.85 -29.72
N CYS H 95 -12.36 5.56 -28.59
CA CYS H 95 -12.95 6.89 -28.50
C CYS H 95 -12.00 7.81 -27.75
N ALA H 96 -12.04 9.10 -28.10
CA ALA H 96 -11.14 10.07 -27.49
C ALA H 96 -11.87 11.39 -27.26
N ARG H 97 -11.40 12.14 -26.27
CA ARG H 97 -12.01 13.39 -25.81
C ARG H 97 -11.37 14.59 -26.50
N ALA H 98 -12.18 15.62 -26.75
CA ALA H 98 -11.68 16.90 -27.22
C ALA H 98 -12.67 18.01 -26.85
N TYR H 99 -12.13 19.12 -26.37
CA TYR H 99 -12.96 20.23 -25.93
C TYR H 99 -13.66 20.90 -27.11
N GLY H 100 -14.78 21.55 -26.81
CA GLY H 100 -15.39 22.48 -27.73
C GLY H 100 -16.07 21.82 -28.91
N ASP H 101 -16.19 22.60 -29.99
CA ASP H 101 -16.87 22.15 -31.20
C ASP H 101 -16.05 22.49 -32.45
N TYR H 102 -14.72 22.47 -32.34
CA TYR H 102 -13.88 22.74 -33.50
C TYR H 102 -12.72 21.76 -33.55
N VAL H 103 -12.33 21.40 -34.77
CA VAL H 103 -11.33 20.37 -35.01
C VAL H 103 -9.97 20.76 -34.44
N HIS H 104 -9.69 22.05 -34.30
CA HIS H 104 -8.38 22.47 -33.85
C HIS H 104 -8.18 22.30 -32.35
N TYR H 105 -9.16 21.76 -31.65
CA TYR H 105 -8.98 21.31 -30.28
C TYR H 105 -8.44 19.89 -30.31
N ALA H 106 -7.21 19.72 -29.82
CA ALA H 106 -6.56 18.43 -29.88
C ALA H 106 -7.32 17.41 -29.04
N MET H 107 -7.26 16.15 -29.46
CA MET H 107 -7.78 15.08 -28.63
C MET H 107 -6.78 14.78 -27.53
N ASP H 108 -7.27 14.39 -26.35
CA ASP H 108 -6.35 14.10 -25.28
C ASP H 108 -6.54 12.69 -24.73
N TYR H 109 -7.55 12.47 -23.89
CA TYR H 109 -7.70 11.20 -23.23
C TYR H 109 -8.33 10.17 -24.15
N TRP H 110 -7.72 8.99 -24.24
CA TRP H 110 -8.21 7.91 -25.07
C TRP H 110 -8.83 6.82 -24.21
N GLY H 111 -9.62 5.97 -24.86
CA GLY H 111 -10.19 4.83 -24.19
C GLY H 111 -9.24 3.64 -24.22
N GLN H 112 -9.71 2.54 -23.65
CA GLN H 112 -8.92 1.31 -23.64
C GLN H 112 -9.01 0.59 -24.99
N GLY H 113 -10.19 0.62 -25.62
CA GLY H 113 -10.39 -0.03 -26.89
C GLY H 113 -11.22 -1.29 -26.71
N THR H 114 -12.07 -1.59 -27.69
CA THR H 114 -12.86 -2.82 -27.67
C THR H 114 -12.68 -3.51 -29.02
N SER H 115 -12.64 -4.84 -28.99
CA SER H 115 -12.43 -5.61 -30.19
C SER H 115 -13.76 -6.01 -30.81
N VAL H 116 -13.86 -5.86 -32.12
CA VAL H 116 -15.06 -6.23 -32.87
C VAL H 116 -14.60 -7.05 -34.06
N THR H 117 -15.12 -8.28 -34.17
CA THR H 117 -14.80 -9.17 -35.27
C THR H 117 -16.04 -9.36 -36.12
N ALA H 118 -15.91 -9.13 -37.43
CA ALA H 118 -17.00 -9.32 -38.37
C ALA H 118 -16.75 -10.64 -39.09
N SER H 119 -17.42 -11.69 -38.62
CA SER H 119 -17.29 -13.01 -39.22
C SER H 119 -18.61 -13.75 -39.10
N SER H 120 -18.92 -14.53 -40.13
CA SER H 120 -20.13 -15.35 -40.12
C SER H 120 -20.03 -16.57 -39.20
N ALA H 121 -18.84 -16.90 -38.71
CA ALA H 121 -18.67 -18.07 -37.86
C ALA H 121 -19.25 -17.82 -36.47
N SER H 122 -19.70 -18.90 -35.83
CA SER H 122 -20.29 -18.82 -34.50
C SER H 122 -19.20 -18.77 -33.42
N THR H 123 -19.60 -18.29 -32.24
CA THR H 123 -18.68 -18.26 -31.10
C THR H 123 -18.47 -19.65 -30.53
N LYS H 124 -17.22 -19.96 -30.18
CA LYS H 124 -16.88 -21.22 -29.55
C LYS H 124 -16.01 -20.97 -28.33
N GLY H 125 -16.35 -21.64 -27.22
CA GLY H 125 -15.58 -21.59 -26.00
C GLY H 125 -14.23 -22.26 -26.12
N PRO H 126 -13.22 -21.73 -25.45
CA PRO H 126 -11.90 -22.35 -25.47
C PRO H 126 -11.82 -23.61 -24.62
N SER H 127 -10.91 -24.50 -25.01
CA SER H 127 -10.56 -25.68 -24.24
C SER H 127 -9.19 -25.45 -23.61
N VAL H 128 -9.12 -25.59 -22.30
CA VAL H 128 -7.92 -25.27 -21.54
C VAL H 128 -7.30 -26.56 -21.03
N PHE H 129 -6.14 -26.92 -21.59
CA PHE H 129 -5.31 -28.07 -21.30
C PHE H 129 -4.04 -27.65 -20.59
N PRO H 130 -3.59 -28.39 -19.57
CA PRO H 130 -2.43 -27.96 -18.79
C PRO H 130 -1.10 -28.40 -19.37
N LEU H 131 -0.13 -27.49 -19.43
CA LEU H 131 1.25 -27.86 -19.77
C LEU H 131 1.95 -28.14 -18.45
N ALA H 132 2.12 -29.43 -18.12
CA ALA H 132 2.57 -29.80 -16.79
C ALA H 132 4.06 -29.51 -16.61
N PRO H 133 4.45 -28.93 -15.48
CA PRO H 133 5.88 -28.75 -15.18
C PRO H 133 6.52 -30.03 -14.68
N SER H 134 7.14 -30.84 -15.54
CA SER H 134 7.77 -32.06 -15.10
C SER H 134 9.30 -31.92 -15.22
N SER H 135 9.99 -33.03 -15.44
CA SER H 135 11.45 -33.00 -15.52
C SER H 135 11.96 -32.30 -16.78
N LYS H 136 11.10 -32.11 -17.79
CA LYS H 136 11.54 -31.43 -19.01
C LYS H 136 11.58 -29.92 -18.86
N SER H 137 10.74 -29.36 -17.98
CA SER H 137 10.78 -27.93 -17.67
C SER H 137 11.57 -27.60 -16.41
N THR H 138 11.83 -28.59 -15.56
CA THR H 138 12.72 -28.43 -14.41
C THR H 138 14.15 -28.39 -14.91
N SER H 139 14.71 -27.19 -15.01
CA SER H 139 16.08 -27.01 -15.52
C SER H 139 16.90 -26.20 -14.51
N GLY H 140 17.63 -26.93 -13.65
CA GLY H 140 18.54 -26.35 -12.67
C GLY H 140 18.04 -25.17 -11.87
N GLY H 141 16.98 -25.37 -11.09
CA GLY H 141 16.45 -24.40 -10.17
C GLY H 141 15.30 -23.56 -10.68
N THR H 142 15.04 -23.59 -11.99
CA THR H 142 13.83 -23.01 -12.55
C THR H 142 12.85 -24.14 -12.87
N ALA H 143 11.68 -23.74 -13.38
CA ALA H 143 10.65 -24.66 -13.81
C ALA H 143 9.63 -23.86 -14.61
N ALA H 144 9.07 -24.48 -15.65
CA ALA H 144 8.14 -23.82 -16.53
C ALA H 144 6.82 -24.59 -16.52
N LEU H 145 5.76 -23.91 -16.12
CA LEU H 145 4.41 -24.44 -16.20
C LEU H 145 3.57 -23.50 -17.05
N GLY H 146 2.44 -24.01 -17.52
CA GLY H 146 1.59 -23.14 -18.31
C GLY H 146 0.28 -23.80 -18.66
N CYS H 147 -0.61 -22.98 -19.22
CA CYS H 147 -1.90 -23.41 -19.72
C CYS H 147 -1.94 -23.18 -21.22
N LEU H 148 -2.64 -24.06 -21.93
CA LEU H 148 -2.82 -23.96 -23.36
C LEU H 148 -4.29 -23.69 -23.64
N VAL H 149 -4.59 -22.50 -24.14
CA VAL H 149 -5.95 -22.09 -24.47
C VAL H 149 -6.12 -22.34 -25.95
N LYS H 150 -6.92 -23.35 -26.29
CA LYS H 150 -7.00 -23.82 -27.66
C LYS H 150 -8.44 -23.82 -28.15
N ASP H 151 -8.61 -23.53 -29.43
CA ASP H 151 -9.88 -23.67 -30.13
C ASP H 151 -10.96 -22.77 -29.50
N TYR H 152 -10.75 -21.47 -29.67
CA TYR H 152 -11.71 -20.47 -29.23
C TYR H 152 -11.99 -19.48 -30.35
N PHE H 153 -13.17 -18.87 -30.30
CA PHE H 153 -13.55 -17.86 -31.27
C PHE H 153 -14.70 -17.04 -30.72
N PRO H 154 -14.69 -15.70 -30.89
CA PRO H 154 -13.55 -14.94 -31.41
C PRO H 154 -12.69 -14.33 -30.31
N GLU H 155 -11.90 -13.32 -30.64
CA GLU H 155 -11.04 -12.67 -29.65
C GLU H 155 -11.84 -11.72 -28.76
N PRO H 156 -11.33 -11.42 -27.56
CA PRO H 156 -10.08 -11.84 -26.94
C PRO H 156 -10.25 -12.93 -25.86
N VAL H 157 -9.12 -13.30 -25.26
CA VAL H 157 -9.09 -14.21 -24.11
C VAL H 157 -8.18 -13.61 -23.05
N THR H 158 -8.64 -13.64 -21.80
CA THR H 158 -7.91 -13.07 -20.69
C THR H 158 -7.45 -14.20 -19.77
N VAL H 159 -6.15 -14.27 -19.53
CA VAL H 159 -5.57 -15.34 -18.71
C VAL H 159 -4.94 -14.73 -17.46
N SER H 160 -5.46 -15.10 -16.30
CA SER H 160 -4.86 -14.76 -15.02
C SER H 160 -4.13 -15.98 -14.45
N TRP H 161 -3.29 -15.72 -13.44
CA TRP H 161 -2.56 -16.76 -12.73
C TRP H 161 -2.71 -16.54 -11.24
N ASN H 162 -3.13 -17.58 -10.52
CA ASN H 162 -3.42 -17.51 -9.08
C ASN H 162 -4.46 -16.43 -8.78
N SER H 163 -5.44 -16.28 -9.66
CA SER H 163 -6.47 -15.25 -9.54
C SER H 163 -5.83 -13.86 -9.45
N GLY H 164 -4.84 -13.61 -10.30
CA GLY H 164 -4.13 -12.36 -10.29
C GLY H 164 -2.91 -12.31 -9.40
N ALA H 165 -2.81 -13.22 -8.42
CA ALA H 165 -1.76 -13.12 -7.40
C ALA H 165 -0.36 -13.25 -8.00
N LEU H 166 -0.16 -14.24 -8.87
CA LEU H 166 1.15 -14.48 -9.47
C LEU H 166 1.28 -13.72 -10.77
N THR H 167 2.25 -12.79 -10.83
CA THR H 167 2.43 -11.97 -12.03
C THR H 167 3.88 -11.91 -12.49
N SER H 168 4.83 -11.96 -11.56
CA SER H 168 6.23 -11.85 -11.93
C SER H 168 6.68 -13.07 -12.73
N GLY H 169 7.27 -12.82 -13.88
CA GLY H 169 7.76 -13.89 -14.74
C GLY H 169 6.70 -14.67 -15.48
N VAL H 170 5.69 -13.98 -16.02
CA VAL H 170 4.61 -14.62 -16.75
C VAL H 170 4.62 -14.11 -18.18
N HIS H 171 4.41 -15.01 -19.14
CA HIS H 171 4.33 -14.66 -20.55
C HIS H 171 3.08 -15.29 -21.15
N THR H 172 2.13 -14.45 -21.55
CA THR H 172 0.94 -14.91 -22.28
C THR H 172 1.13 -14.57 -23.74
N PHE H 173 1.14 -15.58 -24.58
CA PHE H 173 1.54 -15.34 -25.96
C PHE H 173 0.37 -14.81 -26.77
N PRO H 174 0.66 -14.03 -27.82
CA PRO H 174 -0.41 -13.57 -28.71
C PRO H 174 -1.06 -14.74 -29.41
N ALA H 175 -2.35 -14.58 -29.72
CA ALA H 175 -3.08 -15.66 -30.36
C ALA H 175 -2.53 -15.90 -31.76
N VAL H 176 -2.78 -17.11 -32.26
CA VAL H 176 -2.44 -17.45 -33.64
C VAL H 176 -3.71 -17.97 -34.30
N LEU H 177 -3.81 -17.74 -35.61
CA LEU H 177 -4.97 -18.15 -36.38
C LEU H 177 -4.71 -19.57 -36.88
N GLN H 178 -5.37 -20.53 -36.25
CA GLN H 178 -5.16 -21.93 -36.60
C GLN H 178 -5.64 -22.21 -38.02
N SER H 179 -5.23 -23.36 -38.55
CA SER H 179 -5.65 -23.75 -39.89
C SER H 179 -7.16 -23.95 -39.96
N SER H 180 -7.74 -24.48 -38.88
CA SER H 180 -9.18 -24.71 -38.83
C SER H 180 -9.99 -23.42 -38.89
N GLY H 181 -9.40 -22.29 -38.56
CA GLY H 181 -10.10 -21.02 -38.49
C GLY H 181 -10.40 -20.52 -37.10
N LEU H 182 -9.99 -21.25 -36.07
CA LEU H 182 -10.14 -20.80 -34.70
C LEU H 182 -8.82 -20.19 -34.20
N TYR H 183 -8.82 -19.77 -32.94
CA TYR H 183 -7.66 -19.16 -32.32
C TYR H 183 -7.12 -20.08 -31.23
N SER H 184 -5.85 -19.85 -30.89
CA SER H 184 -5.19 -20.61 -29.85
C SER H 184 -4.00 -19.83 -29.36
N LEU H 185 -3.80 -19.84 -28.05
CA LEU H 185 -2.67 -19.17 -27.42
C LEU H 185 -2.30 -19.97 -26.17
N SER H 186 -1.19 -19.58 -25.55
CA SER H 186 -0.76 -20.22 -24.31
C SER H 186 -0.13 -19.18 -23.41
N SER H 187 -0.08 -19.50 -22.12
CA SER H 187 0.52 -18.67 -21.10
C SER H 187 1.45 -19.55 -20.27
N VAL H 188 2.61 -19.02 -19.92
CA VAL H 188 3.62 -19.77 -19.17
C VAL H 188 4.11 -18.93 -18.01
N VAL H 189 4.61 -19.61 -16.98
CA VAL H 189 5.26 -18.99 -15.84
C VAL H 189 6.55 -19.75 -15.54
N THR H 190 7.59 -19.01 -15.17
CA THR H 190 8.85 -19.59 -14.73
C THR H 190 8.97 -19.41 -13.22
N VAL H 191 8.94 -20.53 -12.49
CA VAL H 191 8.90 -20.50 -11.03
C VAL H 191 10.12 -21.26 -10.52
N PRO H 192 10.52 -21.02 -9.27
CA PRO H 192 11.62 -21.82 -8.69
C PRO H 192 11.21 -23.27 -8.57
N SER H 193 12.18 -24.17 -8.78
CA SER H 193 11.88 -25.59 -8.74
C SER H 193 11.47 -26.04 -7.34
N SER H 194 12.02 -25.40 -6.30
CA SER H 194 11.66 -25.76 -4.93
C SER H 194 10.18 -25.59 -4.66
N SER H 195 9.55 -24.60 -5.30
CA SER H 195 8.15 -24.28 -5.03
C SER H 195 7.16 -25.15 -5.79
N LEU H 196 7.63 -26.23 -6.44
CA LEU H 196 6.69 -27.09 -7.14
C LEU H 196 5.94 -28.02 -6.21
N GLY H 197 6.49 -28.28 -5.02
CA GLY H 197 5.84 -29.08 -4.00
C GLY H 197 5.27 -28.28 -2.86
N THR H 198 5.37 -26.94 -2.90
CA THR H 198 4.93 -26.10 -1.80
C THR H 198 4.16 -24.87 -2.29
N GLN H 199 3.61 -24.90 -3.51
CA GLN H 199 2.80 -23.80 -4.00
C GLN H 199 1.89 -24.29 -5.12
N THR H 200 0.63 -23.85 -5.08
CA THR H 200 -0.35 -24.21 -6.08
C THR H 200 -0.41 -23.15 -7.18
N TYR H 201 -0.40 -23.62 -8.44
CA TYR H 201 -0.41 -22.75 -9.62
C TYR H 201 -1.66 -23.03 -10.44
N ILE H 202 -2.64 -22.14 -10.36
CA ILE H 202 -3.88 -22.22 -11.13
C ILE H 202 -3.88 -21.09 -12.15
N CYS H 203 -4.44 -21.36 -13.33
CA CYS H 203 -4.59 -20.34 -14.35
C CYS H 203 -6.08 -20.04 -14.55
N ASN H 204 -6.39 -18.77 -14.77
CA ASN H 204 -7.77 -18.30 -14.87
C ASN H 204 -7.98 -17.80 -16.29
N VAL H 205 -8.82 -18.48 -17.06
CA VAL H 205 -9.05 -18.16 -18.46
C VAL H 205 -10.48 -17.64 -18.61
N ASN H 206 -10.63 -16.47 -19.22
CA ASN H 206 -11.93 -15.83 -19.41
C ASN H 206 -12.13 -15.50 -20.88
N HIS H 207 -13.19 -16.03 -21.47
CA HIS H 207 -13.57 -15.74 -22.85
C HIS H 207 -14.98 -15.16 -22.85
N LYS H 208 -15.08 -13.83 -22.84
CA LYS H 208 -16.38 -13.18 -22.72
C LYS H 208 -17.35 -13.51 -23.86
N PRO H 209 -16.94 -13.56 -25.14
CA PRO H 209 -17.93 -13.81 -26.19
C PRO H 209 -18.70 -15.12 -26.05
N SER H 210 -18.20 -16.06 -25.24
CA SER H 210 -18.92 -17.29 -24.96
C SER H 210 -19.27 -17.46 -23.49
N ASN H 211 -19.01 -16.45 -22.67
CA ASN H 211 -19.29 -16.49 -21.23
C ASN H 211 -18.61 -17.69 -20.56
N THR H 212 -17.45 -18.07 -21.09
CA THR H 212 -16.68 -19.21 -20.61
C THR H 212 -15.61 -18.75 -19.63
N LYS H 213 -15.66 -19.30 -18.41
CA LYS H 213 -14.63 -19.05 -17.40
C LYS H 213 -14.15 -20.38 -16.85
N VAL H 214 -12.90 -20.75 -17.13
CA VAL H 214 -12.32 -22.00 -16.69
C VAL H 214 -11.11 -21.70 -15.81
N ASP H 215 -11.01 -22.39 -14.68
CA ASP H 215 -9.89 -22.28 -13.75
C ASP H 215 -9.28 -23.67 -13.60
N LYS H 216 -8.11 -23.88 -14.20
CA LYS H 216 -7.46 -25.18 -14.20
C LYS H 216 -6.21 -25.15 -13.34
N LYS H 217 -6.11 -26.11 -12.42
CA LYS H 217 -4.90 -26.29 -11.65
C LYS H 217 -3.89 -27.07 -12.49
N VAL H 218 -2.63 -26.63 -12.45
CA VAL H 218 -1.56 -27.25 -13.21
C VAL H 218 -0.69 -28.00 -12.21
N GLU H 219 -0.87 -29.32 -12.14
CA GLU H 219 -0.12 -30.11 -11.16
C GLU H 219 1.03 -30.83 -11.84
N PRO H 220 2.21 -30.84 -11.21
CA PRO H 220 3.39 -31.44 -11.83
C PRO H 220 3.23 -32.94 -12.06
N LYS H 221 4.10 -33.45 -12.93
CA LYS H 221 4.22 -34.88 -13.23
C LYS H 221 5.60 -35.37 -12.81
N SER H 222 5.73 -36.69 -12.74
CA SER H 222 7.00 -37.32 -12.36
C SER H 222 7.47 -38.31 -13.41
C1 NAG I . -11.85 -12.93 51.27
C2 NAG I . -10.68 -13.80 50.82
C3 NAG I . -10.65 -15.10 51.62
C4 NAG I . -10.70 -14.83 53.12
C5 NAG I . -11.89 -13.92 53.43
C6 NAG I . -11.92 -13.49 54.87
C7 NAG I . -9.87 -13.67 48.51
C8 NAG I . -10.11 -14.06 47.08
N2 NAG I . -10.77 -14.09 49.40
O3 NAG I . -9.45 -15.80 51.29
O4 NAG I . -10.89 -16.04 53.83
O5 NAG I . -11.78 -12.73 52.66
O6 NAG I . -10.77 -12.71 55.16
O7 NAG I . -8.90 -12.99 48.85
C1 NAG I . -9.78 -16.36 54.70
C2 NAG I . -10.31 -17.26 55.82
C3 NAG I . -9.17 -17.69 56.74
C4 NAG I . -8.02 -18.29 55.94
C5 NAG I . -7.58 -17.32 54.83
C6 NAG I . -6.51 -17.88 53.92
C7 NAG I . -12.66 -16.80 56.36
C8 NAG I . -13.60 -16.02 57.23
N2 NAG I . -11.36 -16.59 56.57
O3 NAG I . -9.65 -18.65 57.68
O4 NAG I . -6.93 -18.63 56.79
O5 NAG I . -8.71 -17.02 54.00
O6 NAG I . -6.19 -16.98 52.87
O7 NAG I . -13.07 -17.59 55.50
C1 NAG J . -9.70 40.99 -33.60
C2 NAG J . -9.15 39.86 -34.49
C3 NAG J . -8.44 40.43 -35.74
C4 NAG J . -9.33 41.45 -36.44
C5 NAG J . -9.80 42.51 -35.45
C6 NAG J . -10.74 43.52 -36.06
C7 NAG J . -8.41 37.70 -33.56
C8 NAG J . -7.38 37.00 -32.73
N2 NAG J . -8.23 39.02 -33.73
O3 NAG J . -8.16 39.36 -36.64
O4 NAG J . -8.62 42.09 -37.51
O5 NAG J . -10.50 41.87 -34.39
O6 NAG J . -11.88 42.88 -36.62
O7 NAG J . -9.36 37.10 -34.08
C1 NAG J . -9.24 41.83 -38.79
C2 NAG J . -8.88 42.97 -39.77
C3 NAG J . -9.46 42.70 -41.16
C4 NAG J . -9.08 41.30 -41.64
C5 NAG J . -9.46 40.26 -40.60
C6 NAG J . -9.02 38.86 -40.98
C7 NAG J . -8.67 44.99 -38.36
C8 NAG J . -9.31 46.29 -37.97
N2 NAG J . -9.35 44.26 -39.27
O3 NAG J . -9.01 43.67 -42.09
O4 NAG J . -9.71 41.01 -42.88
O5 NAG J . -8.82 40.56 -39.35
O6 NAG J . -9.27 37.93 -39.93
O7 NAG J . -7.60 44.61 -37.89
S SO4 K . -23.59 3.69 37.83
O1 SO4 K . -24.84 4.34 37.45
O2 SO4 K . -23.47 3.72 39.30
O3 SO4 K . -23.51 2.29 37.41
O4 SO4 K . -22.55 4.44 37.11
S SO4 L . -8.23 -5.72 26.75
O1 SO4 L . -9.53 -6.07 26.18
O2 SO4 L . -8.48 -5.36 28.16
O3 SO4 L . -7.76 -4.55 26.02
O4 SO4 L . -7.25 -6.80 26.62
S SO4 M . 1.86 -35.73 38.97
O1 SO4 M . 0.75 -35.31 39.85
O2 SO4 M . 2.97 -34.81 39.24
O3 SO4 M . 1.55 -35.61 37.55
O4 SO4 M . 2.27 -37.10 39.29
S SO4 N . -5.37 22.33 -15.91
O1 SO4 N . -6.27 23.36 -16.44
O2 SO4 N . -6.08 21.54 -14.89
O3 SO4 N . -4.82 21.51 -16.99
O4 SO4 N . -4.27 22.98 -15.21
S SO4 O . -12.53 -18.30 15.54
O1 SO4 O . -13.45 -18.04 16.64
O2 SO4 O . -12.63 -17.19 14.59
O3 SO4 O . -12.81 -19.52 14.79
O4 SO4 O . -11.16 -18.52 16.03
S SO4 P . -11.16 -22.10 51.70
O1 SO4 P . -11.60 -20.74 51.35
O2 SO4 P . -11.14 -22.20 53.16
O3 SO4 P . -9.84 -22.32 51.09
O4 SO4 P . -12.03 -23.16 51.19
S SO4 Q . -27.30 -17.06 8.24
O1 SO4 Q . -26.78 -18.14 9.09
O2 SO4 Q . -27.62 -15.92 9.10
O3 SO4 Q . -28.54 -17.52 7.63
O4 SO4 Q . -26.36 -16.74 7.16
S SO4 R . -25.83 -33.77 7.85
O1 SO4 R . -25.58 -32.33 7.86
O2 SO4 R . -26.52 -34.14 9.10
O3 SO4 R . -24.61 -34.57 7.71
O4 SO4 R . -26.61 -34.05 6.65
S SO4 S . -14.52 -15.58 18.54
O1 SO4 S . -13.87 -16.77 19.09
O2 SO4 S . -15.36 -14.93 19.55
O3 SO4 S . -13.53 -14.64 18.03
O4 SO4 S . -15.31 -15.96 17.36
S SO4 T . -8.17 -34.19 13.55
O1 SO4 T . -9.51 -33.73 13.97
O2 SO4 T . -7.56 -34.73 14.76
O3 SO4 T . -7.43 -33.08 12.95
O4 SO4 T . -8.14 -35.24 12.53
C1 NAG U . -26.76 -5.89 3.59
C2 NAG U . -26.07 -6.11 2.24
C3 NAG U . -26.86 -5.48 1.12
C4 NAG U . -28.32 -5.93 1.16
C5 NAG U . -28.91 -5.71 2.55
C6 NAG U . -30.32 -6.23 2.69
C7 NAG U . -23.64 -6.40 2.36
C8 NAG U . -22.30 -5.72 2.38
N2 NAG U . -24.71 -5.60 2.27
O3 NAG U . -26.27 -5.84 -0.13
O4 NAG U . -29.10 -5.24 0.19
O5 NAG U . -28.11 -6.38 3.53
O6 NAG U . -30.97 -5.69 3.83
O7 NAG U . -23.75 -7.62 2.42
S SO4 V . -2.46 -4.40 26.54
O1 SO4 V . -3.81 -3.88 26.77
O2 SO4 V . -2.25 -5.43 27.56
O3 SO4 V . -2.28 -4.94 25.19
O4 SO4 V . -1.57 -3.25 26.71
S SO4 W . 24.28 15.90 -25.80
O1 SO4 W . 24.03 16.69 -24.59
O2 SO4 W . 22.97 15.58 -26.36
O3 SO4 W . 25.04 14.70 -25.47
O4 SO4 W . 25.01 16.64 -26.84
S SO4 X . -12.95 41.08 -9.11
O1 SO4 X . -13.93 41.83 -9.91
O2 SO4 X . -13.19 41.39 -7.70
O3 SO4 X . -11.66 41.51 -9.66
O4 SO4 X . -13.09 39.63 -9.26
S SO4 Y . -3.36 40.79 -39.30
O1 SO4 Y . -2.31 41.03 -38.31
O2 SO4 Y . -4.66 41.02 -38.66
O3 SO4 Y . -3.19 39.40 -39.78
O4 SO4 Y . -3.17 41.69 -40.43
S SO4 Z . 11.39 19.61 -14.66
O1 SO4 Z . 10.63 18.92 -13.63
O2 SO4 Z . 11.90 20.80 -13.96
O3 SO4 Z . 10.59 20.09 -15.80
O4 SO4 Z . 12.42 18.72 -15.19
C1 NAG AA . 12.59 22.63 7.35
C2 NAG AA . 13.05 21.17 7.57
C3 NAG AA . 13.46 20.95 9.02
C4 NAG AA . 14.44 22.01 9.50
C5 NAG AA . 13.87 23.41 9.22
C6 NAG AA . 14.83 24.53 9.58
C7 NAG AA . 12.16 19.37 6.14
C8 NAG AA . 10.99 18.48 5.86
N2 NAG AA . 12.02 20.24 7.16
O3 NAG AA . 14.09 19.67 9.13
O4 NAG AA . 14.71 21.87 10.89
O5 NAG AA . 13.60 23.53 7.81
O6 NAG AA . 14.13 25.77 9.69
O7 NAG AA . 13.20 19.32 5.48
S SO4 BA . -9.57 18.19 -17.44
O1 SO4 BA . -9.45 19.34 -16.55
O2 SO4 BA . -10.95 17.75 -17.24
O3 SO4 BA . -8.66 17.09 -17.08
O4 SO4 BA . -9.30 18.61 -18.82
#